data_2IN0
# 
_entry.id   2IN0 
# 
_audit_conform.dict_name       mmcif_pdbx.dic 
_audit_conform.dict_version    5.377 
_audit_conform.dict_location   http://mmcif.pdb.org/dictionaries/ascii/mmcif_pdbx.dic 
# 
loop_
_database_2.database_id 
_database_2.database_code 
_database_2.pdbx_database_accession 
_database_2.pdbx_DOI 
PDB   2IN0         pdb_00002in0 10.2210/pdb2in0/pdb 
RCSB  RCSB039768   ?            ?                   
WWPDB D_1000039768 ?            ?                   
# 
loop_
_pdbx_database_related.db_name 
_pdbx_database_related.db_id 
_pdbx_database_related.details 
_pdbx_database_related.content_type 
PDB 2imz . unspecified 
PDB 2in8 . unspecified 
PDB 2in9 . unspecified 
# 
_pdbx_database_status.status_code                     REL 
_pdbx_database_status.entry_id                        2IN0 
_pdbx_database_status.recvd_initial_deposition_date   2006-10-05 
_pdbx_database_status.deposit_site                    RCSB 
_pdbx_database_status.process_site                    RCSB 
_pdbx_database_status.status_code_sf                  REL 
_pdbx_database_status.status_code_mr                  ? 
_pdbx_database_status.SG_entry                        ? 
_pdbx_database_status.pdb_format_compatible           Y 
_pdbx_database_status.status_code_cs                  ? 
_pdbx_database_status.methods_development_category    ? 
_pdbx_database_status.status_code_nmr_data            ? 
# 
_audit_author.name           'Van Roey, P.' 
_audit_author.pdbx_ordinal   1 
# 
_citation.id                        primary 
_citation.title                     
;Crystallographic and mutational studies of Mycobacterium tuberculosis recA mini-inteins suggest a pivotal role for a highly conserved aspartate residue.
;
_citation.journal_abbrev            J.Mol.Biol. 
_citation.journal_volume            367 
_citation.page_first                162 
_citation.page_last                 173 
_citation.year                      2007 
_citation.journal_id_ASTM           JMOBAK 
_citation.country                   UK 
_citation.journal_id_ISSN           0022-2836 
_citation.journal_id_CSD            0070 
_citation.book_publisher            ? 
_citation.pdbx_database_id_PubMed   17254599 
_citation.pdbx_database_id_DOI      10.1016/j.jmb.2006.12.050 
# 
loop_
_citation_author.citation_id 
_citation_author.name 
_citation_author.ordinal 
_citation_author.identifier_ORCID 
primary 'Van Roey, P.'   1 ? 
primary 'Pereira, B.'    2 ? 
primary 'Li, Z.'         3 ? 
primary 'Hiraga, K.'     4 ? 
primary 'Belfort, M.'    5 ? 
primary 'Derbyshire, V.' 6 ? 
# 
_cell.entry_id           2IN0 
_cell.length_a           36.840 
_cell.length_b           47.460 
_cell.length_c           64.630 
_cell.angle_alpha        90.00 
_cell.angle_beta         90.00 
_cell.angle_gamma        90.00 
_cell.Z_PDB              4 
_cell.pdbx_unique_axis   ? 
_cell.length_a_esd       ? 
_cell.length_b_esd       ? 
_cell.length_c_esd       ? 
_cell.angle_alpha_esd    ? 
_cell.angle_beta_esd     ? 
_cell.angle_gamma_esd    ? 
# 
_symmetry.entry_id                         2IN0 
_symmetry.space_group_name_H-M             'P 21 21 21' 
_symmetry.pdbx_full_space_group_name_H-M   ? 
_symmetry.cell_setting                     ? 
_symmetry.Int_Tables_number                19 
_symmetry.space_group_name_Hall            ? 
# 
loop_
_entity.id 
_entity.type 
_entity.src_method 
_entity.pdbx_description 
_entity.formula_weight 
_entity.pdbx_number_of_molecules 
_entity.pdbx_ec 
_entity.pdbx_mutation 
_entity.pdbx_fragment 
_entity.details 
1 polymer man 'Endonuclease PI-MtuI' 15423.512 1   3.1.-.- 'delta 103-403,Q95V,P96R,R97D,R98V,F99E,D100T,F102E,V67L' 
'splcing domain' ? 
2 water   nat water                  18.015    112 ?       ?                                                         ? ? 
# 
_entity_poly.entity_id                      1 
_entity_poly.type                           'polypeptide(L)' 
_entity_poly.nstd_linkage                   no 
_entity_poly.nstd_monomer                   no 
_entity_poly.pdbx_seq_one_letter_code       
;CLAEGTRIFDPVTGTTHRIEDVVDGRKPIHVVAAAKDGTLHARPVVSWFDQGTRDVIGLRIAGGAILWATPDHKVLTEYG
WRAAGELRKGDRVAVRDVETGELRYSVIREVLPTRRARTFDLEVEELHTLVAEGVVVHN
;
_entity_poly.pdbx_seq_one_letter_code_can   
;CLAEGTRIFDPVTGTTHRIEDVVDGRKPIHVVAAAKDGTLHARPVVSWFDQGTRDVIGLRIAGGAILWATPDHKVLTEYG
WRAAGELRKGDRVAVRDVETGELRYSVIREVLPTRRARTFDLEVEELHTLVAEGVVVHN
;
_entity_poly.pdbx_strand_id                 A 
_entity_poly.pdbx_target_identifier         ? 
# 
loop_
_entity_poly_seq.entity_id 
_entity_poly_seq.num 
_entity_poly_seq.mon_id 
_entity_poly_seq.hetero 
1 1   CYS n 
1 2   LEU n 
1 3   ALA n 
1 4   GLU n 
1 5   GLY n 
1 6   THR n 
1 7   ARG n 
1 8   ILE n 
1 9   PHE n 
1 10  ASP n 
1 11  PRO n 
1 12  VAL n 
1 13  THR n 
1 14  GLY n 
1 15  THR n 
1 16  THR n 
1 17  HIS n 
1 18  ARG n 
1 19  ILE n 
1 20  GLU n 
1 21  ASP n 
1 22  VAL n 
1 23  VAL n 
1 24  ASP n 
1 25  GLY n 
1 26  ARG n 
1 27  LYS n 
1 28  PRO n 
1 29  ILE n 
1 30  HIS n 
1 31  VAL n 
1 32  VAL n 
1 33  ALA n 
1 34  ALA n 
1 35  ALA n 
1 36  LYS n 
1 37  ASP n 
1 38  GLY n 
1 39  THR n 
1 40  LEU n 
1 41  HIS n 
1 42  ALA n 
1 43  ARG n 
1 44  PRO n 
1 45  VAL n 
1 46  VAL n 
1 47  SER n 
1 48  TRP n 
1 49  PHE n 
1 50  ASP n 
1 51  GLN n 
1 52  GLY n 
1 53  THR n 
1 54  ARG n 
1 55  ASP n 
1 56  VAL n 
1 57  ILE n 
1 58  GLY n 
1 59  LEU n 
1 60  ARG n 
1 61  ILE n 
1 62  ALA n 
1 63  GLY n 
1 64  GLY n 
1 65  ALA n 
1 66  ILE n 
1 67  LEU n 
1 68  TRP n 
1 69  ALA n 
1 70  THR n 
1 71  PRO n 
1 72  ASP n 
1 73  HIS n 
1 74  LYS n 
1 75  VAL n 
1 76  LEU n 
1 77  THR n 
1 78  GLU n 
1 79  TYR n 
1 80  GLY n 
1 81  TRP n 
1 82  ARG n 
1 83  ALA n 
1 84  ALA n 
1 85  GLY n 
1 86  GLU n 
1 87  LEU n 
1 88  ARG n 
1 89  LYS n 
1 90  GLY n 
1 91  ASP n 
1 92  ARG n 
1 93  VAL n 
1 94  ALA n 
1 95  VAL n 
1 96  ARG n 
1 97  ASP n 
1 98  VAL n 
1 99  GLU n 
1 100 THR n 
1 101 GLY n 
1 102 GLU n 
1 103 LEU n 
1 104 ARG n 
1 105 TYR n 
1 106 SER n 
1 107 VAL n 
1 108 ILE n 
1 109 ARG n 
1 110 GLU n 
1 111 VAL n 
1 112 LEU n 
1 113 PRO n 
1 114 THR n 
1 115 ARG n 
1 116 ARG n 
1 117 ALA n 
1 118 ARG n 
1 119 THR n 
1 120 PHE n 
1 121 ASP n 
1 122 LEU n 
1 123 GLU n 
1 124 VAL n 
1 125 GLU n 
1 126 GLU n 
1 127 LEU n 
1 128 HIS n 
1 129 THR n 
1 130 LEU n 
1 131 VAL n 
1 132 ALA n 
1 133 GLU n 
1 134 GLY n 
1 135 VAL n 
1 136 VAL n 
1 137 VAL n 
1 138 HIS n 
1 139 ASN n 
# 
loop_
_entity_src_gen.entity_id 
_entity_src_gen.pdbx_src_id 
_entity_src_gen.pdbx_alt_source_flag 
_entity_src_gen.pdbx_seq_type 
_entity_src_gen.pdbx_beg_seq_num 
_entity_src_gen.pdbx_end_seq_num 
_entity_src_gen.gene_src_common_name 
_entity_src_gen.gene_src_genus 
_entity_src_gen.pdbx_gene_src_gene 
_entity_src_gen.gene_src_species 
_entity_src_gen.gene_src_strain 
_entity_src_gen.gene_src_tissue 
_entity_src_gen.gene_src_tissue_fraction 
_entity_src_gen.gene_src_details 
_entity_src_gen.pdbx_gene_src_fragment 
_entity_src_gen.pdbx_gene_src_scientific_name 
_entity_src_gen.pdbx_gene_src_ncbi_taxonomy_id 
_entity_src_gen.pdbx_gene_src_variant 
_entity_src_gen.pdbx_gene_src_cell_line 
_entity_src_gen.pdbx_gene_src_atcc 
_entity_src_gen.pdbx_gene_src_organ 
_entity_src_gen.pdbx_gene_src_organelle 
_entity_src_gen.pdbx_gene_src_cell 
_entity_src_gen.pdbx_gene_src_cellular_location 
_entity_src_gen.host_org_common_name 
_entity_src_gen.pdbx_host_org_scientific_name 
_entity_src_gen.pdbx_host_org_ncbi_taxonomy_id 
_entity_src_gen.host_org_genus 
_entity_src_gen.pdbx_host_org_gene 
_entity_src_gen.pdbx_host_org_organ 
_entity_src_gen.host_org_species 
_entity_src_gen.pdbx_host_org_tissue 
_entity_src_gen.pdbx_host_org_tissue_fraction 
_entity_src_gen.pdbx_host_org_strain 
_entity_src_gen.pdbx_host_org_variant 
_entity_src_gen.pdbx_host_org_cell_line 
_entity_src_gen.pdbx_host_org_atcc 
_entity_src_gen.pdbx_host_org_culture_collection 
_entity_src_gen.pdbx_host_org_cell 
_entity_src_gen.pdbx_host_org_organelle 
_entity_src_gen.pdbx_host_org_cellular_location 
_entity_src_gen.pdbx_host_org_vector_type 
_entity_src_gen.pdbx_host_org_vector 
_entity_src_gen.host_org_details 
_entity_src_gen.expression_system_id 
_entity_src_gen.plasmid_name 
_entity_src_gen.plasmid_details 
_entity_src_gen.pdbx_description 
1 1 sample ? 1   102 ? Mycobacterium recA ? ? ? ? ? ? 'Mycobacterium tuberculosis' 1773 ? ? ? ? ? ? ? ? 'Escherichia coli' 562 
Escherichia ? ? ? ? ? JM101 ? ? ? ? ? ? ? plasmid pX ? ? ? ? ? 
1 2 sample ? 103 139 ? Mycobacterium recA ? ? ? ? ? ? 'Mycobacterium tuberculosis' 1773 ? ? ? ? ? ? ? ? 'Escherichia coli' 562 
Escherichia ? ? ? ? ? JM101 ? ? ? ? ? ? ? plasmid pX ? ? ? ? ? 
# 
loop_
_struct_ref.id 
_struct_ref.db_name 
_struct_ref.db_code 
_struct_ref.pdbx_db_accession 
_struct_ref.entity_id 
_struct_ref.pdbx_seq_one_letter_code 
_struct_ref.pdbx_align_begin 
_struct_ref.pdbx_db_isoform 
1 UNP RECA_MYCTU P0A5U4 1 
;CLAEGTRIFDPVTGTTHRIEDVVDGRKPIHVVAAAKDGTLHARPVVSWFDQGTRDVIGLRIAGGAIVWATPDHKVLTEYG
WRAAGELRKGDRVAQPRRFDGF
;
252 ? 
2 UNP RECA_MYCTU P0A5U4 1 LRYSVIREVLPTRRARTFDLEVEELHTLVAEGVVVHN 655 ? 
# 
loop_
_struct_ref_seq.align_id 
_struct_ref_seq.ref_id 
_struct_ref_seq.pdbx_PDB_id_code 
_struct_ref_seq.pdbx_strand_id 
_struct_ref_seq.seq_align_beg 
_struct_ref_seq.pdbx_seq_align_beg_ins_code 
_struct_ref_seq.seq_align_end 
_struct_ref_seq.pdbx_seq_align_end_ins_code 
_struct_ref_seq.pdbx_db_accession 
_struct_ref_seq.db_align_beg 
_struct_ref_seq.pdbx_db_align_beg_ins_code 
_struct_ref_seq.db_align_end 
_struct_ref_seq.pdbx_db_align_end_ins_code 
_struct_ref_seq.pdbx_auth_seq_align_beg 
_struct_ref_seq.pdbx_auth_seq_align_end 
1 1 2IN0 A 1   ? 102 ? P0A5U4 252 ? 353 ? 1   102 
2 2 2IN0 A 103 ? 139 ? P0A5U4 655 ? 691 ? 404 440 
# 
loop_
_struct_ref_seq_dif.align_id 
_struct_ref_seq_dif.pdbx_pdb_id_code 
_struct_ref_seq_dif.mon_id 
_struct_ref_seq_dif.pdbx_pdb_strand_id 
_struct_ref_seq_dif.seq_num 
_struct_ref_seq_dif.pdbx_pdb_ins_code 
_struct_ref_seq_dif.pdbx_seq_db_name 
_struct_ref_seq_dif.pdbx_seq_db_accession_code 
_struct_ref_seq_dif.db_mon_id 
_struct_ref_seq_dif.pdbx_seq_db_seq_num 
_struct_ref_seq_dif.details 
_struct_ref_seq_dif.pdbx_auth_seq_num 
_struct_ref_seq_dif.pdbx_ordinal 
1 2IN0 LEU A 67  ? UNP P0A5U4 VAL 318 'engineered mutation' 67  1 
1 2IN0 VAL A 95  ? UNP P0A5U4 GLN 346 'engineered mutation' 95  2 
1 2IN0 ARG A 96  ? UNP P0A5U4 PRO 347 'engineered mutation' 96  3 
1 2IN0 ASP A 97  ? UNP P0A5U4 ARG 348 'engineered mutation' 97  4 
1 2IN0 VAL A 98  ? UNP P0A5U4 ARG 349 'engineered mutation' 98  5 
1 2IN0 GLU A 99  ? UNP P0A5U4 PHE 350 'engineered mutation' 99  6 
1 2IN0 THR A 100 ? UNP P0A5U4 ASP 351 'engineered mutation' 100 7 
1 2IN0 GLU A 102 ? UNP P0A5U4 PHE 353 'engineered mutation' 102 8 
# 
loop_
_chem_comp.id 
_chem_comp.type 
_chem_comp.mon_nstd_flag 
_chem_comp.name 
_chem_comp.pdbx_synonyms 
_chem_comp.formula 
_chem_comp.formula_weight 
ALA 'L-peptide linking' y ALANINE         ? 'C3 H7 N O2'     89.093  
ARG 'L-peptide linking' y ARGININE        ? 'C6 H15 N4 O2 1' 175.209 
ASN 'L-peptide linking' y ASPARAGINE      ? 'C4 H8 N2 O3'    132.118 
ASP 'L-peptide linking' y 'ASPARTIC ACID' ? 'C4 H7 N O4'     133.103 
CYS 'L-peptide linking' y CYSTEINE        ? 'C3 H7 N O2 S'   121.158 
GLN 'L-peptide linking' y GLUTAMINE       ? 'C5 H10 N2 O3'   146.144 
GLU 'L-peptide linking' y 'GLUTAMIC ACID' ? 'C5 H9 N O4'     147.129 
GLY 'peptide linking'   y GLYCINE         ? 'C2 H5 N O2'     75.067  
HIS 'L-peptide linking' y HISTIDINE       ? 'C6 H10 N3 O2 1' 156.162 
HOH non-polymer         . WATER           ? 'H2 O'           18.015  
ILE 'L-peptide linking' y ISOLEUCINE      ? 'C6 H13 N O2'    131.173 
LEU 'L-peptide linking' y LEUCINE         ? 'C6 H13 N O2'    131.173 
LYS 'L-peptide linking' y LYSINE          ? 'C6 H15 N2 O2 1' 147.195 
PHE 'L-peptide linking' y PHENYLALANINE   ? 'C9 H11 N O2'    165.189 
PRO 'L-peptide linking' y PROLINE         ? 'C5 H9 N O2'     115.130 
SER 'L-peptide linking' y SERINE          ? 'C3 H7 N O3'     105.093 
THR 'L-peptide linking' y THREONINE       ? 'C4 H9 N O3'     119.119 
TRP 'L-peptide linking' y TRYPTOPHAN      ? 'C11 H12 N2 O2'  204.225 
TYR 'L-peptide linking' y TYROSINE        ? 'C9 H11 N O3'    181.189 
VAL 'L-peptide linking' y VALINE          ? 'C5 H11 N O2'    117.146 
# 
_exptl.entry_id          2IN0 
_exptl.method            'X-RAY DIFFRACTION' 
_exptl.crystals_number   1 
# 
_exptl_crystal.id                    1 
_exptl_crystal.density_meas          ? 
_exptl_crystal.density_Matthews      1.83 
_exptl_crystal.density_percent_sol   32.82 
_exptl_crystal.description           ? 
_exptl_crystal.F_000                 ? 
_exptl_crystal.preparation           ? 
# 
_exptl_crystal_grow.crystal_id      1 
_exptl_crystal_grow.method          ? 
_exptl_crystal_grow.temp            ? 
_exptl_crystal_grow.temp_details    ? 
_exptl_crystal_grow.pH              ? 
_exptl_crystal_grow.pdbx_details    '6-8% PEG8000, 0.1M Tris.HCl pH 8.5, 5% PEG400' 
_exptl_crystal_grow.pdbx_pH_range   . 
# 
_diffrn.id                     1 
_diffrn.ambient_temp           100 
_diffrn.ambient_temp_details   ? 
_diffrn.crystal_id             1 
# 
_diffrn_detector.diffrn_id              1 
_diffrn_detector.detector               'IMAGE PLATE' 
_diffrn_detector.type                   'RIGAKU RAXIS IV' 
_diffrn_detector.pdbx_collection_date   2005-01-01 
_diffrn_detector.details                ? 
# 
_diffrn_radiation.diffrn_id                        1 
_diffrn_radiation.wavelength_id                    1 
_diffrn_radiation.pdbx_monochromatic_or_laue_m_l   M 
_diffrn_radiation.monochromator                    'osmic mirrors' 
_diffrn_radiation.pdbx_diffrn_protocol             'SINGLE WAVELENGTH' 
_diffrn_radiation.pdbx_scattering_type             x-ray 
# 
_diffrn_radiation_wavelength.id           1 
_diffrn_radiation_wavelength.wavelength   1.5418 
_diffrn_radiation_wavelength.wt           1.0 
# 
_diffrn_source.diffrn_id                   1 
_diffrn_source.source                      'ROTATING ANODE' 
_diffrn_source.type                        OTHER 
_diffrn_source.pdbx_synchrotron_site       ? 
_diffrn_source.pdbx_synchrotron_beamline   ? 
_diffrn_source.pdbx_wavelength             ? 
_diffrn_source.pdbx_wavelength_list        1.5418 
# 
_reflns.entry_id                     2IN0 
_reflns.observed_criterion_sigma_I   0 
_reflns.observed_criterion_sigma_F   0 
_reflns.d_resolution_low             29. 
_reflns.d_resolution_high            1.6 
_reflns.number_obs                   15495 
_reflns.number_all                   15495 
_reflns.percent_possible_obs         99.1 
_reflns.pdbx_Rmerge_I_obs            0.087 
_reflns.pdbx_Rsym_value              ? 
_reflns.pdbx_netI_over_sigmaI        7.1 
_reflns.B_iso_Wilson_estimate        27.1 
_reflns.pdbx_redundancy              4.1 
_reflns.R_free_details               ? 
_reflns.limit_h_max                  ? 
_reflns.limit_h_min                  ? 
_reflns.limit_k_max                  ? 
_reflns.limit_k_min                  ? 
_reflns.limit_l_max                  ? 
_reflns.limit_l_min                  ? 
_reflns.observed_criterion_F_max     ? 
_reflns.observed_criterion_F_min     ? 
_reflns.pdbx_chi_squared             ? 
_reflns.pdbx_scaling_rejects         ? 
_reflns.pdbx_diffrn_id               1 
_reflns.pdbx_ordinal                 1 
# 
_reflns_shell.d_res_high             1.6 
_reflns_shell.d_res_low              1.65 
_reflns_shell.percent_possible_all   92.5 
_reflns_shell.Rmerge_I_obs           0.489 
_reflns_shell.pdbx_Rsym_value        ? 
_reflns_shell.meanI_over_sigI_obs    2.1 
_reflns_shell.pdbx_redundancy        3.4 
_reflns_shell.percent_possible_obs   ? 
_reflns_shell.number_unique_all      ? 
_reflns_shell.number_measured_all    ? 
_reflns_shell.number_measured_obs    ? 
_reflns_shell.number_unique_obs      ? 
_reflns_shell.pdbx_chi_squared       ? 
_reflns_shell.pdbx_diffrn_id         ? 
_reflns_shell.pdbx_ordinal           1 
# 
_refine.entry_id                                 2IN0 
_refine.ls_number_reflns_obs                     15439 
_refine.ls_number_reflns_all                     ? 
_refine.pdbx_ls_sigma_I                          ? 
_refine.pdbx_ls_sigma_F                          0.0 
_refine.pdbx_data_cutoff_high_absF               870647.45 
_refine.pdbx_data_cutoff_low_absF                0.000000 
_refine.pdbx_data_cutoff_high_rms_absF           ? 
_refine.ls_d_res_low                             29.10 
_refine.ls_d_res_high                            1.60 
_refine.ls_percent_reflns_obs                    99.3 
_refine.ls_R_factor_obs                          0.245 
_refine.ls_R_factor_all                          ? 
_refine.ls_R_factor_R_work                       0.245 
_refine.ls_R_factor_R_free                       0.275 
_refine.ls_R_factor_R_free_error                 0.007 
_refine.ls_R_factor_R_free_error_details         ? 
_refine.ls_percent_reflns_R_free                 10.1 
_refine.ls_number_reflns_R_free                  1554 
_refine.ls_number_parameters                     ? 
_refine.ls_number_restraints                     ? 
_refine.occupancy_min                            ? 
_refine.occupancy_max                            ? 
_refine.correlation_coeff_Fo_to_Fc               ? 
_refine.correlation_coeff_Fo_to_Fc_free          ? 
_refine.B_iso_mean                               24.5 
_refine.aniso_B[1][1]                            -3.54 
_refine.aniso_B[2][2]                            9.34 
_refine.aniso_B[3][3]                            -5.80 
_refine.aniso_B[1][2]                            0.00 
_refine.aniso_B[1][3]                            0.00 
_refine.aniso_B[2][3]                            0.00 
_refine.solvent_model_details                    'FLAT MODEL' 
_refine.solvent_model_param_ksol                 0.368155 
_refine.solvent_model_param_bsol                 47.9022 
_refine.pdbx_solvent_vdw_probe_radii             ? 
_refine.pdbx_solvent_ion_probe_radii             ? 
_refine.pdbx_solvent_shrinkage_radii             ? 
_refine.pdbx_ls_cross_valid_method               THROUGHOUT 
_refine.details                                  ? 
_refine.pdbx_starting_model                      'PDB entry 2IMZ' 
_refine.pdbx_method_to_determine_struct          'MOLECULAR REPLACEMENT' 
_refine.pdbx_isotropic_thermal_model             RESTRAINED 
_refine.pdbx_stereochemistry_target_values       ? 
_refine.pdbx_stereochem_target_val_spec_case     ? 
_refine.pdbx_R_Free_selection_details            RANDOM 
_refine.pdbx_overall_ESU_R                       ? 
_refine.pdbx_overall_ESU_R_Free                  ? 
_refine.overall_SU_ML                            ? 
_refine.overall_SU_B                             ? 
_refine.ls_redundancy_reflns_obs                 ? 
_refine.B_iso_min                                ? 
_refine.B_iso_max                                ? 
_refine.overall_SU_R_Cruickshank_DPI             ? 
_refine.overall_SU_R_free                        ? 
_refine.ls_wR_factor_R_free                      ? 
_refine.ls_wR_factor_R_work                      ? 
_refine.overall_FOM_free_R_set                   ? 
_refine.overall_FOM_work_R_set                   ? 
_refine.pdbx_refine_id                           'X-RAY DIFFRACTION' 
_refine.pdbx_diffrn_id                           1 
_refine.pdbx_TLS_residual_ADP_flag               ? 
_refine.pdbx_overall_phase_error                 ? 
_refine.pdbx_overall_SU_R_free_Cruickshank_DPI   ? 
_refine.pdbx_overall_SU_R_Blow_DPI               ? 
_refine.pdbx_overall_SU_R_free_Blow_DPI          ? 
# 
_refine_analyze.entry_id                        2IN0 
_refine_analyze.Luzzati_coordinate_error_obs    0.28 
_refine_analyze.Luzzati_sigma_a_obs             0.54 
_refine_analyze.Luzzati_d_res_low_obs           5.00 
_refine_analyze.Luzzati_coordinate_error_free   0.33 
_refine_analyze.Luzzati_sigma_a_free            0.60 
_refine_analyze.Luzzati_d_res_low_free          ? 
_refine_analyze.number_disordered_residues      ? 
_refine_analyze.occupancy_sum_hydrogen          ? 
_refine_analyze.occupancy_sum_non_hydrogen      ? 
_refine_analyze.pdbx_Luzzati_d_res_high_obs     ? 
_refine_analyze.pdbx_refine_id                  'X-RAY DIFFRACTION' 
# 
_refine_hist.pdbx_refine_id                   'X-RAY DIFFRACTION' 
_refine_hist.cycle_id                         LAST 
_refine_hist.pdbx_number_atoms_protein        1088 
_refine_hist.pdbx_number_atoms_nucleic_acid   0 
_refine_hist.pdbx_number_atoms_ligand         0 
_refine_hist.number_atoms_solvent             112 
_refine_hist.number_atoms_total               1200 
_refine_hist.d_res_high                       1.60 
_refine_hist.d_res_low                        29.10 
# 
loop_
_refine_ls_restr.type 
_refine_ls_restr.dev_ideal 
_refine_ls_restr.dev_ideal_target 
_refine_ls_restr.weight 
_refine_ls_restr.number 
_refine_ls_restr.pdbx_refine_id 
_refine_ls_restr.pdbx_restraint_function 
c_bond_d                0.005 ?    ? ? 'X-RAY DIFFRACTION' ? 
c_bond_d_na             ?     ?    ? ? 'X-RAY DIFFRACTION' ? 
c_bond_d_prot           ?     ?    ? ? 'X-RAY DIFFRACTION' ? 
c_angle_d               ?     ?    ? ? 'X-RAY DIFFRACTION' ? 
c_angle_d_na            ?     ?    ? ? 'X-RAY DIFFRACTION' ? 
c_angle_d_prot          ?     ?    ? ? 'X-RAY DIFFRACTION' ? 
c_angle_deg             1.3   ?    ? ? 'X-RAY DIFFRACTION' ? 
c_angle_deg_na          ?     ?    ? ? 'X-RAY DIFFRACTION' ? 
c_angle_deg_prot        ?     ?    ? ? 'X-RAY DIFFRACTION' ? 
c_dihedral_angle_d      25.0  ?    ? ? 'X-RAY DIFFRACTION' ? 
c_dihedral_angle_d_na   ?     ?    ? ? 'X-RAY DIFFRACTION' ? 
c_dihedral_angle_d_prot ?     ?    ? ? 'X-RAY DIFFRACTION' ? 
c_improper_angle_d      0.69  ?    ? ? 'X-RAY DIFFRACTION' ? 
c_improper_angle_d_na   ?     ?    ? ? 'X-RAY DIFFRACTION' ? 
c_improper_angle_d_prot ?     ?    ? ? 'X-RAY DIFFRACTION' ? 
c_mcbond_it             1.29  1.50 ? ? 'X-RAY DIFFRACTION' ? 
c_mcangle_it            1.99  2.00 ? ? 'X-RAY DIFFRACTION' ? 
c_scbond_it             1.93  2.00 ? ? 'X-RAY DIFFRACTION' ? 
c_scangle_it            2.85  2.50 ? ? 'X-RAY DIFFRACTION' ? 
# 
_refine_ls_shell.pdbx_total_number_of_bins_used   6 
_refine_ls_shell.d_res_high                       1.60 
_refine_ls_shell.d_res_low                        1.70 
_refine_ls_shell.number_reflns_R_work             2236 
_refine_ls_shell.R_factor_R_work                  0.463 
_refine_ls_shell.percent_reflns_obs               97.4 
_refine_ls_shell.R_factor_R_free                  0.485 
_refine_ls_shell.R_factor_R_free_error            0.031 
_refine_ls_shell.percent_reflns_R_free            9.8 
_refine_ls_shell.number_reflns_R_free             243 
_refine_ls_shell.number_reflns_all                ? 
_refine_ls_shell.R_factor_all                     ? 
_refine_ls_shell.number_reflns_obs                ? 
_refine_ls_shell.redundancy_reflns_obs            ? 
_refine_ls_shell.pdbx_refine_id                   'X-RAY DIFFRACTION' 
# 
loop_
_pdbx_xplor_file.serial_no 
_pdbx_xplor_file.param_file 
_pdbx_xplor_file.topol_file 
_pdbx_xplor_file.pdbx_refine_id 
1 protein_rep.param protein.top 'X-RAY DIFFRACTION' 
2 water_rep.param   water.top   'X-RAY DIFFRACTION' 
3 ion.param         ion.top     'X-RAY DIFFRACTION' 
# 
_struct.entry_id                  2IN0 
_struct.title                     'crystal structure of Mtu recA intein splicing domain' 
_struct.pdbx_model_details        ? 
_struct.pdbx_CASP_flag            ? 
_struct.pdbx_model_type_details   ? 
# 
_struct_keywords.entry_id        2IN0 
_struct_keywords.pdbx_keywords   HYDROLASE 
_struct_keywords.text            HYDROLASE 
# 
loop_
_struct_asym.id 
_struct_asym.pdbx_blank_PDB_chainid_flag 
_struct_asym.pdbx_modified 
_struct_asym.entity_id 
_struct_asym.details 
A N N 1 ? 
B N N 2 ? 
# 
loop_
_struct_conf.conf_type_id 
_struct_conf.id 
_struct_conf.pdbx_PDB_helix_id 
_struct_conf.beg_label_comp_id 
_struct_conf.beg_label_asym_id 
_struct_conf.beg_label_seq_id 
_struct_conf.pdbx_beg_PDB_ins_code 
_struct_conf.end_label_comp_id 
_struct_conf.end_label_asym_id 
_struct_conf.end_label_seq_id 
_struct_conf.pdbx_end_PDB_ins_code 
_struct_conf.beg_auth_comp_id 
_struct_conf.beg_auth_asym_id 
_struct_conf.beg_auth_seq_id 
_struct_conf.end_auth_comp_id 
_struct_conf.end_auth_asym_id 
_struct_conf.end_auth_seq_id 
_struct_conf.pdbx_PDB_helix_class 
_struct_conf.details 
_struct_conf.pdbx_PDB_helix_length 
HELX_P HELX_P1 1 ILE A 19 ? GLY A 25 ? ILE A 19 GLY A 25 1 ? 7 
HELX_P HELX_P2 2 GLY A 85 ? LEU A 87 ? GLY A 85 LEU A 87 5 ? 3 
# 
_struct_conf_type.id          HELX_P 
_struct_conf_type.criteria    ? 
_struct_conf_type.reference   ? 
# 
loop_
_struct_sheet.id 
_struct_sheet.type 
_struct_sheet.number_strands 
_struct_sheet.details 
A ? 6 ? 
B ? 4 ? 
C ? 2 ? 
D ? 2 ? 
E ? 2 ? 
# 
loop_
_struct_sheet_order.sheet_id 
_struct_sheet_order.range_id_1 
_struct_sheet_order.range_id_2 
_struct_sheet_order.offset 
_struct_sheet_order.sense 
A 1 2 ? anti-parallel 
A 2 3 ? anti-parallel 
A 3 4 ? anti-parallel 
A 4 5 ? anti-parallel 
A 5 6 ? anti-parallel 
B 1 2 ? anti-parallel 
B 2 3 ? anti-parallel 
B 3 4 ? anti-parallel 
C 1 2 ? anti-parallel 
D 1 2 ? anti-parallel 
E 1 2 ? anti-parallel 
# 
loop_
_struct_sheet_range.sheet_id 
_struct_sheet_range.id 
_struct_sheet_range.beg_label_comp_id 
_struct_sheet_range.beg_label_asym_id 
_struct_sheet_range.beg_label_seq_id 
_struct_sheet_range.pdbx_beg_PDB_ins_code 
_struct_sheet_range.end_label_comp_id 
_struct_sheet_range.end_label_asym_id 
_struct_sheet_range.end_label_seq_id 
_struct_sheet_range.pdbx_end_PDB_ins_code 
_struct_sheet_range.beg_auth_comp_id 
_struct_sheet_range.beg_auth_asym_id 
_struct_sheet_range.beg_auth_seq_id 
_struct_sheet_range.end_auth_comp_id 
_struct_sheet_range.end_auth_asym_id 
_struct_sheet_range.end_auth_seq_id 
A 1 HIS A 30  ? ALA A 34  ? HIS A 30  ALA A 34  
A 2 LEU A 40  ? ILE A 61  ? LEU A 40  ILE A 61  
A 3 ILE A 66  ? ALA A 69  ? ILE A 66  ALA A 69  
A 4 LEU A 2   ? ALA A 3   ? LEU A 2   ALA A 3   
A 5 LEU A 103 ? VAL A 124 ? LEU A 404 VAL A 425 
A 6 ARG A 92  ? ARG A 96  ? ARG A 92  ARG A 96  
B 1 HIS A 30  ? ALA A 34  ? HIS A 30  ALA A 34  
B 2 LEU A 40  ? ILE A 61  ? LEU A 40  ILE A 61  
B 3 LEU A 103 ? VAL A 124 ? LEU A 404 VAL A 425 
B 4 ARG A 92  ? ARG A 96  ? ARG A 92  ARG A 96  
C 1 ARG A 7   ? PHE A 9   ? ARG A 7   PHE A 9   
C 2 THR A 16  ? ARG A 18  ? THR A 16  ARG A 18  
D 1 LYS A 74  ? THR A 77  ? LYS A 74  THR A 77  
D 2 GLY A 80  ? ALA A 83  ? GLY A 80  ALA A 83  
E 1 THR A 129 ? ALA A 132 ? THR A 430 ALA A 433 
E 2 VAL A 135 ? HIS A 138 ? VAL A 436 HIS A 439 
# 
loop_
_pdbx_struct_sheet_hbond.sheet_id 
_pdbx_struct_sheet_hbond.range_id_1 
_pdbx_struct_sheet_hbond.range_id_2 
_pdbx_struct_sheet_hbond.range_1_label_atom_id 
_pdbx_struct_sheet_hbond.range_1_label_comp_id 
_pdbx_struct_sheet_hbond.range_1_label_asym_id 
_pdbx_struct_sheet_hbond.range_1_label_seq_id 
_pdbx_struct_sheet_hbond.range_1_PDB_ins_code 
_pdbx_struct_sheet_hbond.range_1_auth_atom_id 
_pdbx_struct_sheet_hbond.range_1_auth_comp_id 
_pdbx_struct_sheet_hbond.range_1_auth_asym_id 
_pdbx_struct_sheet_hbond.range_1_auth_seq_id 
_pdbx_struct_sheet_hbond.range_2_label_atom_id 
_pdbx_struct_sheet_hbond.range_2_label_comp_id 
_pdbx_struct_sheet_hbond.range_2_label_asym_id 
_pdbx_struct_sheet_hbond.range_2_label_seq_id 
_pdbx_struct_sheet_hbond.range_2_PDB_ins_code 
_pdbx_struct_sheet_hbond.range_2_auth_atom_id 
_pdbx_struct_sheet_hbond.range_2_auth_comp_id 
_pdbx_struct_sheet_hbond.range_2_auth_asym_id 
_pdbx_struct_sheet_hbond.range_2_auth_seq_id 
A 1 2 N ALA A 33  ? N ALA A 33  O HIS A 41  ? O HIS A 41  
A 2 3 N ILE A 57  ? N ILE A 57  O ALA A 69  ? O ALA A 69  
A 3 4 O TRP A 68  ? O TRP A 68  N ALA A 3   ? N ALA A 3   
A 4 5 N LEU A 2   ? N LEU A 2   O PHE A 120 ? O PHE A 421 
A 5 6 O ARG A 104 ? O ARG A 405 N VAL A 95  ? N VAL A 95  
B 1 2 N ALA A 33  ? N ALA A 33  O HIS A 41  ? O HIS A 41  
B 2 3 N GLY A 58  ? N GLY A 58  O LEU A 112 ? O LEU A 413 
B 3 4 O ARG A 104 ? O ARG A 405 N VAL A 95  ? N VAL A 95  
C 1 2 N ILE A 8   ? N ILE A 8   O HIS A 17  ? O HIS A 17  
D 1 2 N VAL A 75  ? N VAL A 75  O ARG A 82  ? O ARG A 82  
E 1 2 N ALA A 132 ? N ALA A 433 O VAL A 135 ? O VAL A 436 
# 
_atom_sites.entry_id                    2IN0 
_atom_sites.fract_transf_matrix[1][1]   -0.01371418 
_atom_sites.fract_transf_matrix[1][2]   0.01051690 
_atom_sites.fract_transf_matrix[1][3]   0.02093115 
_atom_sites.fract_transf_matrix[2][1]   0.01061923 
_atom_sites.fract_transf_matrix[2][2]   0.01807395 
_atom_sites.fract_transf_matrix[2][3]   -0.00212353 
_atom_sites.fract_transf_matrix[3][1]   -0.01083907 
_atom_sites.fract_transf_matrix[3][2]   0.00522554 
_atom_sites.fract_transf_matrix[3][3]   -0.00972739 
_atom_sites.fract_transf_vector[1]      0.043225 
_atom_sites.fract_transf_vector[2]      0.022545 
_atom_sites.fract_transf_vector[3]      0.314799 
# 
loop_
_atom_type.symbol 
C 
N 
O 
S 
# 
loop_
_atom_site.group_PDB 
_atom_site.id 
_atom_site.type_symbol 
_atom_site.label_atom_id 
_atom_site.label_alt_id 
_atom_site.label_comp_id 
_atom_site.label_asym_id 
_atom_site.label_entity_id 
_atom_site.label_seq_id 
_atom_site.pdbx_PDB_ins_code 
_atom_site.Cartn_x 
_atom_site.Cartn_y 
_atom_site.Cartn_z 
_atom_site.occupancy 
_atom_site.B_iso_or_equiv 
_atom_site.pdbx_formal_charge 
_atom_site.auth_seq_id 
_atom_site.auth_comp_id 
_atom_site.auth_asym_id 
_atom_site.auth_atom_id 
_atom_site.pdbx_PDB_model_num 
ATOM   1    N N   . CYS A 1 1   ? 2.186   -8.949  -2.188  1.00 17.01 ? 1   CYS A N   1 
ATOM   2    C CA  . CYS A 1 1   ? 3.370   -8.419  -1.456  1.00 17.88 ? 1   CYS A CA  1 
ATOM   3    C C   . CYS A 1 1   ? 3.755   -7.036  -1.984  1.00 17.10 ? 1   CYS A C   1 
ATOM   4    O O   . CYS A 1 1   ? 3.462   -6.694  -3.132  1.00 17.40 ? 1   CYS A O   1 
ATOM   5    C CB  . CYS A 1 1   ? 4.548   -9.386  -1.600  1.00 18.69 ? 1   CYS A CB  1 
ATOM   6    S SG  . CYS A 1 1   ? 4.122   -11.102 -1.181  1.00 26.09 ? 1   CYS A SG  1 
ATOM   7    N N   . LEU A 1 2   ? 4.407   -6.249  -1.132  1.00 18.42 ? 2   LEU A N   1 
ATOM   8    C CA  . LEU A 1 2   ? 4.835   -4.897  -1.480  1.00 18.76 ? 2   LEU A CA  1 
ATOM   9    C C   . LEU A 1 2   ? 6.339   -4.851  -1.667  1.00 20.52 ? 2   LEU A C   1 
ATOM   10   O O   . LEU A 1 2   ? 7.085   -5.513  -0.944  1.00 20.85 ? 2   LEU A O   1 
ATOM   11   C CB  . LEU A 1 2   ? 4.430   -3.919  -0.378  1.00 19.03 ? 2   LEU A CB  1 
ATOM   12   C CG  . LEU A 1 2   ? 2.927   -3.809  -0.139  1.00 19.61 ? 2   LEU A CG  1 
ATOM   13   C CD1 . LEU A 1 2   ? 2.672   -3.080  1.169   1.00 18.79 ? 2   LEU A CD1 1 
ATOM   14   C CD2 . LEU A 1 2   ? 2.265   -3.101  -1.309  1.00 19.19 ? 2   LEU A CD2 1 
ATOM   15   N N   . ALA A 1 3   ? 6.781   -4.043  -2.624  1.00 20.79 ? 3   ALA A N   1 
ATOM   16   C CA  . ALA A 1 3   ? 8.199   -3.919  -2.935  1.00 20.97 ? 3   ALA A CA  1 
ATOM   17   C C   . ALA A 1 3   ? 9.025   -3.119  -1.949  1.00 21.20 ? 3   ALA A C   1 
ATOM   18   O O   . ALA A 1 3   ? 8.522   -2.264  -1.217  1.00 17.71 ? 3   ALA A O   1 
ATOM   19   C CB  . ALA A 1 3   ? 8.370   -3.319  -4.327  1.00 21.07 ? 3   ALA A CB  1 
ATOM   20   N N   . GLU A 1 4   ? 10.316  -3.425  -1.943  1.00 19.98 ? 4   GLU A N   1 
ATOM   21   C CA  . GLU A 1 4   ? 11.264  -2.718  -1.114  1.00 21.50 ? 4   GLU A CA  1 
ATOM   22   C C   . GLU A 1 4   ? 11.146  -1.276  -1.614  1.00 19.63 ? 4   GLU A C   1 
ATOM   23   O O   . GLU A 1 4   ? 11.015  -1.043  -2.817  1.00 20.25 ? 4   GLU A O   1 
ATOM   24   C CB  . GLU A 1 4   ? 12.668  -3.285  -1.359  1.00 22.26 ? 4   GLU A CB  1 
ATOM   25   C CG  . GLU A 1 4   ? 13.826  -2.379  -0.944  1.00 25.66 ? 4   GLU A CG  1 
ATOM   26   C CD  . GLU A 1 4   ? 15.175  -3.085  -1.043  1.00 29.48 ? 4   GLU A CD  1 
ATOM   27   O OE1 . GLU A 1 4   ? 15.353  -3.911  -1.965  1.00 27.53 ? 4   GLU A OE1 1 
ATOM   28   O OE2 . GLU A 1 4   ? 16.059  -2.808  -0.202  1.00 33.15 ? 4   GLU A OE2 1 
ATOM   29   N N   . GLY A 1 5   ? 11.166  -0.316  -0.699  1.00 19.51 ? 5   GLY A N   1 
ATOM   30   C CA  . GLY A 1 5   ? 11.042  1.075   -1.097  1.00 19.31 ? 5   GLY A CA  1 
ATOM   31   C C   . GLY A 1 5   ? 9.642   1.627   -0.870  1.00 19.65 ? 5   GLY A C   1 
ATOM   32   O O   . GLY A 1 5   ? 9.452   2.843   -0.805  1.00 20.50 ? 5   GLY A O   1 
ATOM   33   N N   . THR A 1 6   ? 8.655   0.742   -0.745  1.00 19.33 ? 6   THR A N   1 
ATOM   34   C CA  . THR A 1 6   ? 7.278   1.173   -0.513  1.00 18.77 ? 6   THR A CA  1 
ATOM   35   C C   . THR A 1 6   ? 7.223   1.937   0.812   1.00 19.00 ? 6   THR A C   1 
ATOM   36   O O   . THR A 1 6   ? 7.651   1.432   1.852   1.00 19.13 ? 6   THR A O   1 
ATOM   37   C CB  . THR A 1 6   ? 6.307   -0.039  -0.438  1.00 17.48 ? 6   THR A CB  1 
ATOM   38   O OG1 . THR A 1 6   ? 6.384   -0.798  -1.652  1.00 17.20 ? 6   THR A OG1 1 
ATOM   39   C CG2 . THR A 1 6   ? 4.869   0.440   -0.249  1.00 15.82 ? 6   THR A CG2 1 
ATOM   40   N N   . ARG A 1 7   ? 6.700   3.156   0.773   1.00 19.12 ? 7   ARG A N   1 
ATOM   41   C CA  . ARG A 1 7   ? 6.610   3.975   1.974   1.00 19.92 ? 7   ARG A CA  1 
ATOM   42   C C   . ARG A 1 7   ? 5.283   3.822   2.712   1.00 19.18 ? 7   ARG A C   1 
ATOM   43   O O   . ARG A 1 7   ? 4.210   3.817   2.107   1.00 18.31 ? 7   ARG A O   1 
ATOM   44   C CB  . ARG A 1 7   ? 6.859   5.442   1.624   1.00 22.54 ? 7   ARG A CB  1 
ATOM   45   C CG  . ARG A 1 7   ? 8.310   5.730   1.268   1.00 27.77 ? 7   ARG A CG  1 
ATOM   46   C CD  . ARG A 1 7   ? 8.513   7.208   0.999   1.00 32.34 ? 7   ARG A CD  1 
ATOM   47   N NE  . ARG A 1 7   ? 7.964   7.630   -0.289  1.00 35.20 ? 7   ARG A NE  1 
ATOM   48   C CZ  . ARG A 1 7   ? 8.604   7.519   -1.448  1.00 35.76 ? 7   ARG A CZ  1 
ATOM   49   N NH1 . ARG A 1 7   ? 9.821   6.995   -1.487  1.00 38.98 ? 7   ARG A NH1 1 
ATOM   50   N NH2 . ARG A 1 7   ? 8.035   7.940   -2.568  1.00 35.78 ? 7   ARG A NH2 1 
ATOM   51   N N   . ILE A 1 8   ? 5.374   3.711   4.032   1.00 19.45 ? 8   ILE A N   1 
ATOM   52   C CA  . ILE A 1 8   ? 4.206   3.523   4.878   1.00 20.24 ? 8   ILE A CA  1 
ATOM   53   C C   . ILE A 1 8   ? 4.094   4.609   5.953   1.00 20.68 ? 8   ILE A C   1 
ATOM   54   O O   . ILE A 1 8   ? 5.006   4.809   6.753   1.00 17.52 ? 8   ILE A O   1 
ATOM   55   C CB  . ILE A 1 8   ? 4.273   2.128   5.525   1.00 20.89 ? 8   ILE A CB  1 
ATOM   56   C CG1 . ILE A 1 8   ? 4.480   1.088   4.420   1.00 23.90 ? 8   ILE A CG1 1 
ATOM   57   C CG2 . ILE A 1 8   ? 2.996   1.827   6.294   1.00 22.39 ? 8   ILE A CG2 1 
ATOM   58   C CD1 . ILE A 1 8   ? 4.585   -0.336  4.902   1.00 24.72 ? 8   ILE A CD1 1 
ATOM   59   N N   . PHE A 1 9   ? 2.957   5.300   5.966   1.00 18.79 ? 9   PHE A N   1 
ATOM   60   C CA  . PHE A 1 9   ? 2.716   6.373   6.920   1.00 19.73 ? 9   PHE A CA  1 
ATOM   61   C C   . PHE A 1 9   ? 2.141   5.883   8.246   1.00 19.20 ? 9   PHE A C   1 
ATOM   62   O O   . PHE A 1 9   ? 1.137   5.171   8.268   1.00 18.19 ? 9   PHE A O   1 
ATOM   63   C CB  . PHE A 1 9   ? 1.759   7.400   6.307   1.00 20.07 ? 9   PHE A CB  1 
ATOM   64   C CG  . PHE A 1 9   ? 1.450   8.556   7.214   1.00 21.73 ? 9   PHE A CG  1 
ATOM   65   C CD1 . PHE A 1 9   ? 2.443   9.463   7.570   1.00 22.42 ? 9   PHE A CD1 1 
ATOM   66   C CD2 . PHE A 1 9   ? 0.172   8.724   7.732   1.00 22.09 ? 9   PHE A CD2 1 
ATOM   67   C CE1 . PHE A 1 9   ? 2.166   10.525  8.433   1.00 23.73 ? 9   PHE A CE1 1 
ATOM   68   C CE2 . PHE A 1 9   ? -0.115  9.778   8.594   1.00 24.03 ? 9   PHE A CE2 1 
ATOM   69   C CZ  . PHE A 1 9   ? 0.887   10.681  8.946   1.00 23.92 ? 9   PHE A CZ  1 
ATOM   70   N N   . ASP A 1 10  ? 2.787   6.269   9.345   1.00 19.44 ? 10  ASP A N   1 
ATOM   71   C CA  . ASP A 1 10  ? 2.348   5.915   10.694  1.00 18.50 ? 10  ASP A CA  1 
ATOM   72   C C   . ASP A 1 10  ? 1.595   7.146   11.202  1.00 18.88 ? 10  ASP A C   1 
ATOM   73   O O   . ASP A 1 10  ? 2.207   8.171   11.524  1.00 18.16 ? 10  ASP A O   1 
ATOM   74   C CB  . ASP A 1 10  ? 3.560   5.627   11.599  1.00 19.62 ? 10  ASP A CB  1 
ATOM   75   C CG  . ASP A 1 10  ? 3.154   5.220   13.013  1.00 19.14 ? 10  ASP A CG  1 
ATOM   76   O OD1 . ASP A 1 10  ? 2.136   5.737   13.510  1.00 18.53 ? 10  ASP A OD1 1 
ATOM   77   O OD2 . ASP A 1 10  ? 3.860   4.393   13.630  1.00 18.15 ? 10  ASP A OD2 1 
ATOM   78   N N   . PRO A 1 11  ? 0.256   7.068   11.266  1.00 17.12 ? 11  PRO A N   1 
ATOM   79   C CA  . PRO A 1 11  ? -0.554  8.195   11.729  1.00 18.18 ? 11  PRO A CA  1 
ATOM   80   C C   . PRO A 1 11  ? -0.357  8.566   13.194  1.00 18.06 ? 11  PRO A C   1 
ATOM   81   O O   . PRO A 1 11  ? -0.680  9.681   13.597  1.00 18.97 ? 11  PRO A O   1 
ATOM   82   C CB  . PRO A 1 11  ? -1.973  7.734   11.439  1.00 17.57 ? 11  PRO A CB  1 
ATOM   83   C CG  . PRO A 1 11  ? -1.890  6.275   11.746  1.00 19.25 ? 11  PRO A CG  1 
ATOM   84   C CD  . PRO A 1 11  ? -0.589  5.877   11.058  1.00 19.07 ? 11  PRO A CD  1 
ATOM   85   N N   . VAL A 1 12  ? 0.169   7.640   13.988  1.00 19.87 ? 12  VAL A N   1 
ATOM   86   C CA  . VAL A 1 12  ? 0.392   7.906   15.408  1.00 20.89 ? 12  VAL A CA  1 
ATOM   87   C C   . VAL A 1 12  ? 1.637   8.757   15.628  1.00 22.39 ? 12  VAL A C   1 
ATOM   88   O O   . VAL A 1 12  ? 1.596   9.756   16.340  1.00 22.81 ? 12  VAL A O   1 
ATOM   89   C CB  . VAL A 1 12  ? 0.546   6.597   16.212  1.00 20.98 ? 12  VAL A CB  1 
ATOM   90   C CG1 . VAL A 1 12  ? 0.905   6.917   17.664  1.00 21.58 ? 12  VAL A CG1 1 
ATOM   91   C CG2 . VAL A 1 12  ? -0.741  5.796   16.151  1.00 20.02 ? 12  VAL A CG2 1 
ATOM   92   N N   . THR A 1 13  ? 2.748   8.362   15.021  1.00 22.30 ? 13  THR A N   1 
ATOM   93   C CA  . THR A 1 13  ? 3.981   9.119   15.176  1.00 24.63 ? 13  THR A CA  1 
ATOM   94   C C   . THR A 1 13  ? 4.137   10.163  14.082  1.00 26.65 ? 13  THR A C   1 
ATOM   95   O O   . THR A 1 13  ? 4.881   11.124  14.245  1.00 28.16 ? 13  THR A O   1 
ATOM   96   C CB  . THR A 1 13  ? 5.225   8.205   15.136  1.00 22.74 ? 13  THR A CB  1 
ATOM   97   O OG1 . THR A 1 13  ? 5.295   7.548   13.865  1.00 21.00 ? 13  THR A OG1 1 
ATOM   98   C CG2 . THR A 1 13  ? 5.173   7.171   16.254  1.00 24.01 ? 13  THR A CG2 1 
ATOM   99   N N   . GLY A 1 14  ? 3.431   9.969   12.972  1.00 27.88 ? 14  GLY A N   1 
ATOM   100  C CA  . GLY A 1 14  ? 3.525   10.890  11.856  1.00 27.37 ? 14  GLY A CA  1 
ATOM   101  C C   . GLY A 1 14  ? 4.770   10.603  11.037  1.00 27.32 ? 14  GLY A C   1 
ATOM   102  O O   . GLY A 1 14  ? 5.124   11.368  10.141  1.00 27.94 ? 14  GLY A O   1 
ATOM   103  N N   . THR A 1 15  ? 5.430   9.488   11.337  1.00 25.60 ? 15  THR A N   1 
ATOM   104  C CA  . THR A 1 15  ? 6.657   9.099   10.647  1.00 24.40 ? 15  THR A CA  1 
ATOM   105  C C   . THR A 1 15  ? 6.391   8.189   9.454   1.00 24.21 ? 15  THR A C   1 
ATOM   106  O O   . THR A 1 15  ? 5.554   7.288   9.533   1.00 24.38 ? 15  THR A O   1 
ATOM   107  C CB  . THR A 1 15  ? 7.606   8.338   11.595  1.00 25.21 ? 15  THR A CB  1 
ATOM   108  O OG1 . THR A 1 15  ? 7.863   9.126   12.763  1.00 28.70 ? 15  THR A OG1 1 
ATOM   109  C CG2 . THR A 1 15  ? 8.930   8.024   10.892  1.00 26.82 ? 15  THR A CG2 1 
ATOM   110  N N   . THR A 1 16  ? 7.108   8.416   8.356   1.00 21.20 ? 16  THR A N   1 
ATOM   111  C CA  . THR A 1 16  ? 6.969   7.575   7.170   1.00 20.87 ? 16  THR A CA  1 
ATOM   112  C C   . THR A 1 16  ? 8.157   6.615   7.100   1.00 22.62 ? 16  THR A C   1 
ATOM   113  O O   . THR A 1 16  ? 9.312   7.036   7.126   1.00 24.87 ? 16  THR A O   1 
ATOM   114  C CB  . THR A 1 16  ? 6.912   8.407   5.876   1.00 20.90 ? 16  THR A CB  1 
ATOM   115  O OG1 . THR A 1 16  ? 5.658   9.100   5.813   1.00 19.19 ? 16  THR A OG1 1 
ATOM   116  C CG2 . THR A 1 16  ? 7.058   7.504   4.649   1.00 20.90 ? 16  THR A CG2 1 
ATOM   117  N N   . HIS A 1 17  ? 7.855   5.324   7.000   1.00 21.42 ? 17  HIS A N   1 
ATOM   118  C CA  . HIS A 1 17  ? 8.875   4.285   6.954   1.00 23.03 ? 17  HIS A CA  1 
ATOM   119  C C   . HIS A 1 17  ? 8.909   3.549   5.619   1.00 23.01 ? 17  HIS A C   1 
ATOM   120  O O   . HIS A 1 17  ? 7.913   3.512   4.889   1.00 24.75 ? 17  HIS A O   1 
ATOM   121  C CB  . HIS A 1 17  ? 8.591   3.250   8.044   1.00 22.72 ? 17  HIS A CB  1 
ATOM   122  C CG  . HIS A 1 17  ? 8.427   3.829   9.413   1.00 23.78 ? 17  HIS A CG  1 
ATOM   123  N ND1 . HIS A 1 17  ? 9.453   3.865   10.334  1.00 26.27 ? 17  HIS A ND1 1 
ATOM   124  C CD2 . HIS A 1 17  ? 7.360   4.401   10.016  1.00 24.92 ? 17  HIS A CD2 1 
ATOM   125  C CE1 . HIS A 1 17  ? 9.022   4.435   11.445  1.00 24.02 ? 17  HIS A CE1 1 
ATOM   126  N NE2 . HIS A 1 17  ? 7.756   4.770   11.280  1.00 25.18 ? 17  HIS A NE2 1 
ATOM   127  N N   . ARG A 1 18  ? 10.065  2.969   5.303   1.00 22.82 ? 18  ARG A N   1 
ATOM   128  C CA  . ARG A 1 18  ? 10.204  2.154   4.100   1.00 22.22 ? 18  ARG A CA  1 
ATOM   129  C C   . ARG A 1 18  ? 9.898   0.751   4.623   1.00 20.26 ? 18  ARG A C   1 
ATOM   130  O O   . ARG A 1 18  ? 10.424  0.347   5.661   1.00 19.93 ? 18  ARG A O   1 
ATOM   131  C CB  . ARG A 1 18  ? 11.626  2.228   3.540   1.00 24.23 ? 18  ARG A CB  1 
ATOM   132  C CG  . ARG A 1 18  ? 11.883  3.484   2.714   1.00 27.79 ? 18  ARG A CG  1 
ATOM   133  C CD  . ARG A 1 18  ? 13.254  3.449   2.049   1.00 31.36 ? 18  ARG A CD  1 
ATOM   134  N NE  . ARG A 1 18  ? 14.329  3.489   3.035   1.00 35.87 ? 18  ARG A NE  1 
ATOM   135  C CZ  . ARG A 1 18  ? 15.621  3.547   2.733   1.00 38.00 ? 18  ARG A CZ  1 
ATOM   136  N NH1 . ARG A 1 18  ? 16.008  3.572   1.462   1.00 40.48 ? 18  ARG A NH1 1 
ATOM   137  N NH2 . ARG A 1 18  ? 16.528  3.579   3.701   1.00 39.23 ? 18  ARG A NH2 1 
ATOM   138  N N   . ILE A 1 19  ? 9.048   0.012   3.921   1.00 19.10 ? 19  ILE A N   1 
ATOM   139  C CA  . ILE A 1 19  ? 8.648   -1.311  4.394   1.00 20.04 ? 19  ILE A CA  1 
ATOM   140  C C   . ILE A 1 19  ? 9.774   -2.310  4.680   1.00 20.71 ? 19  ILE A C   1 
ATOM   141  O O   . ILE A 1 19  ? 9.679   -3.088  5.638   1.00 18.75 ? 19  ILE A O   1 
ATOM   142  C CB  . ILE A 1 19  ? 7.620   -1.948  3.437   1.00 18.04 ? 19  ILE A CB  1 
ATOM   143  C CG1 . ILE A 1 19  ? 6.918   -3.109  4.137   1.00 19.24 ? 19  ILE A CG1 1 
ATOM   144  C CG2 . ILE A 1 19  ? 8.304   -2.430  2.164   1.00 20.60 ? 19  ILE A CG2 1 
ATOM   145  C CD1 . ILE A 1 19  ? 5.763   -3.692  3.347   1.00 17.59 ? 19  ILE A CD1 1 
ATOM   146  N N   . GLU A 1 20  ? 10.841  -2.300  3.883   1.00 20.31 ? 20  GLU A N   1 
ATOM   147  C CA  . GLU A 1 20  ? 11.924  -3.244  4.149   1.00 21.01 ? 20  GLU A CA  1 
ATOM   148  C C   . GLU A 1 20  ? 12.571  -2.955  5.506   1.00 20.70 ? 20  GLU A C   1 
ATOM   149  O O   . GLU A 1 20  ? 13.076  -3.864  6.163   1.00 23.08 ? 20  GLU A O   1 
ATOM   150  C CB  . GLU A 1 20  ? 12.986  -3.228  3.036   1.00 20.88 ? 20  GLU A CB  1 
ATOM   151  C CG  . GLU A 1 20  ? 13.844  -1.970  2.941   1.00 20.62 ? 20  GLU A CG  1 
ATOM   152  C CD  . GLU A 1 20  ? 13.182  -0.865  2.139   1.00 24.02 ? 20  GLU A CD  1 
ATOM   153  O OE1 . GLU A 1 20  ? 13.860  0.147   1.849   1.00 24.38 ? 20  GLU A OE1 1 
ATOM   154  O OE2 . GLU A 1 20  ? 11.990  -1.005  1.795   1.00 23.71 ? 20  GLU A OE2 1 
ATOM   155  N N   . ASP A 1 21  ? 12.556  -1.698  5.935   1.00 20.19 ? 21  ASP A N   1 
ATOM   156  C CA  . ASP A 1 21  ? 13.132  -1.360  7.232   1.00 22.06 ? 21  ASP A CA  1 
ATOM   157  C C   . ASP A 1 21  ? 12.207  -1.778  8.375   1.00 21.13 ? 21  ASP A C   1 
ATOM   158  O O   . ASP A 1 21  ? 12.670  -2.156  9.448   1.00 19.45 ? 21  ASP A O   1 
ATOM   159  C CB  . ASP A 1 21  ? 13.423  0.139   7.329   1.00 21.47 ? 21  ASP A CB  1 
ATOM   160  C CG  . ASP A 1 21  ? 14.502  0.578   6.365   1.00 24.14 ? 21  ASP A CG  1 
ATOM   161  O OD1 . ASP A 1 21  ? 15.339  -0.272  5.996   1.00 24.23 ? 21  ASP A OD1 1 
ATOM   162  O OD2 . ASP A 1 21  ? 14.522  1.769   5.989   1.00 26.37 ? 21  ASP A OD2 1 
ATOM   163  N N   . VAL A 1 22  ? 10.901  -1.708  8.133   1.00 21.62 ? 22  VAL A N   1 
ATOM   164  C CA  . VAL A 1 22  ? 9.904   -2.085  9.134   1.00 21.47 ? 22  VAL A CA  1 
ATOM   165  C C   . VAL A 1 22  ? 9.972   -3.588  9.404   1.00 21.69 ? 22  VAL A C   1 
ATOM   166  O O   . VAL A 1 22  ? 9.904   -4.026  10.557  1.00 19.45 ? 22  VAL A O   1 
ATOM   167  C CB  . VAL A 1 22  ? 8.478   -1.737  8.662   1.00 20.26 ? 22  VAL A CB  1 
ATOM   168  C CG1 . VAL A 1 22  ? 7.458   -2.172  9.712   1.00 18.95 ? 22  VAL A CG1 1 
ATOM   169  C CG2 . VAL A 1 22  ? 8.366   -0.235  8.412   1.00 19.14 ? 22  VAL A CG2 1 
ATOM   170  N N   . VAL A 1 23  ? 10.119  -4.368  8.336   1.00 21.38 ? 23  VAL A N   1 
ATOM   171  C CA  . VAL A 1 23  ? 10.201  -5.816  8.451   1.00 20.60 ? 23  VAL A CA  1 
ATOM   172  C C   . VAL A 1 23  ? 11.564  -6.276  8.977   1.00 21.99 ? 23  VAL A C   1 
ATOM   173  O O   . VAL A 1 23  ? 11.638  -7.045  9.948   1.00 22.18 ? 23  VAL A O   1 
ATOM   174  C CB  . VAL A 1 23  ? 9.920   -6.495  7.088   1.00 19.91 ? 23  VAL A CB  1 
ATOM   175  C CG1 . VAL A 1 23  ? 10.195  -7.993  7.181   1.00 19.40 ? 23  VAL A CG1 1 
ATOM   176  C CG2 . VAL A 1 23  ? 8.473   -6.261  6.683   1.00 16.88 ? 23  VAL A CG2 1 
ATOM   177  N N   . ASP A 1 24  ? 12.644  -5.813  8.347   1.00 21.28 ? 24  ASP A N   1 
ATOM   178  C CA  . ASP A 1 24  ? 13.990  -6.196  8.789   1.00 22.49 ? 24  ASP A CA  1 
ATOM   179  C C   . ASP A 1 24  ? 14.247  -5.774  10.234  1.00 23.41 ? 24  ASP A C   1 
ATOM   180  O O   . ASP A 1 24  ? 14.990  -6.441  10.966  1.00 24.16 ? 24  ASP A O   1 
ATOM   181  C CB  . ASP A 1 24  ? 15.074  -5.568  7.898   1.00 21.95 ? 24  ASP A CB  1 
ATOM   182  C CG  . ASP A 1 24  ? 15.136  -6.180  6.517   1.00 21.81 ? 24  ASP A CG  1 
ATOM   183  O OD1 . ASP A 1 24  ? 14.475  -7.213  6.274   1.00 23.56 ? 24  ASP A OD1 1 
ATOM   184  O OD2 . ASP A 1 24  ? 15.862  -5.626  5.665   1.00 24.76 ? 24  ASP A OD2 1 
ATOM   185  N N   . GLY A 1 25  ? 13.647  -4.656  10.636  1.00 22.36 ? 25  GLY A N   1 
ATOM   186  C CA  . GLY A 1 25  ? 13.826  -4.166  11.988  1.00 24.60 ? 25  GLY A CA  1 
ATOM   187  C C   . GLY A 1 25  ? 12.674  -4.492  12.920  1.00 24.15 ? 25  GLY A C   1 
ATOM   188  O O   . GLY A 1 25  ? 12.667  -4.050  14.069  1.00 25.39 ? 25  GLY A O   1 
ATOM   189  N N   . ARG A 1 26  ? 11.706  -5.272  12.441  1.00 24.72 ? 26  ARG A N   1 
ATOM   190  C CA  . ARG A 1 26  ? 10.539  -5.642  13.244  1.00 25.40 ? 26  ARG A CA  1 
ATOM   191  C C   . ARG A 1 26  ? 10.008  -4.459  14.040  1.00 24.65 ? 26  ARG A C   1 
ATOM   192  O O   . ARG A 1 26  ? 9.694   -4.578  15.226  1.00 24.42 ? 26  ARG A O   1 
ATOM   193  C CB  . ARG A 1 26  ? 10.897  -6.787  14.189  1.00 28.33 ? 26  ARG A CB  1 
ATOM   194  C CG  . ARG A 1 26  ? 11.128  -8.079  13.455  1.00 33.64 ? 26  ARG A CG  1 
ATOM   195  C CD  . ARG A 1 26  ? 11.613  -9.177  14.374  1.00 39.47 ? 26  ARG A CD  1 
ATOM   196  N NE  . ARG A 1 26  ? 11.216  -10.471 13.835  1.00 43.22 ? 26  ARG A NE  1 
ATOM   197  C CZ  . ARG A 1 26  ? 9.967   -10.920 13.854  1.00 44.67 ? 26  ARG A CZ  1 
ATOM   198  N NH1 . ARG A 1 26  ? 9.013   -10.179 14.396  1.00 45.61 ? 26  ARG A NH1 1 
ATOM   199  N NH2 . ARG A 1 26  ? 9.665   -12.093 13.312  1.00 47.42 ? 26  ARG A NH2 1 
ATOM   200  N N   . LYS A 1 27  ? 9.903   -3.317  13.369  1.00 23.69 ? 27  LYS A N   1 
ATOM   201  C CA  . LYS A 1 27  ? 9.435   -2.088  13.989  1.00 22.74 ? 27  LYS A CA  1 
ATOM   202  C C   . LYS A 1 27  ? 7.933   -2.126  14.275  1.00 20.75 ? 27  LYS A C   1 
ATOM   203  O O   . LYS A 1 27  ? 7.138   -2.434  13.390  1.00 19.32 ? 27  LYS A O   1 
ATOM   204  C CB  . LYS A 1 27  ? 9.786   -0.900  13.083  1.00 22.70 ? 27  LYS A CB  1 
ATOM   205  C CG  . LYS A 1 27  ? 11.281  -0.805  12.774  1.00 24.98 ? 27  LYS A CG  1 
ATOM   206  C CD  . LYS A 1 27  ? 11.644  0.498   12.078  1.00 27.16 ? 27  LYS A CD  1 
ATOM   207  C CE  . LYS A 1 27  ? 13.157  0.627   11.923  1.00 28.89 ? 27  LYS A CE  1 
ATOM   208  N NZ  . LYS A 1 27  ? 13.586  1.940   11.346  1.00 30.73 ? 27  LYS A NZ  1 
ATOM   209  N N   . PRO A 1 28  ? 7.533   -1.799  15.520  1.00 20.78 ? 28  PRO A N   1 
ATOM   210  C CA  . PRO A 1 28  ? 6.157   -1.767  16.034  1.00 20.30 ? 28  PRO A CA  1 
ATOM   211  C C   . PRO A 1 28  ? 5.372   -0.518  15.627  1.00 20.17 ? 28  PRO A C   1 
ATOM   212  O O   . PRO A 1 28  ? 4.783   0.158   16.473  1.00 20.30 ? 28  PRO A O   1 
ATOM   213  C CB  . PRO A 1 28  ? 6.369   -1.824  17.540  1.00 19.63 ? 28  PRO A CB  1 
ATOM   214  C CG  . PRO A 1 28  ? 7.573   -0.963  17.705  1.00 21.61 ? 28  PRO A CG  1 
ATOM   215  C CD  . PRO A 1 28  ? 8.487   -1.459  16.599  1.00 20.34 ? 28  PRO A CD  1 
ATOM   216  N N   . ILE A 1 29  ? 5.351   -0.218  14.336  1.00 19.25 ? 29  ILE A N   1 
ATOM   217  C CA  . ILE A 1 29  ? 4.652   0.970   13.866  1.00 20.25 ? 29  ILE A CA  1 
ATOM   218  C C   . ILE A 1 29  ? 3.151   0.759   13.754  1.00 19.31 ? 29  ILE A C   1 
ATOM   219  O O   . ILE A 1 29  ? 2.650   -0.367  13.845  1.00 16.87 ? 29  ILE A O   1 
ATOM   220  C CB  . ILE A 1 29  ? 5.151   1.401   12.466  1.00 20.14 ? 29  ILE A CB  1 
ATOM   221  C CG1 . ILE A 1 29  ? 4.718   0.369   11.419  1.00 20.21 ? 29  ILE A CG1 1 
ATOM   222  C CG2 . ILE A 1 29  ? 6.667   1.543   12.472  1.00 21.85 ? 29  ILE A CG2 1 
ATOM   223  C CD1 . ILE A 1 29  ? 4.955   0.779   9.977   1.00 18.33 ? 29  ILE A CD1 1 
ATOM   224  N N   . HIS A 1 30  ? 2.444   1.870   13.582  1.00 18.64 ? 30  HIS A N   1 
ATOM   225  C CA  . HIS A 1 30  ? 1.010   1.846   13.358  1.00 16.68 ? 30  HIS A CA  1 
ATOM   226  C C   . HIS A 1 30  ? 0.909   2.274   11.897  1.00 17.23 ? 30  HIS A C   1 
ATOM   227  O O   . HIS A 1 30  ? 1.853   2.847   11.343  1.00 17.33 ? 30  HIS A O   1 
ATOM   228  C CB  . HIS A 1 30  ? 0.265   2.863   14.229  1.00 16.78 ? 30  HIS A CB  1 
ATOM   229  C CG  . HIS A 1 30  ? 0.132   2.455   15.660  1.00 18.70 ? 30  HIS A CG  1 
ATOM   230  N ND1 . HIS A 1 30  ? 1.152   2.597   16.572  1.00 19.44 ? 30  HIS A ND1 1 
ATOM   231  C CD2 . HIS A 1 30  ? -0.886  1.852   16.320  1.00 20.00 ? 30  HIS A CD2 1 
ATOM   232  C CE1 . HIS A 1 30  ? 0.771   2.096   17.734  1.00 22.28 ? 30  HIS A CE1 1 
ATOM   233  N NE2 . HIS A 1 30  ? -0.461  1.635   17.607  1.00 19.84 ? 30  HIS A NE2 1 
ATOM   234  N N   . VAL A 1 31  ? -0.219  1.985   11.272  1.00 16.65 ? 31  VAL A N   1 
ATOM   235  C CA  . VAL A 1 31  ? -0.439  2.367   9.885   1.00 16.12 ? 31  VAL A CA  1 
ATOM   236  C C   . VAL A 1 31  ? -1.863  2.870   9.807   1.00 17.18 ? 31  VAL A C   1 
ATOM   237  O O   . VAL A 1 31  ? -2.645  2.691   10.750  1.00 18.36 ? 31  VAL A O   1 
ATOM   238  C CB  . VAL A 1 31  ? -0.333  1.162   8.936   1.00 16.86 ? 31  VAL A CB  1 
ATOM   239  C CG1 . VAL A 1 31  ? 1.024   0.517   9.055   1.00 16.26 ? 31  VAL A CG1 1 
ATOM   240  C CG2 . VAL A 1 31  ? -1.450  0.154   9.264   1.00 13.30 ? 31  VAL A CG2 1 
ATOM   241  N N   . VAL A 1 32  ? -2.205  3.509   8.698   1.00 15.43 ? 32  VAL A N   1 
ATOM   242  C CA  . VAL A 1 32  ? -3.575  3.951   8.517   1.00 17.05 ? 32  VAL A CA  1 
ATOM   243  C C   . VAL A 1 32  ? -4.228  2.756   7.830   1.00 17.78 ? 32  VAL A C   1 
ATOM   244  O O   . VAL A 1 32  ? -3.786  2.332   6.761   1.00 18.32 ? 32  VAL A O   1 
ATOM   245  C CB  . VAL A 1 32  ? -3.683  5.180   7.601   1.00 16.21 ? 32  VAL A CB  1 
ATOM   246  C CG1 . VAL A 1 32  ? -5.155  5.533   7.379   1.00 14.82 ? 32  VAL A CG1 1 
ATOM   247  C CG2 . VAL A 1 32  ? -2.957  6.353   8.221   1.00 17.79 ? 32  VAL A CG2 1 
ATOM   248  N N   . ALA A 1 33  ? -5.247  2.190   8.464   1.00 18.82 ? 33  ALA A N   1 
ATOM   249  C CA  . ALA A 1 33  ? -5.936  1.038   7.899   1.00 20.36 ? 33  ALA A CA  1 
ATOM   250  C C   . ALA A 1 33  ? -7.321  1.470   7.458   1.00 21.24 ? 33  ALA A C   1 
ATOM   251  O O   . ALA A 1 33  ? -7.869  2.440   7.978   1.00 23.30 ? 33  ALA A O   1 
ATOM   252  C CB  . ALA A 1 33  ? -6.044  -0.075  8.935   1.00 20.00 ? 33  ALA A CB  1 
ATOM   253  N N   . ALA A 1 34  ? -7.883  0.747   6.499   1.00 21.85 ? 34  ALA A N   1 
ATOM   254  C CA  . ALA A 1 34  ? -9.214  1.055   5.996   1.00 21.61 ? 34  ALA A CA  1 
ATOM   255  C C   . ALA A 1 34  ? -10.175 -0.044  6.420   1.00 22.43 ? 34  ALA A C   1 
ATOM   256  O O   . ALA A 1 34  ? -9.869  -1.230  6.287   1.00 20.35 ? 34  ALA A O   1 
ATOM   257  C CB  . ALA A 1 34  ? -9.186  1.163   4.478   1.00 21.95 ? 34  ALA A CB  1 
ATOM   258  N N   . ALA A 1 35  ? -11.324 0.354   6.953   1.00 24.53 ? 35  ALA A N   1 
ATOM   259  C CA  . ALA A 1 35  ? -12.333 -0.606  7.378   1.00 28.98 ? 35  ALA A CA  1 
ATOM   260  C C   . ALA A 1 35  ? -13.112 -1.052  6.145   1.00 32.98 ? 35  ALA A C   1 
ATOM   261  O O   . ALA A 1 35  ? -12.795 -0.656  5.020   1.00 33.21 ? 35  ALA A O   1 
ATOM   262  C CB  . ALA A 1 35  ? -13.274 0.033   8.392   1.00 27.29 ? 35  ALA A CB  1 
ATOM   263  N N   . LYS A 1 36  ? -14.130 -1.878  6.358   1.00 36.46 ? 36  LYS A N   1 
ATOM   264  C CA  . LYS A 1 36  ? -14.957 -2.359  5.260   1.00 40.12 ? 36  LYS A CA  1 
ATOM   265  C C   . LYS A 1 36  ? -15.886 -1.234  4.804   1.00 41.05 ? 36  LYS A C   1 
ATOM   266  O O   . LYS A 1 36  ? -16.170 -1.097  3.613   1.00 42.40 ? 36  LYS A O   1 
ATOM   267  C CB  . LYS A 1 36  ? -15.766 -3.577  5.719   1.00 41.64 ? 36  LYS A CB  1 
ATOM   268  C CG  . LYS A 1 36  ? -14.894 -4.687  6.311   1.00 44.01 ? 36  LYS A CG  1 
ATOM   269  C CD  . LYS A 1 36  ? -15.708 -5.799  6.966   1.00 45.25 ? 36  LYS A CD  1 
ATOM   270  C CE  . LYS A 1 36  ? -16.396 -6.691  5.943   1.00 46.62 ? 36  LYS A CE  1 
ATOM   271  N NZ  . LYS A 1 36  ? -17.402 -5.964  5.121   1.00 48.17 ? 36  LYS A NZ  1 
ATOM   272  N N   . ASP A 1 37  ? -16.341 -0.418  5.752   1.00 42.64 ? 37  ASP A N   1 
ATOM   273  C CA  . ASP A 1 37  ? -17.234 0.695   5.441   1.00 43.41 ? 37  ASP A CA  1 
ATOM   274  C C   . ASP A 1 37  ? -16.485 1.885   4.859   1.00 43.35 ? 37  ASP A C   1 
ATOM   275  O O   . ASP A 1 37  ? -17.052 2.969   4.709   1.00 44.60 ? 37  ASP A O   1 
ATOM   276  C CB  . ASP A 1 37  ? -17.997 1.148   6.690   1.00 44.88 ? 37  ASP A CB  1 
ATOM   277  C CG  . ASP A 1 37  ? -17.081 1.668   7.781   1.00 45.40 ? 37  ASP A CG  1 
ATOM   278  O OD1 . ASP A 1 37  ? -16.255 2.557   7.496   1.00 46.01 ? 37  ASP A OD1 1 
ATOM   279  O OD2 . ASP A 1 37  ? -17.193 1.192   8.930   1.00 47.65 ? 37  ASP A OD2 1 
ATOM   280  N N   . GLY A 1 38  ? -15.206 1.687   4.558   1.00 42.54 ? 38  GLY A N   1 
ATOM   281  C CA  . GLY A 1 38  ? -14.407 2.751   3.974   1.00 40.29 ? 38  GLY A CA  1 
ATOM   282  C C   . GLY A 1 38  ? -13.628 3.646   4.921   1.00 37.93 ? 38  GLY A C   1 
ATOM   283  O O   . GLY A 1 38  ? -12.596 4.199   4.533   1.00 37.93 ? 38  GLY A O   1 
ATOM   284  N N   . THR A 1 39  ? -14.106 3.800   6.153   1.00 34.61 ? 39  THR A N   1 
ATOM   285  C CA  . THR A 1 39  ? -13.429 4.655   7.121   1.00 30.87 ? 39  THR A CA  1 
ATOM   286  C C   . THR A 1 39  ? -11.979 4.249   7.377   1.00 27.56 ? 39  THR A C   1 
ATOM   287  O O   . THR A 1 39  ? -11.623 3.066   7.330   1.00 24.89 ? 39  THR A O   1 
ATOM   288  C CB  . THR A 1 39  ? -14.188 4.696   8.476   1.00 31.51 ? 39  THR A CB  1 
ATOM   289  O OG1 . THR A 1 39  ? -14.372 3.365   8.971   1.00 32.04 ? 39  THR A OG1 1 
ATOM   290  C CG2 . THR A 1 39  ? -15.549 5.362   8.306   1.00 31.75 ? 39  THR A CG2 1 
ATOM   291  N N   . LEU A 1 40  ? -11.145 5.252   7.638   1.00 24.80 ? 40  LEU A N   1 
ATOM   292  C CA  . LEU A 1 40  ? -9.733  5.034   7.908   1.00 21.66 ? 40  LEU A CA  1 
ATOM   293  C C   . LEU A 1 40  ? -9.479  5.083   9.411   1.00 22.24 ? 40  LEU A C   1 
ATOM   294  O O   . LEU A 1 40  ? -10.075 5.893   10.129  1.00 21.91 ? 40  LEU A O   1 
ATOM   295  C CB  . LEU A 1 40  ? -8.894  6.102   7.202   1.00 19.32 ? 40  LEU A CB  1 
ATOM   296  C CG  . LEU A 1 40  ? -9.014  6.182   5.675   1.00 18.15 ? 40  LEU A CG  1 
ATOM   297  C CD1 . LEU A 1 40  ? -8.164  7.322   5.163   1.00 19.31 ? 40  LEU A CD1 1 
ATOM   298  C CD2 . LEU A 1 40  ? -8.571  4.869   5.048   1.00 20.93 ? 40  LEU A CD2 1 
ATOM   299  N N   . HIS A 1 41  ? -8.586  4.213   9.879   1.00 21.74 ? 41  HIS A N   1 
ATOM   300  C CA  . HIS A 1 41  ? -8.257  4.133   11.299  1.00 21.96 ? 41  HIS A CA  1 
ATOM   301  C C   . HIS A 1 41  ? -6.800  3.761   11.486  1.00 22.27 ? 41  HIS A C   1 
ATOM   302  O O   . HIS A 1 41  ? -6.185  3.159   10.605  1.00 23.04 ? 41  HIS A O   1 
ATOM   303  C CB  . HIS A 1 41  ? -9.100  3.054   11.977  1.00 23.09 ? 41  HIS A CB  1 
ATOM   304  C CG  . HIS A 1 41  ? -10.569 3.206   11.763  1.00 25.64 ? 41  HIS A CG  1 
ATOM   305  N ND1 . HIS A 1 41  ? -11.344 4.067   12.508  1.00 26.09 ? 41  HIS A ND1 1 
ATOM   306  C CD2 . HIS A 1 41  ? -11.403 2.624   10.870  1.00 27.34 ? 41  HIS A CD2 1 
ATOM   307  C CE1 . HIS A 1 41  ? -12.594 4.008   12.084  1.00 28.07 ? 41  HIS A CE1 1 
ATOM   308  N NE2 . HIS A 1 41  ? -12.656 3.141   11.089  1.00 29.88 ? 41  HIS A NE2 1 
ATOM   309  N N   . ALA A 1 42  ? -6.253  4.107   12.645  1.00 19.59 ? 42  ALA A N   1 
ATOM   310  C CA  . ALA A 1 42  ? -4.872  3.769   12.963  1.00 18.59 ? 42  ALA A CA  1 
ATOM   311  C C   . ALA A 1 42  ? -4.873  2.378   13.587  1.00 18.54 ? 42  ALA A C   1 
ATOM   312  O O   . ALA A 1 42  ? -5.666  2.101   14.485  1.00 19.90 ? 42  ALA A O   1 
ATOM   313  C CB  . ALA A 1 42  ? -4.301  4.777   13.947  1.00 18.45 ? 42  ALA A CB  1 
ATOM   314  N N   . ARG A 1 43  ? -3.995  1.501   13.113  1.00 17.90 ? 43  ARG A N   1 
ATOM   315  C CA  . ARG A 1 43  ? -3.915  0.147   13.652  1.00 18.72 ? 43  ARG A CA  1 
ATOM   316  C C   . ARG A 1 43  ? -2.456  -0.295  13.744  1.00 18.43 ? 43  ARG A C   1 
ATOM   317  O O   . ARG A 1 43  ? -1.620  0.106   12.927  1.00 19.22 ? 43  ARG A O   1 
ATOM   318  C CB  . ARG A 1 43  ? -4.717  -0.819  12.769  1.00 17.50 ? 43  ARG A CB  1 
ATOM   319  C CG  . ARG A 1 43  ? -6.231  -0.690  12.900  1.00 17.03 ? 43  ARG A CG  1 
ATOM   320  C CD  . ARG A 1 43  ? -6.714  -1.268  14.226  1.00 18.07 ? 43  ARG A CD  1 
ATOM   321  N NE  . ARG A 1 43  ? -8.168  -1.246  14.392  1.00 18.01 ? 43  ARG A NE  1 
ATOM   322  C CZ  . ARG A 1 43  ? -8.891  -0.156  14.636  1.00 18.61 ? 43  ARG A CZ  1 
ATOM   323  N NH1 . ARG A 1 43  ? -8.309  1.032   14.742  1.00 15.01 ? 43  ARG A NH1 1 
ATOM   324  N NH2 . ARG A 1 43  ? -10.203 -0.255  14.791  1.00 16.40 ? 43  ARG A NH2 1 
ATOM   325  N N   . PRO A 1 44  ? -2.127  -1.133  14.737  1.00 18.38 ? 44  PRO A N   1 
ATOM   326  C CA  . PRO A 1 44  ? -0.740  -1.579  14.871  1.00 18.15 ? 44  PRO A CA  1 
ATOM   327  C C   . PRO A 1 44  ? -0.347  -2.770  14.000  1.00 18.91 ? 44  PRO A C   1 
ATOM   328  O O   . PRO A 1 44  ? -1.186  -3.607  13.650  1.00 17.20 ? 44  PRO A O   1 
ATOM   329  C CB  . PRO A 1 44  ? -0.640  -1.904  16.357  1.00 17.55 ? 44  PRO A CB  1 
ATOM   330  C CG  . PRO A 1 44  ? -1.989  -2.504  16.637  1.00 19.26 ? 44  PRO A CG  1 
ATOM   331  C CD  . PRO A 1 44  ? -2.935  -1.559  15.898  1.00 18.04 ? 44  PRO A CD  1 
ATOM   332  N N   . VAL A 1 45  ? 0.937   -2.836  13.651  1.00 19.59 ? 45  VAL A N   1 
ATOM   333  C CA  . VAL A 1 45  ? 1.469   -3.952  12.877  1.00 20.17 ? 45  VAL A CA  1 
ATOM   334  C C   . VAL A 1 45  ? 1.875   -4.969  13.938  1.00 22.24 ? 45  VAL A C   1 
ATOM   335  O O   . VAL A 1 45  ? 2.590   -4.623  14.875  1.00 23.24 ? 45  VAL A O   1 
ATOM   336  C CB  . VAL A 1 45  ? 2.711   -3.550  12.054  1.00 21.56 ? 45  VAL A CB  1 
ATOM   337  C CG1 . VAL A 1 45  ? 3.383   -4.806  11.468  1.00 21.91 ? 45  VAL A CG1 1 
ATOM   338  C CG2 . VAL A 1 45  ? 2.302   -2.613  10.926  1.00 20.11 ? 45  VAL A CG2 1 
ATOM   339  N N   . VAL A 1 46  ? 1.413   -6.210  13.803  1.00 22.41 ? 46  VAL A N   1 
ATOM   340  C CA  . VAL A 1 46  ? 1.715   -7.242  14.788  1.00 22.68 ? 46  VAL A CA  1 
ATOM   341  C C   . VAL A 1 46  ? 2.521   -8.419  14.247  1.00 23.33 ? 46  VAL A C   1 
ATOM   342  O O   . VAL A 1 46  ? 2.882   -9.328  14.994  1.00 22.89 ? 46  VAL A O   1 
ATOM   343  C CB  . VAL A 1 46  ? 0.419   -7.776  15.426  1.00 22.80 ? 46  VAL A CB  1 
ATOM   344  C CG1 . VAL A 1 46  ? -0.358  -6.624  16.050  1.00 20.00 ? 46  VAL A CG1 1 
ATOM   345  C CG2 . VAL A 1 46  ? -0.428  -8.473  14.382  1.00 23.98 ? 46  VAL A CG2 1 
ATOM   346  N N   . SER A 1 47  ? 2.807   -8.406  12.951  1.00 24.92 ? 47  SER A N   1 
ATOM   347  C CA  . SER A 1 47  ? 3.592   -9.476  12.354  1.00 25.45 ? 47  SER A CA  1 
ATOM   348  C C   . SER A 1 47  ? 4.316   -8.915  11.128  1.00 26.10 ? 47  SER A C   1 
ATOM   349  O O   . SER A 1 47  ? 3.773   -8.071  10.418  1.00 25.69 ? 47  SER A O   1 
ATOM   350  C CB  . SER A 1 47  ? 2.676   -10.649 11.976  1.00 26.95 ? 47  SER A CB  1 
ATOM   351  O OG  . SER A 1 47  ? 3.409   -11.857 11.871  1.00 28.94 ? 47  SER A OG  1 
ATOM   352  N N   . TRP A 1 48  ? 5.543   -9.380  10.894  1.00 25.28 ? 48  TRP A N   1 
ATOM   353  C CA  . TRP A 1 48  ? 6.359   -8.907  9.773   1.00 24.48 ? 48  TRP A CA  1 
ATOM   354  C C   . TRP A 1 48  ? 6.791   -10.047 8.847   1.00 24.99 ? 48  TRP A C   1 
ATOM   355  O O   . TRP A 1 48  ? 7.304   -11.068 9.311   1.00 24.48 ? 48  TRP A O   1 
ATOM   356  C CB  . TRP A 1 48  ? 7.607   -8.212  10.320  1.00 23.36 ? 48  TRP A CB  1 
ATOM   357  C CG  . TRP A 1 48  ? 7.316   -7.123  11.304  1.00 23.66 ? 48  TRP A CG  1 
ATOM   358  C CD1 . TRP A 1 48  ? 7.323   -5.777  11.066  1.00 21.39 ? 48  TRP A CD1 1 
ATOM   359  C CD2 . TRP A 1 48  ? 6.970   -7.282  12.689  1.00 23.48 ? 48  TRP A CD2 1 
ATOM   360  N NE1 . TRP A 1 48  ? 7.010   -5.092  12.213  1.00 20.77 ? 48  TRP A NE1 1 
ATOM   361  C CE2 . TRP A 1 48  ? 6.788   -5.990  13.223  1.00 22.24 ? 48  TRP A CE2 1 
ATOM   362  C CE3 . TRP A 1 48  ? 6.798   -8.392  13.529  1.00 24.78 ? 48  TRP A CE3 1 
ATOM   363  C CZ2 . TRP A 1 48  ? 6.441   -5.774  14.568  1.00 22.40 ? 48  TRP A CZ2 1 
ATOM   364  C CZ3 . TRP A 1 48  ? 6.452   -8.179  14.861  1.00 23.58 ? 48  TRP A CZ3 1 
ATOM   365  C CH2 . TRP A 1 48  ? 6.278   -6.879  15.367  1.00 22.68 ? 48  TRP A CH2 1 
ATOM   366  N N   . PHE A 1 49  ? 6.615   -9.870  7.539   1.00 23.71 ? 49  PHE A N   1 
ATOM   367  C CA  . PHE A 1 49  ? 6.995   -10.920 6.599   1.00 25.44 ? 49  PHE A CA  1 
ATOM   368  C C   . PHE A 1 49  ? 7.936   -10.512 5.473   1.00 24.20 ? 49  PHE A C   1 
ATOM   369  O O   . PHE A 1 49  ? 7.654   -9.580  4.719   1.00 22.93 ? 49  PHE A O   1 
ATOM   370  C CB  . PHE A 1 49  ? 5.748   -11.556 5.977   1.00 26.03 ? 49  PHE A CB  1 
ATOM   371  C CG  . PHE A 1 49  ? 4.751   -12.048 6.986   1.00 27.55 ? 49  PHE A CG  1 
ATOM   372  C CD1 . PHE A 1 49  ? 3.656   -11.266 7.338   1.00 28.32 ? 49  PHE A CD1 1 
ATOM   373  C CD2 . PHE A 1 49  ? 4.922   -13.282 7.606   1.00 27.00 ? 49  PHE A CD2 1 
ATOM   374  C CE1 . PHE A 1 49  ? 2.740   -11.707 8.297   1.00 29.03 ? 49  PHE A CE1 1 
ATOM   375  C CE2 . PHE A 1 49  ? 4.016   -13.732 8.564   1.00 28.45 ? 49  PHE A CE2 1 
ATOM   376  C CZ  . PHE A 1 49  ? 2.923   -12.943 8.910   1.00 28.16 ? 49  PHE A CZ  1 
ATOM   377  N N   . ASP A 1 50  ? 9.058   -11.221 5.376   1.00 24.18 ? 50  ASP A N   1 
ATOM   378  C CA  . ASP A 1 50  ? 10.041  -11.000 4.321   1.00 24.88 ? 50  ASP A CA  1 
ATOM   379  C C   . ASP A 1 50  ? 9.663   -12.069 3.305   1.00 25.49 ? 50  ASP A C   1 
ATOM   380  O O   . ASP A 1 50  ? 9.897   -13.258 3.528   1.00 25.58 ? 50  ASP A O   1 
ATOM   381  C CB  . ASP A 1 50  ? 11.465  -11.247 4.827   1.00 25.62 ? 50  ASP A CB  1 
ATOM   382  C CG  . ASP A 1 50  ? 12.519  -10.969 3.764   1.00 26.95 ? 50  ASP A CG  1 
ATOM   383  O OD1 . ASP A 1 50  ? 12.282  -11.323 2.592   1.00 26.74 ? 50  ASP A OD1 1 
ATOM   384  O OD2 . ASP A 1 50  ? 13.584  -10.404 4.097   1.00 27.23 ? 50  ASP A OD2 1 
ATOM   385  N N   . GLN A 1 51  ? 9.070   -11.644 2.196   1.00 25.76 ? 51  GLN A N   1 
ATOM   386  C CA  . GLN A 1 51  ? 8.610   -12.560 1.158   1.00 26.69 ? 51  GLN A CA  1 
ATOM   387  C C   . GLN A 1 51  ? 9.656   -12.940 0.114   1.00 27.25 ? 51  GLN A C   1 
ATOM   388  O O   . GLN A 1 51  ? 9.378   -13.732 -0.791  1.00 26.63 ? 51  GLN A O   1 
ATOM   389  C CB  . GLN A 1 51  ? 7.390   -11.952 0.463   1.00 28.61 ? 51  GLN A CB  1 
ATOM   390  C CG  . GLN A 1 51  ? 6.264   -11.586 1.416   1.00 31.38 ? 51  GLN A CG  1 
ATOM   391  C CD  . GLN A 1 51  ? 5.596   -12.803 2.021   1.00 34.73 ? 51  GLN A CD  1 
ATOM   392  O OE1 . GLN A 1 51  ? 4.636   -12.683 2.780   1.00 37.50 ? 51  GLN A OE1 1 
ATOM   393  N NE2 . GLN A 1 51  ? 6.101   -13.989 1.688   1.00 37.92 ? 51  GLN A NE2 1 
ATOM   394  N N   . GLY A 1 52  ? 10.852  -12.373 0.228   1.00 27.47 ? 52  GLY A N   1 
ATOM   395  C CA  . GLY A 1 52  ? 11.900  -12.693 -0.725  1.00 28.66 ? 52  GLY A CA  1 
ATOM   396  C C   . GLY A 1 52  ? 11.792  -11.857 -1.982  1.00 29.81 ? 52  GLY A C   1 
ATOM   397  O O   . GLY A 1 52  ? 10.988  -10.932 -2.044  1.00 28.45 ? 52  GLY A O   1 
ATOM   398  N N   . THR A 1 53  ? 12.593  -12.187 -2.991  1.00 30.13 ? 53  THR A N   1 
ATOM   399  C CA  . THR A 1 53  ? 12.585  -11.441 -4.245  1.00 31.53 ? 53  THR A CA  1 
ATOM   400  C C   . THR A 1 53  ? 11.553  -11.977 -5.230  1.00 30.91 ? 53  THR A C   1 
ATOM   401  O O   . THR A 1 53  ? 11.498  -13.179 -5.502  1.00 30.40 ? 53  THR A O   1 
ATOM   402  C CB  . THR A 1 53  ? 13.980  -11.461 -4.905  1.00 33.34 ? 53  THR A CB  1 
ATOM   403  O OG1 . THR A 1 53  ? 14.916  -10.790 -4.052  1.00 36.07 ? 53  THR A OG1 1 
ATOM   404  C CG2 . THR A 1 53  ? 13.947  -10.755 -6.260  1.00 34.99 ? 53  THR A CG2 1 
ATOM   405  N N   . ARG A 1 54  ? 10.737  -11.068 -5.757  1.00 29.99 ? 54  ARG A N   1 
ATOM   406  C CA  . ARG A 1 54  ? 9.690   -11.414 -6.717  1.00 28.93 ? 54  ARG A CA  1 
ATOM   407  C C   . ARG A 1 54  ? 9.465   -10.286 -7.716  1.00 26.40 ? 54  ARG A C   1 
ATOM   408  O O   . ARG A 1 54  ? 9.987   -9.176  -7.559  1.00 23.83 ? 54  ARG A O   1 
ATOM   409  C CB  . ARG A 1 54  ? 8.363   -11.656 -6.003  1.00 31.18 ? 54  ARG A CB  1 
ATOM   410  C CG  . ARG A 1 54  ? 8.408   -12.678 -4.911  1.00 37.65 ? 54  ARG A CG  1 
ATOM   411  C CD  . ARG A 1 54  ? 7.066   -12.757 -4.234  1.00 40.74 ? 54  ARG A CD  1 
ATOM   412  N NE  . ARG A 1 54  ? 7.049   -13.805 -3.226  1.00 45.55 ? 54  ARG A NE  1 
ATOM   413  C CZ  . ARG A 1 54  ? 5.989   -14.110 -2.488  1.00 47.25 ? 54  ARG A CZ  1 
ATOM   414  N NH1 . ARG A 1 54  ? 4.855   -13.441 -2.649  1.00 49.57 ? 54  ARG A NH1 1 
ATOM   415  N NH2 . ARG A 1 54  ? 6.068   -15.080 -1.591  1.00 47.96 ? 54  ARG A NH2 1 
ATOM   416  N N   . ASP A 1 55  ? 8.669   -10.575 -8.737  1.00 24.02 ? 55  ASP A N   1 
ATOM   417  C CA  . ASP A 1 55  ? 8.338   -9.571  -9.732  1.00 24.32 ? 55  ASP A CA  1 
ATOM   418  C C   . ASP A 1 55  ? 7.269   -8.637  -9.170  1.00 22.32 ? 55  ASP A C   1 
ATOM   419  O O   . ASP A 1 55  ? 6.277   -9.085  -8.602  1.00 21.82 ? 55  ASP A O   1 
ATOM   420  C CB  . ASP A 1 55  ? 7.792   -10.221 -10.999 1.00 27.37 ? 55  ASP A CB  1 
ATOM   421  C CG  . ASP A 1 55  ? 8.872   -10.863 -11.837 1.00 30.91 ? 55  ASP A CG  1 
ATOM   422  O OD1 . ASP A 1 55  ? 10.006  -10.337 -11.858 1.00 32.68 ? 55  ASP A OD1 1 
ATOM   423  O OD2 . ASP A 1 55  ? 8.572   -11.881 -12.487 1.00 34.10 ? 55  ASP A OD2 1 
ATOM   424  N N   . VAL A 1 56  ? 7.486   -7.340  -9.327  1.00 21.19 ? 56  VAL A N   1 
ATOM   425  C CA  . VAL A 1 56  ? 6.525   -6.346  -8.879  1.00 20.69 ? 56  VAL A CA  1 
ATOM   426  C C   . VAL A 1 56  ? 6.253   -5.400  -10.045 1.00 20.02 ? 56  VAL A C   1 
ATOM   427  O O   . VAL A 1 56  ? 7.166   -5.052  -10.796 1.00 21.68 ? 56  VAL A O   1 
ATOM   428  C CB  . VAL A 1 56  ? 7.059   -5.535  -7.677  1.00 20.65 ? 56  VAL A CB  1 
ATOM   429  C CG1 . VAL A 1 56  ? 7.259   -6.463  -6.484  1.00 17.07 ? 56  VAL A CG1 1 
ATOM   430  C CG2 . VAL A 1 56  ? 8.366   -4.839  -8.041  1.00 19.52 ? 56  VAL A CG2 1 
ATOM   431  N N   . ILE A 1 57  ? 4.991   -5.026  -10.215 1.00 18.94 ? 57  ILE A N   1 
ATOM   432  C CA  . ILE A 1 57  ? 4.596   -4.100  -11.267 1.00 18.12 ? 57  ILE A CA  1 
ATOM   433  C C   . ILE A 1 57  ? 4.403   -2.743  -10.611 1.00 19.43 ? 57  ILE A C   1 
ATOM   434  O O   . ILE A 1 57  ? 4.293   -2.647  -9.379  1.00 15.83 ? 57  ILE A O   1 
ATOM   435  C CB  . ILE A 1 57  ? 3.275   -4.521  -11.943 1.00 19.16 ? 57  ILE A CB  1 
ATOM   436  C CG1 . ILE A 1 57  ? 2.148   -4.593  -10.911 1.00 19.37 ? 57  ILE A CG1 1 
ATOM   437  C CG2 . ILE A 1 57  ? 3.457   -5.858  -12.639 1.00 20.05 ? 57  ILE A CG2 1 
ATOM   438  C CD1 . ILE A 1 57  ? 0.776   -4.869  -11.514 1.00 17.81 ? 57  ILE A CD1 1 
ATOM   439  N N   . GLY A 1 58  ? 4.379   -1.694  -11.423 1.00 17.68 ? 58  GLY A N   1 
ATOM   440  C CA  . GLY A 1 58  ? 4.205   -0.367  -10.876 1.00 16.25 ? 58  GLY A CA  1 
ATOM   441  C C   . GLY A 1 58  ? 2.925   0.306   -11.332 1.00 16.23 ? 58  GLY A C   1 
ATOM   442  O O   . GLY A 1 58  ? 2.563   0.251   -12.513 1.00 17.54 ? 58  GLY A O   1 
ATOM   443  N N   . LEU A 1 59  ? 2.221   0.922   -10.389 1.00 14.55 ? 59  LEU A N   1 
ATOM   444  C CA  . LEU A 1 59  ? 0.997   1.638   -10.713 1.00 15.86 ? 59  LEU A CA  1 
ATOM   445  C C   . LEU A 1 59  ? 1.275   3.115   -10.476 1.00 16.51 ? 59  LEU A C   1 
ATOM   446  O O   . LEU A 1 59  ? 1.289   3.568   -9.334  1.00 17.08 ? 59  LEU A O   1 
ATOM   447  C CB  . LEU A 1 59  ? -0.163  1.187   -9.823  1.00 17.08 ? 59  LEU A CB  1 
ATOM   448  C CG  . LEU A 1 59  ? -0.556  -0.290  -9.917  1.00 18.33 ? 59  LEU A CG  1 
ATOM   449  C CD1 . LEU A 1 59  ? -1.699  -0.570  -8.962  1.00 21.05 ? 59  LEU A CD1 1 
ATOM   450  C CD2 . LEU A 1 59  ? -0.959  -0.629  -11.341 1.00 19.42 ? 59  LEU A CD2 1 
ATOM   451  N N   . ARG A 1 60  ? 1.517   3.846   -11.560 1.00 15.23 ? 60  ARG A N   1 
ATOM   452  C CA  . ARG A 1 60  ? 1.789   5.279   -11.493 1.00 16.74 ? 60  ARG A CA  1 
ATOM   453  C C   . ARG A 1 60  ? 0.446   5.988   -11.353 1.00 18.84 ? 60  ARG A C   1 
ATOM   454  O O   . ARG A 1 60  ? -0.416  5.863   -12.222 1.00 18.69 ? 60  ARG A O   1 
ATOM   455  C CB  . ARG A 1 60  ? 2.490   5.740   -12.776 1.00 17.69 ? 60  ARG A CB  1 
ATOM   456  C CG  . ARG A 1 60  ? 2.747   7.241   -12.846 1.00 21.00 ? 60  ARG A CG  1 
ATOM   457  C CD  . ARG A 1 60  ? 3.785   7.681   -11.831 1.00 22.75 ? 60  ARG A CD  1 
ATOM   458  N NE  . ARG A 1 60  ? 5.113   7.165   -12.162 1.00 24.10 ? 60  ARG A NE  1 
ATOM   459  C CZ  . ARG A 1 60  ? 6.185   7.321   -11.390 1.00 28.42 ? 60  ARG A CZ  1 
ATOM   460  N NH1 . ARG A 1 60  ? 6.086   7.977   -10.240 1.00 28.54 ? 60  ARG A NH1 1 
ATOM   461  N NH2 . ARG A 1 60  ? 7.356   6.823   -11.767 1.00 27.50 ? 60  ARG A NH2 1 
ATOM   462  N N   . ILE A 1 61  ? 0.273   6.738   -10.267 1.00 19.25 ? 61  ILE A N   1 
ATOM   463  C CA  . ILE A 1 61  ? -0.994  7.422   -10.025 1.00 21.51 ? 61  ILE A CA  1 
ATOM   464  C C   . ILE A 1 61  ? -0.977  8.898   -10.388 1.00 23.38 ? 61  ILE A C   1 
ATOM   465  O O   . ILE A 1 61  ? 0.072   9.541   -10.361 1.00 24.71 ? 61  ILE A O   1 
ATOM   466  C CB  . ILE A 1 61  ? -1.418  7.304   -8.538  1.00 21.71 ? 61  ILE A CB  1 
ATOM   467  C CG1 . ILE A 1 61  ? -1.399  5.837   -8.101  1.00 23.91 ? 61  ILE A CG1 1 
ATOM   468  C CG2 . ILE A 1 61  ? -2.824  7.865   -8.348  1.00 20.26 ? 61  ILE A CG2 1 
ATOM   469  C CD1 . ILE A 1 61  ? -2.256  4.926   -8.953  1.00 24.59 ? 61  ILE A CD1 1 
ATOM   470  N N   . ALA A 1 62  ? -2.149  9.425   -10.731 1.00 24.08 ? 62  ALA A N   1 
ATOM   471  C CA  . ALA A 1 62  ? -2.273  10.832  -11.070 1.00 24.50 ? 62  ALA A CA  1 
ATOM   472  C C   . ALA A 1 62  ? -1.654  11.579  -9.904  1.00 24.72 ? 62  ALA A C   1 
ATOM   473  O O   . ALA A 1 62  ? -1.969  11.309  -8.752  1.00 24.18 ? 62  ALA A O   1 
ATOM   474  C CB  . ALA A 1 62  ? -3.736  11.214  -11.228 1.00 24.97 ? 62  ALA A CB  1 
ATOM   475  N N   . GLY A 1 63  ? -0.758  12.509  -10.203 1.00 26.69 ? 63  GLY A N   1 
ATOM   476  C CA  . GLY A 1 63  ? -0.101  13.248  -9.143  1.00 27.26 ? 63  GLY A CA  1 
ATOM   477  C C   . GLY A 1 63  ? 1.379   12.928  -9.158  1.00 28.40 ? 63  GLY A C   1 
ATOM   478  O O   . GLY A 1 63  ? 2.207   13.754  -8.770  1.00 30.49 ? 63  GLY A O   1 
ATOM   479  N N   . GLY A 1 64  ? 1.713   11.720  -9.607  1.00 27.75 ? 64  GLY A N   1 
ATOM   480  C CA  . GLY A 1 64  ? 3.105   11.320  -9.680  1.00 25.60 ? 64  GLY A CA  1 
ATOM   481  C C   . GLY A 1 64  ? 3.542   10.159  -8.800  1.00 24.11 ? 64  GLY A C   1 
ATOM   482  O O   . GLY A 1 64  ? 4.603   9.589   -9.033  1.00 25.52 ? 64  GLY A O   1 
ATOM   483  N N   . ALA A 1 65  ? 2.752   9.799   -7.794  1.00 23.82 ? 65  ALA A N   1 
ATOM   484  C CA  . ALA A 1 65  ? 3.134   8.689   -6.916  1.00 23.00 ? 65  ALA A CA  1 
ATOM   485  C C   . ALA A 1 65  ? 3.144   7.358   -7.669  1.00 23.10 ? 65  ALA A C   1 
ATOM   486  O O   . ALA A 1 65  ? 2.497   7.212   -8.705  1.00 20.42 ? 65  ALA A O   1 
ATOM   487  C CB  . ALA A 1 65  ? 2.180   8.603   -5.733  1.00 25.12 ? 65  ALA A CB  1 
ATOM   488  N N   . ILE A 1 66  ? 3.892   6.390   -7.156  1.00 21.94 ? 66  ILE A N   1 
ATOM   489  C CA  . ILE A 1 66  ? 3.943   5.083   -7.793  1.00 22.15 ? 66  ILE A CA  1 
ATOM   490  C C   . ILE A 1 66  ? 4.047   3.951   -6.785  1.00 21.09 ? 66  ILE A C   1 
ATOM   491  O O   . ILE A 1 66  ? 4.909   3.959   -5.904  1.00 21.73 ? 66  ILE A O   1 
ATOM   492  C CB  . ILE A 1 66  ? 5.109   4.976   -8.798  1.00 23.01 ? 66  ILE A CB  1 
ATOM   493  C CG1 . ILE A 1 66  ? 5.058   3.611   -9.488  1.00 22.73 ? 66  ILE A CG1 1 
ATOM   494  C CG2 . ILE A 1 66  ? 6.435   5.174   -8.090  1.00 23.72 ? 66  ILE A CG2 1 
ATOM   495  C CD1 . ILE A 1 66  ? 5.920   3.511   -10.736 1.00 25.85 ? 66  ILE A CD1 1 
ATOM   496  N N   . LEU A 1 67  ? 3.143   2.984   -6.916  1.00 19.52 ? 67  LEU A N   1 
ATOM   497  C CA  . LEU A 1 67  ? 3.108   1.823   -6.036  1.00 19.77 ? 67  LEU A CA  1 
ATOM   498  C C   . LEU A 1 67  ? 3.688   0.611   -6.750  1.00 18.13 ? 67  LEU A C   1 
ATOM   499  O O   . LEU A 1 67  ? 3.295   0.300   -7.870  1.00 18.71 ? 67  LEU A O   1 
ATOM   500  C CB  . LEU A 1 67  ? 1.664   1.516   -5.627  1.00 20.49 ? 67  LEU A CB  1 
ATOM   501  C CG  . LEU A 1 67  ? 1.405   0.230   -4.834  1.00 21.35 ? 67  LEU A CG  1 
ATOM   502  C CD1 . LEU A 1 67  ? 1.877   0.410   -3.399  1.00 24.14 ? 67  LEU A CD1 1 
ATOM   503  C CD2 . LEU A 1 67  ? -0.081  -0.097  -4.865  1.00 22.93 ? 67  LEU A CD2 1 
ATOM   504  N N   . TRP A 1 68  ? 4.642   -0.054  -6.107  1.00 17.12 ? 68  TRP A N   1 
ATOM   505  C CA  . TRP A 1 68  ? 5.247   -1.250  -6.666  1.00 18.15 ? 68  TRP A CA  1 
ATOM   506  C C   . TRP A 1 68  ? 4.820   -2.444  -5.814  1.00 18.06 ? 68  TRP A C   1 
ATOM   507  O O   . TRP A 1 68  ? 5.180   -2.545  -4.637  1.00 18.25 ? 68  TRP A O   1 
ATOM   508  C CB  . TRP A 1 68  ? 6.776   -1.138  -6.682  1.00 17.58 ? 68  TRP A CB  1 
ATOM   509  C CG  . TRP A 1 68  ? 7.296   -0.150  -7.674  1.00 19.25 ? 68  TRP A CG  1 
ATOM   510  C CD1 . TRP A 1 68  ? 7.663   1.146   -7.433  1.00 17.57 ? 68  TRP A CD1 1 
ATOM   511  C CD2 . TRP A 1 68  ? 7.518   -0.378  -9.073  1.00 17.32 ? 68  TRP A CD2 1 
ATOM   512  N NE1 . TRP A 1 68  ? 8.102   1.736   -8.598  1.00 18.06 ? 68  TRP A NE1 1 
ATOM   513  C CE2 . TRP A 1 68  ? 8.021   0.824   -9.619  1.00 18.60 ? 68  TRP A CE2 1 
ATOM   514  C CE3 . TRP A 1 68  ? 7.337   -1.480  -9.917  1.00 17.32 ? 68  TRP A CE3 1 
ATOM   515  C CZ2 . TRP A 1 68  ? 8.349   0.954   -10.975 1.00 17.85 ? 68  TRP A CZ2 1 
ATOM   516  C CZ3 . TRP A 1 68  ? 7.663   -1.350  -11.273 1.00 17.53 ? 68  TRP A CZ3 1 
ATOM   517  C CH2 . TRP A 1 68  ? 8.164   -0.139  -11.784 1.00 18.40 ? 68  TRP A CH2 1 
ATOM   518  N N   . ALA A 1 69  ? 4.039   -3.338  -6.405  1.00 16.39 ? 69  ALA A N   1 
ATOM   519  C CA  . ALA A 1 69  ? 3.559   -4.511  -5.692  1.00 16.75 ? 69  ALA A CA  1 
ATOM   520  C C   . ALA A 1 69  ? 3.491   -5.693  -6.636  1.00 17.06 ? 69  ALA A C   1 
ATOM   521  O O   . ALA A 1 69  ? 3.584   -5.529  -7.854  1.00 17.81 ? 69  ALA A O   1 
ATOM   522  C CB  . ALA A 1 69  ? 2.177   -4.229  -5.113  1.00 16.40 ? 69  ALA A CB  1 
ATOM   523  N N   . THR A 1 70  ? 3.342   -6.891  -6.080  1.00 18.78 ? 70  THR A N   1 
ATOM   524  C CA  . THR A 1 70  ? 3.220   -8.078  -6.914  1.00 19.13 ? 70  THR A CA  1 
ATOM   525  C C   . THR A 1 70  ? 1.890   -7.936  -7.651  1.00 20.01 ? 70  THR A C   1 
ATOM   526  O O   . THR A 1 70  ? 0.987   -7.230  -7.189  1.00 21.08 ? 70  THR A O   1 
ATOM   527  C CB  . THR A 1 70  ? 3.206   -9.366  -6.065  1.00 20.15 ? 70  THR A CB  1 
ATOM   528  O OG1 . THR A 1 70  ? 2.251   -9.228  -5.007  1.00 20.67 ? 70  THR A OG1 1 
ATOM   529  C CG2 . THR A 1 70  ? 4.581   -9.627  -5.470  1.00 20.23 ? 70  THR A CG2 1 
ATOM   530  N N   . PRO A 1 71  ? 1.748   -8.589  -8.811  1.00 20.08 ? 71  PRO A N   1 
ATOM   531  C CA  . PRO A 1 71  ? 0.487   -8.476  -9.553  1.00 20.52 ? 71  PRO A CA  1 
ATOM   532  C C   . PRO A 1 71  ? -0.738  -8.999  -8.813  1.00 20.05 ? 71  PRO A C   1 
ATOM   533  O O   . PRO A 1 71  ? -1.869  -8.633  -9.137  1.00 19.58 ? 71  PRO A O   1 
ATOM   534  C CB  . PRO A 1 71  ? 0.769   -9.252  -10.841 1.00 21.67 ? 71  PRO A CB  1 
ATOM   535  C CG  . PRO A 1 71  ? 1.787   -10.245 -10.425 1.00 22.23 ? 71  PRO A CG  1 
ATOM   536  C CD  . PRO A 1 71  ? 2.706   -9.439  -9.536  1.00 20.67 ? 71  PRO A CD  1 
ATOM   537  N N   . ASP A 1 72  ? -0.525  -9.847  -7.811  1.00 20.15 ? 72  ASP A N   1 
ATOM   538  C CA  . ASP A 1 72  ? -1.655  -10.387 -7.077  1.00 20.20 ? 72  ASP A CA  1 
ATOM   539  C C   . ASP A 1 72  ? -1.976  -9.615  -5.803  1.00 19.73 ? 72  ASP A C   1 
ATOM   540  O O   . ASP A 1 72  ? -2.896  -9.980  -5.073  1.00 20.16 ? 72  ASP A O   1 
ATOM   541  C CB  . ASP A 1 72  ? -1.430  -11.875 -6.767  1.00 21.56 ? 72  ASP A CB  1 
ATOM   542  C CG  . ASP A 1 72  ? -0.216  -12.125 -5.885  1.00 22.64 ? 72  ASP A CG  1 
ATOM   543  O OD1 . ASP A 1 72  ? 0.684   -11.258 -5.811  1.00 24.74 ? 72  ASP A OD1 1 
ATOM   544  O OD2 . ASP A 1 72  ? -0.157  -13.209 -5.274  1.00 22.99 ? 72  ASP A OD2 1 
ATOM   545  N N   . HIS A 1 73  ? -1.237  -8.540  -5.532  1.00 17.55 ? 73  HIS A N   1 
ATOM   546  C CA  . HIS A 1 73  ? -1.514  -7.763  -4.325  1.00 18.97 ? 73  HIS A CA  1 
ATOM   547  C C   . HIS A 1 73  ? -2.817  -6.996  -4.537  1.00 18.68 ? 73  HIS A C   1 
ATOM   548  O O   . HIS A 1 73  ? -3.027  -6.393  -5.594  1.00 18.60 ? 73  HIS A O   1 
ATOM   549  C CB  . HIS A 1 73  ? -0.388  -6.775  -4.022  1.00 20.20 ? 73  HIS A CB  1 
ATOM   550  C CG  . HIS A 1 73  ? -0.380  -6.306  -2.599  1.00 20.08 ? 73  HIS A CG  1 
ATOM   551  N ND1 . HIS A 1 73  ? 0.234   -7.013  -1.586  1.00 20.82 ? 73  HIS A ND1 1 
ATOM   552  C CD2 . HIS A 1 73  ? -0.984  -5.249  -2.006  1.00 21.49 ? 73  HIS A CD2 1 
ATOM   553  C CE1 . HIS A 1 73  ? 0.005   -6.413  -0.432  1.00 21.81 ? 73  HIS A CE1 1 
ATOM   554  N NE2 . HIS A 1 73  ? -0.732  -5.340  -0.658  1.00 21.43 ? 73  HIS A NE2 1 
ATOM   555  N N   . LYS A 1 74  ? -3.689  -7.019  -3.535  1.00 19.08 ? 74  LYS A N   1 
ATOM   556  C CA  . LYS A 1 74  ? -4.978  -6.350  -3.637  1.00 20.02 ? 74  LYS A CA  1 
ATOM   557  C C   . LYS A 1 74  ? -4.949  -4.857  -3.303  1.00 18.54 ? 74  LYS A C   1 
ATOM   558  O O   . LYS A 1 74  ? -4.315  -4.430  -2.342  1.00 18.05 ? 74  LYS A O   1 
ATOM   559  C CB  . LYS A 1 74  ? -6.010  -7.071  -2.757  1.00 22.54 ? 74  LYS A CB  1 
ATOM   560  C CG  . LYS A 1 74  ? -6.287  -8.495  -3.211  1.00 25.01 ? 74  LYS A CG  1 
ATOM   561  C CD  . LYS A 1 74  ? -7.318  -9.179  -2.336  1.00 28.97 ? 74  LYS A CD  1 
ATOM   562  C CE  . LYS A 1 74  ? -7.472  -10.643 -2.725  1.00 31.12 ? 74  LYS A CE  1 
ATOM   563  N NZ  . LYS A 1 74  ? -6.202  -11.429 -2.584  1.00 29.71 ? 74  LYS A NZ  1 
ATOM   564  N N   . VAL A 1 75  ? -5.656  -4.083  -4.119  1.00 17.65 ? 75  VAL A N   1 
ATOM   565  C CA  . VAL A 1 75  ? -5.744  -2.638  -3.974  1.00 17.24 ? 75  VAL A CA  1 
ATOM   566  C C   . VAL A 1 75  ? -7.216  -2.249  -3.893  1.00 16.84 ? 75  VAL A C   1 
ATOM   567  O O   . VAL A 1 75  ? -8.047  -2.850  -4.579  1.00 18.87 ? 75  VAL A O   1 
ATOM   568  C CB  . VAL A 1 75  ? -5.128  -1.930  -5.211  1.00 18.09 ? 75  VAL A CB  1 
ATOM   569  C CG1 . VAL A 1 75  ? -5.089  -0.424  -4.990  1.00 15.67 ? 75  VAL A CG1 1 
ATOM   570  C CG2 . VAL A 1 75  ? -3.732  -2.481  -5.497  1.00 18.69 ? 75  VAL A CG2 1 
ATOM   571  N N   . LEU A 1 76  ? -7.549  -1.266  -3.058  1.00 15.90 ? 76  LEU A N   1 
ATOM   572  C CA  . LEU A 1 76  ? -8.940  -0.806  -2.963  1.00 17.64 ? 76  LEU A CA  1 
ATOM   573  C C   . LEU A 1 76  ? -9.181  0.153   -4.132  1.00 16.71 ? 76  LEU A C   1 
ATOM   574  O O   . LEU A 1 76  ? -8.488  1.162   -4.277  1.00 17.37 ? 76  LEU A O   1 
ATOM   575  C CB  . LEU A 1 76  ? -9.200  -0.078  -1.634  1.00 16.96 ? 76  LEU A CB  1 
ATOM   576  C CG  . LEU A 1 76  ? -10.567 0.610   -1.506  1.00 16.33 ? 76  LEU A CG  1 
ATOM   577  C CD1 . LEU A 1 76  ? -11.682 -0.407  -1.752  1.00 19.46 ? 76  LEU A CD1 1 
ATOM   578  C CD2 . LEU A 1 76  ? -10.709 1.230   -0.127  1.00 14.46 ? 76  LEU A CD2 1 
ATOM   579  N N   . THR A 1 77  ? -10.162 -0.164  -4.961  1.00 17.48 ? 77  THR A N   1 
ATOM   580  C CA  . THR A 1 77  ? -10.459 0.661   -6.119  1.00 20.02 ? 77  THR A CA  1 
ATOM   581  C C   . THR A 1 77  ? -11.912 1.113   -6.096  1.00 20.05 ? 77  THR A C   1 
ATOM   582  O O   . THR A 1 77  ? -12.674 0.734   -5.206  1.00 19.50 ? 77  THR A O   1 
ATOM   583  C CB  . THR A 1 77  ? -10.215 -0.119  -7.426  1.00 18.73 ? 77  THR A CB  1 
ATOM   584  O OG1 . THR A 1 77  ? -11.264 -1.076  -7.609  1.00 18.11 ? 77  THR A OG1 1 
ATOM   585  C CG2 . THR A 1 77  ? -8.886  -0.864  -7.361  1.00 19.99 ? 77  THR A CG2 1 
ATOM   586  N N   . GLU A 1 78  ? -12.284 1.914   -7.088  1.00 20.28 ? 78  GLU A N   1 
ATOM   587  C CA  . GLU A 1 78  ? -13.646 2.425   -7.213  1.00 21.23 ? 78  GLU A CA  1 
ATOM   588  C C   . GLU A 1 78  ? -14.649 1.285   -7.394  1.00 23.65 ? 78  GLU A C   1 
ATOM   589  O O   . GLU A 1 78  ? -15.849 1.462   -7.190  1.00 24.55 ? 78  GLU A O   1 
ATOM   590  C CB  . GLU A 1 78  ? -13.727 3.364   -8.409  1.00 23.03 ? 78  GLU A CB  1 
ATOM   591  C CG  . GLU A 1 78  ? -13.141 2.752   -9.668  1.00 21.66 ? 78  GLU A CG  1 
ATOM   592  C CD  . GLU A 1 78  ? -13.313 3.630   -10.879 1.00 22.38 ? 78  GLU A CD  1 
ATOM   593  O OE1 . GLU A 1 78  ? -12.574 3.411   -11.862 1.00 22.34 ? 78  GLU A OE1 1 
ATOM   594  O OE2 . GLU A 1 78  ? -14.188 4.524   -10.853 1.00 22.53 ? 78  GLU A OE2 1 
ATOM   595  N N   . TYR A 1 79  ? -14.158 0.115   -7.785  1.00 23.61 ? 79  TYR A N   1 
ATOM   596  C CA  . TYR A 1 79  ? -15.035 -1.030  -7.974  1.00 25.40 ? 79  TYR A CA  1 
ATOM   597  C C   . TYR A 1 79  ? -14.744 -2.130  -6.953  1.00 25.93 ? 79  TYR A C   1 
ATOM   598  O O   . TYR A 1 79  ? -15.049 -3.305  -7.180  1.00 26.51 ? 79  TYR A O   1 
ATOM   599  C CB  . TYR A 1 79  ? -14.898 -1.554  -9.405  1.00 25.74 ? 79  TYR A CB  1 
ATOM   600  C CG  . TYR A 1 79  ? -15.212 -0.500  -10.447 1.00 27.48 ? 79  TYR A CG  1 
ATOM   601  C CD1 . TYR A 1 79  ? -16.442 0.172   -10.444 1.00 27.96 ? 79  TYR A CD1 1 
ATOM   602  C CD2 . TYR A 1 79  ? -14.278 -0.163  -11.427 1.00 27.32 ? 79  TYR A CD2 1 
ATOM   603  C CE1 . TYR A 1 79  ? -16.731 1.157   -11.397 1.00 28.58 ? 79  TYR A CE1 1 
ATOM   604  C CE2 . TYR A 1 79  ? -14.557 0.818   -12.384 1.00 28.13 ? 79  TYR A CE2 1 
ATOM   605  C CZ  . TYR A 1 79  ? -15.781 1.473   -12.364 1.00 29.14 ? 79  TYR A CZ  1 
ATOM   606  O OH  . TYR A 1 79  ? -16.049 2.433   -13.314 1.00 27.91 ? 79  TYR A OH  1 
ATOM   607  N N   . GLY A 1 80  ? -14.161 -1.733  -5.823  1.00 25.39 ? 80  GLY A N   1 
ATOM   608  C CA  . GLY A 1 80  ? -13.842 -2.681  -4.769  1.00 25.21 ? 80  GLY A CA  1 
ATOM   609  C C   . GLY A 1 80  ? -12.408 -3.170  -4.797  1.00 25.15 ? 80  GLY A C   1 
ATOM   610  O O   . GLY A 1 80  ? -11.567 -2.610  -5.496  1.00 25.18 ? 80  GLY A O   1 
ATOM   611  N N   . TRP A 1 81  ? -12.123 -4.218  -4.032  1.00 25.44 ? 81  TRP A N   1 
ATOM   612  C CA  . TRP A 1 81  ? -10.775 -4.774  -3.978  1.00 24.91 ? 81  TRP A CA  1 
ATOM   613  C C   . TRP A 1 81  ? -10.448 -5.541  -5.246  1.00 23.62 ? 81  TRP A C   1 
ATOM   614  O O   . TRP A 1 81  ? -11.239 -6.363  -5.710  1.00 22.50 ? 81  TRP A O   1 
ATOM   615  C CB  . TRP A 1 81  ? -10.617 -5.694  -2.768  1.00 26.09 ? 81  TRP A CB  1 
ATOM   616  C CG  . TRP A 1 81  ? -10.657 -4.957  -1.489  1.00 28.28 ? 81  TRP A CG  1 
ATOM   617  C CD1 . TRP A 1 81  ? -11.750 -4.740  -0.703  1.00 29.34 ? 81  TRP A CD1 1 
ATOM   618  C CD2 . TRP A 1 81  ? -9.567  -4.270  -0.866  1.00 29.57 ? 81  TRP A CD2 1 
ATOM   619  N NE1 . TRP A 1 81  ? -11.406 -3.956  0.376   1.00 30.84 ? 81  TRP A NE1 1 
ATOM   620  C CE2 . TRP A 1 81  ? -10.073 -3.653  0.298   1.00 30.00 ? 81  TRP A CE2 1 
ATOM   621  C CE3 . TRP A 1 81  ? -8.209  -4.112  -1.179  1.00 31.04 ? 81  TRP A CE3 1 
ATOM   622  C CZ2 . TRP A 1 81  ? -9.267  -2.889  1.154   1.00 30.69 ? 81  TRP A CZ2 1 
ATOM   623  C CZ3 . TRP A 1 81  ? -7.407  -3.350  -0.325  1.00 31.12 ? 81  TRP A CZ3 1 
ATOM   624  C CH2 . TRP A 1 81  ? -7.943  -2.750  0.826   1.00 29.67 ? 81  TRP A CH2 1 
ATOM   625  N N   . ARG A 1 82  ? -9.276  -5.264  -5.807  1.00 23.50 ? 82  ARG A N   1 
ATOM   626  C CA  . ARG A 1 82  ? -8.840  -5.926  -7.031  1.00 23.88 ? 82  ARG A CA  1 
ATOM   627  C C   . ARG A 1 82  ? -7.326  -6.091  -7.079  1.00 22.82 ? 82  ARG A C   1 
ATOM   628  O O   . ARG A 1 82  ? -6.579  -5.236  -6.586  1.00 21.18 ? 82  ARG A O   1 
ATOM   629  C CB  . ARG A 1 82  ? -9.282  -5.124  -8.261  1.00 24.88 ? 82  ARG A CB  1 
ATOM   630  C CG  . ARG A 1 82  ? -10.776 -5.021  -8.454  1.00 28.97 ? 82  ARG A CG  1 
ATOM   631  C CD  . ARG A 1 82  ? -11.096 -4.281  -9.741  1.00 31.90 ? 82  ARG A CD  1 
ATOM   632  N NE  . ARG A 1 82  ? -10.698 -5.035  -10.928 1.00 33.94 ? 82  ARG A NE  1 
ATOM   633  C CZ  . ARG A 1 82  ? -10.753 -4.559  -12.170 1.00 36.91 ? 82  ARG A CZ  1 
ATOM   634  N NH1 . ARG A 1 82  ? -11.183 -3.321  -12.397 1.00 35.56 ? 82  ARG A NH1 1 
ATOM   635  N NH2 . ARG A 1 82  ? -10.393 -5.327  -13.193 1.00 37.76 ? 82  ARG A NH2 1 
ATOM   636  N N   . ALA A 1 83  ? -6.877  -7.185  -7.692  1.00 20.99 ? 83  ALA A N   1 
ATOM   637  C CA  . ALA A 1 83  ? -5.454  -7.456  -7.824  1.00 20.26 ? 83  ALA A CA  1 
ATOM   638  C C   . ALA A 1 83  ? -4.823  -6.364  -8.683  1.00 19.77 ? 83  ALA A C   1 
ATOM   639  O O   . ALA A 1 83  ? -5.386  -5.961  -9.708  1.00 19.21 ? 83  ALA A O   1 
ATOM   640  C CB  . ALA A 1 83  ? -5.237  -8.823  -8.463  1.00 20.10 ? 83  ALA A CB  1 
ATOM   641  N N   . ALA A 1 84  ? -3.665  -5.881  -8.244  1.00 17.99 ? 84  ALA A N   1 
ATOM   642  C CA  . ALA A 1 84  ? -2.936  -4.827  -8.944  1.00 18.39 ? 84  ALA A CA  1 
ATOM   643  C C   . ALA A 1 84  ? -2.746  -5.179  -10.413 1.00 17.21 ? 84  ALA A C   1 
ATOM   644  O O   . ALA A 1 84  ? -2.831  -4.316  -11.282 1.00 16.24 ? 84  ALA A O   1 
ATOM   645  C CB  . ALA A 1 84  ? -1.578  -4.610  -8.278  1.00 16.84 ? 84  ALA A CB  1 
ATOM   646  N N   . GLY A 1 85  ? -2.495  -6.457  -10.677 1.00 16.98 ? 85  GLY A N   1 
ATOM   647  C CA  . GLY A 1 85  ? -2.285  -6.925  -12.035 1.00 18.62 ? 85  GLY A CA  1 
ATOM   648  C C   . GLY A 1 85  ? -3.477  -6.820  -12.972 1.00 18.48 ? 85  GLY A C   1 
ATOM   649  O O   . GLY A 1 85  ? -3.312  -6.947  -14.182 1.00 21.64 ? 85  GLY A O   1 
ATOM   650  N N   . GLU A 1 86  ? -4.674  -6.597  -12.438 1.00 19.76 ? 86  GLU A N   1 
ATOM   651  C CA  . GLU A 1 86  ? -5.851  -6.475  -13.297 1.00 22.18 ? 86  GLU A CA  1 
ATOM   652  C C   . GLU A 1 86  ? -6.152  -5.008  -13.608 1.00 21.30 ? 86  GLU A C   1 
ATOM   653  O O   . GLU A 1 86  ? -6.931  -4.700  -14.510 1.00 20.80 ? 86  GLU A O   1 
ATOM   654  C CB  . GLU A 1 86  ? -7.073  -7.104  -12.629 1.00 23.70 ? 86  GLU A CB  1 
ATOM   655  C CG  . GLU A 1 86  ? -6.827  -8.479  -12.048 1.00 28.68 ? 86  GLU A CG  1 
ATOM   656  C CD  . GLU A 1 86  ? -8.079  -9.093  -11.464 1.00 33.60 ? 86  GLU A CD  1 
ATOM   657  O OE1 . GLU A 1 86  ? -8.925  -8.337  -10.939 1.00 35.84 ? 86  GLU A OE1 1 
ATOM   658  O OE2 . GLU A 1 86  ? -8.216  -10.336 -11.517 1.00 37.23 ? 86  GLU A OE2 1 
ATOM   659  N N   . LEU A 1 87  ? -5.521  -4.107  -12.865 1.00 20.88 ? 87  LEU A N   1 
ATOM   660  C CA  . LEU A 1 87  ? -5.748  -2.674  -13.039 1.00 22.00 ? 87  LEU A CA  1 
ATOM   661  C C   . LEU A 1 87  ? -5.080  -2.097  -14.287 1.00 21.77 ? 87  LEU A C   1 
ATOM   662  O O   . LEU A 1 87  ? -3.989  -2.517  -14.685 1.00 21.56 ? 87  LEU A O   1 
ATOM   663  C CB  . LEU A 1 87  ? -5.293  -1.924  -11.782 1.00 19.67 ? 87  LEU A CB  1 
ATOM   664  C CG  . LEU A 1 87  ? -5.898  -2.515  -10.498 1.00 20.54 ? 87  LEU A CG  1 
ATOM   665  C CD1 . LEU A 1 87  ? -5.399  -1.764  -9.279  1.00 21.16 ? 87  LEU A CD1 1 
ATOM   666  C CD2 . LEU A 1 87  ? -7.413  -2.457  -10.575 1.00 19.50 ? 87  LEU A CD2 1 
ATOM   667  N N   . ARG A 1 88  ? -5.757  -1.133  -14.902 1.00 21.68 ? 88  ARG A N   1 
ATOM   668  C CA  . ARG A 1 88  ? -5.270  -0.496  -16.119 1.00 20.83 ? 88  ARG A CA  1 
ATOM   669  C C   . ARG A 1 88  ? -5.392  1.020   -16.028 1.00 20.25 ? 88  ARG A C   1 
ATOM   670  O O   . ARG A 1 88  ? -6.080  1.547   -15.153 1.00 19.39 ? 88  ARG A O   1 
ATOM   671  C CB  . ARG A 1 88  ? -6.083  -0.990  -17.324 1.00 21.67 ? 88  ARG A CB  1 
ATOM   672  C CG  . ARG A 1 88  ? -6.098  -2.517  -17.517 1.00 20.54 ? 88  ARG A CG  1 
ATOM   673  C CD  . ARG A 1 88  ? -4.794  -3.026  -18.133 1.00 21.63 ? 88  ARG A CD  1 
ATOM   674  N NE  . ARG A 1 88  ? -4.836  -4.461  -18.408 1.00 23.92 ? 88  ARG A NE  1 
ATOM   675  C CZ  . ARG A 1 88  ? -4.547  -5.412  -17.523 1.00 23.95 ? 88  ARG A CZ  1 
ATOM   676  N NH1 . ARG A 1 88  ? -4.180  -5.097  -16.287 1.00 23.45 ? 88  ARG A NH1 1 
ATOM   677  N NH2 . ARG A 1 88  ? -4.635  -6.686  -17.874 1.00 23.84 ? 88  ARG A NH2 1 
ATOM   678  N N   . LYS A 1 89  ? -4.716  1.715   -16.937 1.00 20.16 ? 89  LYS A N   1 
ATOM   679  C CA  . LYS A 1 89  ? -4.771  3.165   -16.994 1.00 19.87 ? 89  LYS A CA  1 
ATOM   680  C C   . LYS A 1 89  ? -6.244  3.577   -16.980 1.00 19.22 ? 89  LYS A C   1 
ATOM   681  O O   . LYS A 1 89  ? -7.071  2.989   -17.685 1.00 17.59 ? 89  LYS A O   1 
ATOM   682  C CB  . LYS A 1 89  ? -4.111  3.656   -18.282 1.00 20.88 ? 89  LYS A CB  1 
ATOM   683  C CG  . LYS A 1 89  ? -4.132  5.173   -18.478 1.00 21.99 ? 89  LYS A CG  1 
ATOM   684  C CD  . LYS A 1 89  ? -3.549  5.547   -19.845 1.00 25.18 ? 89  LYS A CD  1 
ATOM   685  C CE  . LYS A 1 89  ? -2.151  4.967   -20.040 1.00 26.96 ? 89  LYS A CE  1 
ATOM   686  N NZ  . LYS A 1 89  ? -1.653  5.119   -21.447 1.00 29.50 ? 89  LYS A NZ  1 
ATOM   687  N N   . GLY A 1 90  ? -6.574  4.579   -16.171 1.00 17.85 ? 90  GLY A N   1 
ATOM   688  C CA  . GLY A 1 90  ? -7.953  5.026   -16.100 1.00 19.41 ? 90  GLY A CA  1 
ATOM   689  C C   . GLY A 1 90  ? -8.679  4.541   -14.855 1.00 19.29 ? 90  GLY A C   1 
ATOM   690  O O   . GLY A 1 90  ? -9.563  5.232   -14.349 1.00 19.06 ? 90  GLY A O   1 
ATOM   691  N N   . ASP A 1 91  ? -8.329  3.354   -14.360 1.00 19.42 ? 91  ASP A N   1 
ATOM   692  C CA  . ASP A 1 91  ? -8.967  2.835   -13.152 1.00 20.45 ? 91  ASP A CA  1 
ATOM   693  C C   . ASP A 1 91  ? -8.584  3.739   -11.983 1.00 20.66 ? 91  ASP A C   1 
ATOM   694  O O   . ASP A 1 91  ? -7.447  4.215   -11.906 1.00 19.98 ? 91  ASP A O   1 
ATOM   695  C CB  . ASP A 1 91  ? -8.510  1.400   -12.852 1.00 21.12 ? 91  ASP A CB  1 
ATOM   696  C CG  . ASP A 1 91  ? -9.062  0.384   -13.842 1.00 22.21 ? 91  ASP A CG  1 
ATOM   697  O OD1 . ASP A 1 91  ? -10.160 0.613   -14.393 1.00 21.75 ? 91  ASP A OD1 1 
ATOM   698  O OD2 . ASP A 1 91  ? -8.402  -0.654  -14.057 1.00 23.87 ? 91  ASP A OD2 1 
ATOM   699  N N   . ARG A 1 92  ? -9.527  3.988   -11.078 1.00 20.73 ? 92  ARG A N   1 
ATOM   700  C CA  . ARG A 1 92  ? -9.245  4.845   -9.927  1.00 19.51 ? 92  ARG A CA  1 
ATOM   701  C C   . ARG A 1 92  ? -9.028  4.043   -8.654  1.00 18.73 ? 92  ARG A C   1 
ATOM   702  O O   . ARG A 1 92  ? -9.796  3.129   -8.341  1.00 17.40 ? 92  ARG A O   1 
ATOM   703  C CB  . ARG A 1 92  ? -10.379 5.844   -9.715  1.00 20.94 ? 92  ARG A CB  1 
ATOM   704  C CG  . ARG A 1 92  ? -10.589 6.800   -10.878 1.00 23.34 ? 92  ARG A CG  1 
ATOM   705  C CD  . ARG A 1 92  ? -11.659 7.815   -10.526 1.00 24.90 ? 92  ARG A CD  1 
ATOM   706  N NE  . ARG A 1 92  ? -12.933 7.166   -10.230 1.00 24.19 ? 92  ARG A NE  1 
ATOM   707  C CZ  . ARG A 1 92  ? -13.858 7.681   -9.431  1.00 25.62 ? 92  ARG A CZ  1 
ATOM   708  N NH1 . ARG A 1 92  ? -13.648 8.852   -8.847  1.00 28.22 ? 92  ARG A NH1 1 
ATOM   709  N NH2 . ARG A 1 92  ? -14.991 7.030   -9.215  1.00 25.74 ? 92  ARG A NH2 1 
ATOM   710  N N   . VAL A 1 93  ? -7.971  4.385   -7.925  1.00 16.69 ? 93  VAL A N   1 
ATOM   711  C CA  . VAL A 1 93  ? -7.638  3.700   -6.686  1.00 16.83 ? 93  VAL A CA  1 
ATOM   712  C C   . VAL A 1 93  ? -7.855  4.619   -5.487  1.00 18.72 ? 93  VAL A C   1 
ATOM   713  O O   . VAL A 1 93  ? -7.793  5.846   -5.608  1.00 20.66 ? 93  VAL A O   1 
ATOM   714  C CB  . VAL A 1 93  ? -6.163  3.249   -6.670  1.00 15.69 ? 93  VAL A CB  1 
ATOM   715  C CG1 . VAL A 1 93  ? -5.881  2.323   -7.853  1.00 16.82 ? 93  VAL A CG1 1 
ATOM   716  C CG2 . VAL A 1 93  ? -5.256  4.484   -6.725  1.00 12.43 ? 93  VAL A CG2 1 
ATOM   717  N N   . ALA A 1 94  ? -8.091  4.022   -4.327  1.00 18.14 ? 94  ALA A N   1 
ATOM   718  C CA  . ALA A 1 94  ? -8.303  4.798   -3.113  1.00 19.15 ? 94  ALA A CA  1 
ATOM   719  C C   . ALA A 1 94  ? -6.959  5.326   -2.590  1.00 18.57 ? 94  ALA A C   1 
ATOM   720  O O   . ALA A 1 94  ? -6.013  4.555   -2.401  1.00 16.49 ? 94  ALA A O   1 
ATOM   721  C CB  . ALA A 1 94  ? -8.984  3.935   -2.059  1.00 17.43 ? 94  ALA A CB  1 
ATOM   722  N N   . VAL A 1 95  ? -6.873  6.639   -2.383  1.00 19.00 ? 95  VAL A N   1 
ATOM   723  C CA  . VAL A 1 95  ? -5.650  7.256   -1.877  1.00 21.41 ? 95  VAL A CA  1 
ATOM   724  C C   . VAL A 1 95  ? -5.919  8.208   -0.708  1.00 21.94 ? 95  VAL A C   1 
ATOM   725  O O   . VAL A 1 95  ? -6.913  8.935   -0.695  1.00 23.81 ? 95  VAL A O   1 
ATOM   726  C CB  . VAL A 1 95  ? -4.889  8.046   -2.983  1.00 20.47 ? 95  VAL A CB  1 
ATOM   727  C CG1 . VAL A 1 95  ? -4.748  7.197   -4.244  1.00 19.07 ? 95  VAL A CG1 1 
ATOM   728  C CG2 . VAL A 1 95  ? -5.602  9.356   -3.280  1.00 22.74 ? 95  VAL A CG2 1 
ATOM   729  N N   . ARG A 1 96  ? -5.025  8.195   0.275   1.00 22.00 ? 96  ARG A N   1 
ATOM   730  C CA  . ARG A 1 96  ? -5.149  9.056   1.451   1.00 21.33 ? 96  ARG A CA  1 
ATOM   731  C C   . ARG A 1 96  ? -4.356  10.334  1.223   1.00 21.29 ? 96  ARG A C   1 
ATOM   732  O O   . ARG A 1 96  ? -3.163  10.277  0.944   1.00 19.63 ? 96  ARG A O   1 
ATOM   733  C CB  . ARG A 1 96  ? -4.597  8.337   2.686   1.00 20.57 ? 96  ARG A CB  1 
ATOM   734  C CG  . ARG A 1 96  ? -4.460  9.222   3.914   1.00 20.68 ? 96  ARG A CG  1 
ATOM   735  C CD  . ARG A 1 96  ? -3.780  8.485   5.064   1.00 17.96 ? 96  ARG A CD  1 
ATOM   736  N NE  . ARG A 1 96  ? -3.741  9.310   6.269   1.00 21.65 ? 96  ARG A NE  1 
ATOM   737  C CZ  . ARG A 1 96  ? -2.879  10.303  6.473   1.00 22.71 ? 96  ARG A CZ  1 
ATOM   738  N NH1 . ARG A 1 96  ? -1.962  10.600  5.558   1.00 20.71 ? 96  ARG A NH1 1 
ATOM   739  N NH2 . ARG A 1 96  ? -2.952  11.018  7.586   1.00 23.86 ? 96  ARG A NH2 1 
ATOM   740  N N   . ASP A 1 97  ? -5.003  11.489  1.344   1.00 23.76 ? 97  ASP A N   1 
ATOM   741  C CA  . ASP A 1 97  ? -4.291  12.749  1.143   1.00 26.65 ? 97  ASP A CA  1 
ATOM   742  C C   . ASP A 1 97  ? -3.205  12.906  2.198   1.00 27.92 ? 97  ASP A C   1 
ATOM   743  O O   . ASP A 1 97  ? -3.482  12.854  3.397   1.00 26.41 ? 97  ASP A O   1 
ATOM   744  C CB  . ASP A 1 97  ? -5.235  13.943  1.231   1.00 28.95 ? 97  ASP A CB  1 
ATOM   745  C CG  . ASP A 1 97  ? -4.594  15.212  0.712   1.00 32.40 ? 97  ASP A CG  1 
ATOM   746  O OD1 . ASP A 1 97  ? -4.651  15.442  -0.515  1.00 35.15 ? 97  ASP A OD1 1 
ATOM   747  O OD2 . ASP A 1 97  ? -4.013  15.966  1.519   1.00 31.90 ? 97  ASP A OD2 1 
ATOM   748  N N   . VAL A 1 98  ? -1.971  13.109  1.748   1.00 31.12 ? 98  VAL A N   1 
ATOM   749  C CA  . VAL A 1 98  ? -0.840  13.253  2.654   1.00 34.18 ? 98  VAL A CA  1 
ATOM   750  C C   . VAL A 1 98  ? -0.943  14.505  3.521   1.00 36.57 ? 98  VAL A C   1 
ATOM   751  O O   . VAL A 1 98  ? -0.344  14.575  4.596   1.00 39.01 ? 98  VAL A O   1 
ATOM   752  C CB  . VAL A 1 98  ? 0.493   13.302  1.874   1.00 35.64 ? 98  VAL A CB  1 
ATOM   753  C CG1 . VAL A 1 98  ? 0.667   14.664  1.205   1.00 36.23 ? 98  VAL A CG1 1 
ATOM   754  C CG2 . VAL A 1 98  ? 1.650   13.005  2.807   1.00 37.81 ? 98  VAL A CG2 1 
ATOM   755  N N   . GLU A 1 99  ? -1.712  15.484  3.057   1.00 36.79 ? 99  GLU A N   1 
ATOM   756  C CA  . GLU A 1 99  ? -1.875  16.741  3.778   1.00 37.25 ? 99  GLU A CA  1 
ATOM   757  C C   . GLU A 1 99  ? -3.050  16.743  4.758   1.00 35.42 ? 99  GLU A C   1 
ATOM   758  O O   . GLU A 1 99  ? -2.896  17.142  5.914   1.00 35.95 ? 99  GLU A O   1 
ATOM   759  C CB  . GLU A 1 99  ? -2.021  17.894  2.768   1.00 38.52 ? 99  GLU A CB  1 
ATOM   760  C CG  . GLU A 1 99  ? -2.245  19.288  3.368   1.00 40.68 ? 99  GLU A CG  1 
ATOM   761  C CD  . GLU A 1 99  ? -1.104  19.756  4.263   1.00 40.32 ? 99  GLU A CD  1 
ATOM   762  O OE1 . GLU A 1 99  ? -0.895  19.154  5.334   1.00 42.00 ? 99  GLU A OE1 1 
ATOM   763  O OE2 . GLU A 1 99  ? -0.417  20.731  3.897   1.00 39.81 ? 99  GLU A OE2 1 
ATOM   764  N N   . THR A 1 100 ? -4.211  16.277  4.306   1.00 33.45 ? 100 THR A N   1 
ATOM   765  C CA  . THR A 1 100 ? -5.414  16.273  5.138   1.00 30.76 ? 100 THR A CA  1 
ATOM   766  C C   . THR A 1 100 ? -5.876  14.926  5.689   1.00 29.54 ? 100 THR A C   1 
ATOM   767  O O   . THR A 1 100 ? -6.763  14.885  6.542   1.00 27.64 ? 100 THR A O   1 
ATOM   768  C CB  . THR A 1 100 ? -6.600  16.864  4.373   1.00 32.08 ? 100 THR A CB  1 
ATOM   769  O OG1 . THR A 1 100 ? -6.970  15.966  3.320   1.00 31.07 ? 100 THR A OG1 1 
ATOM   770  C CG2 . THR A 1 100 ? -6.229  18.211  3.772   1.00 31.32 ? 100 THR A CG2 1 
ATOM   771  N N   . GLY A 1 101 ? -5.302  13.831  5.199   1.00 27.89 ? 101 GLY A N   1 
ATOM   772  C CA  . GLY A 1 101 ? -5.708  12.519  5.681   1.00 26.56 ? 101 GLY A CA  1 
ATOM   773  C C   . GLY A 1 101 ? -7.042  12.070  5.106   1.00 26.87 ? 101 GLY A C   1 
ATOM   774  O O   . GLY A 1 101 ? -7.577  11.017  5.466   1.00 23.77 ? 101 GLY A O   1 
ATOM   775  N N   . GLU A 1 102 ? -7.580  12.876  4.195   1.00 26.91 ? 102 GLU A N   1 
ATOM   776  C CA  . GLU A 1 102 ? -8.855  12.580  3.555   1.00 28.70 ? 102 GLU A CA  1 
ATOM   777  C C   . GLU A 1 102 ? -8.720  11.494  2.496   1.00 27.88 ? 102 GLU A C   1 
ATOM   778  O O   . GLU A 1 102 ? -7.708  11.408  1.799   1.00 28.73 ? 102 GLU A O   1 
ATOM   779  C CB  . GLU A 1 102 ? -9.418  13.843  2.897   1.00 30.68 ? 102 GLU A CB  1 
ATOM   780  C CG  . GLU A 1 102 ? -9.755  14.956  3.863   1.00 33.46 ? 102 GLU A CG  1 
ATOM   781  C CD  . GLU A 1 102 ? -10.176 16.220  3.144   1.00 35.00 ? 102 GLU A CD  1 
ATOM   782  O OE1 . GLU A 1 102 ? -9.320  16.848  2.483   1.00 33.00 ? 102 GLU A OE1 1 
ATOM   783  O OE2 . GLU A 1 102 ? -11.369 16.579  3.237   1.00 36.73 ? 102 GLU A OE2 1 
ATOM   784  N N   . LEU A 1 103 ? -9.748  10.667  2.372   1.00 28.74 ? 404 LEU A N   1 
ATOM   785  C CA  . LEU A 1 103 ? -9.743  9.604   1.381   1.00 28.64 ? 404 LEU A CA  1 
ATOM   786  C C   . LEU A 1 103 ? -10.373 10.107  0.085   1.00 28.25 ? 404 LEU A C   1 
ATOM   787  O O   . LEU A 1 103 ? -11.471 10.668  0.092   1.00 29.23 ? 404 LEU A O   1 
ATOM   788  C CB  . LEU A 1 103 ? -10.530 8.398   1.901   1.00 29.83 ? 404 LEU A CB  1 
ATOM   789  C CG  . LEU A 1 103 ? -10.404 7.055   1.175   1.00 31.36 ? 404 LEU A CG  1 
ATOM   790  C CD1 . LEU A 1 103 ? -11.340 6.057   1.825   1.00 32.23 ? 404 LEU A CD1 1 
ATOM   791  C CD2 . LEU A 1 103 ? -10.753 7.196   -0.290  1.00 35.13 ? 404 LEU A CD2 1 
ATOM   792  N N   . ARG A 1 104 ? -9.663  9.915   -1.021  1.00 27.15 ? 405 ARG A N   1 
ATOM   793  C CA  . ARG A 1 104 ? -10.155 10.303  -2.336  1.00 26.06 ? 405 ARG A CA  1 
ATOM   794  C C   . ARG A 1 104 ? -9.777  9.189   -3.310  1.00 23.54 ? 405 ARG A C   1 
ATOM   795  O O   . ARG A 1 104 ? -9.140  8.206   -2.930  1.00 23.33 ? 405 ARG A O   1 
ATOM   796  C CB  . ARG A 1 104 ? -9.528  11.625  -2.794  1.00 26.02 ? 405 ARG A CB  1 
ATOM   797  C CG  . ARG A 1 104 ? -8.017  11.587  -2.939  1.00 30.70 ? 405 ARG A CG  1 
ATOM   798  C CD  . ARG A 1 104 ? -7.546  12.540  -4.032  1.00 33.03 ? 405 ARG A CD  1 
ATOM   799  N NE  . ARG A 1 104 ? -6.091  12.566  -4.154  1.00 34.59 ? 405 ARG A NE  1 
ATOM   800  C CZ  . ARG A 1 104 ? -5.276  13.111  -3.256  1.00 34.39 ? 405 ARG A CZ  1 
ATOM   801  N NH1 . ARG A 1 104 ? -5.776  13.684  -2.167  1.00 35.06 ? 405 ARG A NH1 1 
ATOM   802  N NH2 . ARG A 1 104 ? -3.962  13.078  -3.439  1.00 33.95 ? 405 ARG A NH2 1 
ATOM   803  N N   . TYR A 1 105 ? -10.169 9.337   -4.566  1.00 21.06 ? 406 TYR A N   1 
ATOM   804  C CA  . TYR A 1 105 ? -9.841  8.333   -5.561  1.00 21.28 ? 406 TYR A CA  1 
ATOM   805  C C   . TYR A 1 105 ? -9.150  9.002   -6.728  1.00 22.90 ? 406 TYR A C   1 
ATOM   806  O O   . TYR A 1 105 ? -9.631  10.006  -7.252  1.00 23.37 ? 406 TYR A O   1 
ATOM   807  C CB  . TYR A 1 105 ? -11.106 7.605   -6.017  1.00 20.92 ? 406 TYR A CB  1 
ATOM   808  C CG  . TYR A 1 105 ? -11.616 6.634   -4.981  1.00 19.76 ? 406 TYR A CG  1 
ATOM   809  C CD1 . TYR A 1 105 ? -11.358 5.268   -5.093  1.00 22.03 ? 406 TYR A CD1 1 
ATOM   810  C CD2 . TYR A 1 105 ? -12.318 7.084   -3.864  1.00 18.89 ? 406 TYR A CD2 1 
ATOM   811  C CE1 . TYR A 1 105 ? -11.784 4.373   -4.114  1.00 22.54 ? 406 TYR A CE1 1 
ATOM   812  C CE2 . TYR A 1 105 ? -12.749 6.201   -2.877  1.00 20.01 ? 406 TYR A CE2 1 
ATOM   813  C CZ  . TYR A 1 105 ? -12.478 4.851   -3.006  1.00 22.89 ? 406 TYR A CZ  1 
ATOM   814  O OH  . TYR A 1 105 ? -12.884 3.980   -2.020  1.00 26.83 ? 406 TYR A OH  1 
ATOM   815  N N   . SER A 1 106 ? -8.011  8.445   -7.123  1.00 21.32 ? 407 SER A N   1 
ATOM   816  C CA  . SER A 1 106 ? -7.234  9.000   -8.221  1.00 20.89 ? 407 SER A CA  1 
ATOM   817  C C   . SER A 1 106 ? -7.033  7.961   -9.311  1.00 20.00 ? 407 SER A C   1 
ATOM   818  O O   . SER A 1 106 ? -6.928  6.761   -9.028  1.00 16.33 ? 407 SER A O   1 
ATOM   819  C CB  . SER A 1 106 ? -5.875  9.479   -7.707  1.00 21.20 ? 407 SER A CB  1 
ATOM   820  O OG  . SER A 1 106 ? -6.040  10.412  -6.658  1.00 22.45 ? 407 SER A OG  1 
ATOM   821  N N   . VAL A 1 107 ? -6.972  8.423   -10.558 1.00 19.24 ? 408 VAL A N   1 
ATOM   822  C CA  . VAL A 1 107 ? -6.790  7.528   -11.684 1.00 20.08 ? 408 VAL A CA  1 
ATOM   823  C C   . VAL A 1 107 ? -5.355  7.067   -11.831 1.00 18.81 ? 408 VAL A C   1 
ATOM   824  O O   . VAL A 1 107 ? -4.417  7.771   -11.460 1.00 17.91 ? 408 VAL A O   1 
ATOM   825  C CB  . VAL A 1 107 ? -7.223  8.183   -13.025 1.00 21.61 ? 408 VAL A CB  1 
ATOM   826  C CG1 . VAL A 1 107 ? -8.571  8.831   -12.858 1.00 22.19 ? 408 VAL A CG1 1 
ATOM   827  C CG2 . VAL A 1 107 ? -6.185  9.195   -13.491 1.00 22.81 ? 408 VAL A CG2 1 
ATOM   828  N N   . ILE A 1 108 ? -5.202  5.856   -12.349 1.00 18.22 ? 409 ILE A N   1 
ATOM   829  C CA  . ILE A 1 108 ? -3.892  5.298   -12.612 1.00 18.05 ? 409 ILE A CA  1 
ATOM   830  C C   . ILE A 1 108 ? -3.493  5.939   -13.935 1.00 17.79 ? 409 ILE A C   1 
ATOM   831  O O   . ILE A 1 108 ? -4.253  5.905   -14.906 1.00 16.05 ? 409 ILE A O   1 
ATOM   832  C CB  . ILE A 1 108 ? -3.956  3.778   -12.788 1.00 17.84 ? 409 ILE A CB  1 
ATOM   833  C CG1 . ILE A 1 108 ? -4.292  3.120   -11.447 1.00 17.31 ? 409 ILE A CG1 1 
ATOM   834  C CG2 . ILE A 1 108 ? -2.644  3.267   -13.366 1.00 18.18 ? 409 ILE A CG2 1 
ATOM   835  C CD1 . ILE A 1 108 ? -4.678  1.660   -11.544 1.00 16.62 ? 409 ILE A CD1 1 
ATOM   836  N N   . ARG A 1 109 ? -2.316  6.547   -13.952 1.00 18.91 ? 410 ARG A N   1 
ATOM   837  C CA  . ARG A 1 109 ? -1.810  7.217   -15.139 1.00 21.33 ? 410 ARG A CA  1 
ATOM   838  C C   . ARG A 1 109 ? -1.113  6.219   -16.054 1.00 21.05 ? 410 ARG A C   1 
ATOM   839  O O   . ARG A 1 109 ? -1.209  6.300   -17.282 1.00 20.21 ? 410 ARG A O   1 
ATOM   840  C CB  . ARG A 1 109 ? -0.828  8.309   -14.720 1.00 22.40 ? 410 ARG A CB  1 
ATOM   841  C CG  . ARG A 1 109 ? -0.514  9.329   -15.797 1.00 28.41 ? 410 ARG A CG  1 
ATOM   842  C CD  . ARG A 1 109 ? 0.480   10.359  -15.282 1.00 30.67 ? 410 ARG A CD  1 
ATOM   843  N NE  . ARG A 1 109 ? 1.834   9.816   -15.221 1.00 34.39 ? 410 ARG A NE  1 
ATOM   844  C CZ  . ARG A 1 109 ? 2.823   10.351  -14.513 1.00 36.01 ? 410 ARG A CZ  1 
ATOM   845  N NH1 . ARG A 1 109 ? 2.614   11.446  -13.796 1.00 38.94 ? 410 ARG A NH1 1 
ATOM   846  N NH2 . ARG A 1 109 ? 4.026   9.794   -14.527 1.00 36.13 ? 410 ARG A NH2 1 
ATOM   847  N N   . GLU A 1 110 ? -0.411  5.270   -15.452 1.00 20.64 ? 411 GLU A N   1 
ATOM   848  C CA  . GLU A 1 110 ? 0.312   4.278   -16.231 1.00 21.34 ? 411 GLU A CA  1 
ATOM   849  C C   . GLU A 1 110 ? 0.615   3.016   -15.430 1.00 19.98 ? 411 GLU A C   1 
ATOM   850  O O   . GLU A 1 110 ? 0.808   3.070   -14.213 1.00 17.31 ? 411 GLU A O   1 
ATOM   851  C CB  . GLU A 1 110 ? 1.613   4.903   -16.742 1.00 23.46 ? 411 GLU A CB  1 
ATOM   852  C CG  . GLU A 1 110 ? 2.642   3.924   -17.277 1.00 28.29 ? 411 GLU A CG  1 
ATOM   853  C CD  . GLU A 1 110 ? 3.917   4.621   -17.736 1.00 31.79 ? 411 GLU A CD  1 
ATOM   854  O OE1 . GLU A 1 110 ? 4.371   5.561   -17.042 1.00 32.06 ? 411 GLU A OE1 1 
ATOM   855  O OE2 . GLU A 1 110 ? 4.469   4.224   -18.786 1.00 34.69 ? 411 GLU A OE2 1 
ATOM   856  N N   . VAL A 1 111 ? 0.633   1.878   -16.119 1.00 18.26 ? 412 VAL A N   1 
ATOM   857  C CA  . VAL A 1 111 ? 0.959   0.609   -15.489 1.00 18.82 ? 412 VAL A CA  1 
ATOM   858  C C   . VAL A 1 111 ? 2.338   0.227   -16.023 1.00 21.06 ? 412 VAL A C   1 
ATOM   859  O O   . VAL A 1 111 ? 2.518   0.052   -17.226 1.00 20.61 ? 412 VAL A O   1 
ATOM   860  C CB  . VAL A 1 111 ? -0.075  -0.488  -15.841 1.00 20.10 ? 412 VAL A CB  1 
ATOM   861  C CG1 . VAL A 1 111 ? 0.382   -1.835  -15.285 1.00 23.17 ? 412 VAL A CG1 1 
ATOM   862  C CG2 . VAL A 1 111 ? -1.441  -0.120  -15.242 1.00 20.77 ? 412 VAL A CG2 1 
ATOM   863  N N   . LEU A 1 112 ? 3.316   0.125   -15.128 1.00 20.90 ? 413 LEU A N   1 
ATOM   864  C CA  . LEU A 1 112 ? 4.676   -0.204  -15.533 1.00 19.81 ? 413 LEU A CA  1 
ATOM   865  C C   . LEU A 1 112 ? 4.965   -1.699  -15.547 1.00 20.74 ? 413 LEU A C   1 
ATOM   866  O O   . LEU A 1 112 ? 4.324   -2.476  -14.839 1.00 20.82 ? 413 LEU A O   1 
ATOM   867  C CB  . LEU A 1 112 ? 5.685   0.494   -14.618 1.00 21.96 ? 413 LEU A CB  1 
ATOM   868  C CG  . LEU A 1 112 ? 5.804   2.023   -14.703 1.00 23.19 ? 413 LEU A CG  1 
ATOM   869  C CD1 . LEU A 1 112 ? 6.119   2.428   -16.128 1.00 23.75 ? 413 LEU A CD1 1 
ATOM   870  C CD2 . LEU A 1 112 ? 4.513   2.681   -14.242 1.00 21.51 ? 413 LEU A CD2 1 
ATOM   871  N N   . PRO A 1 113 ? 5.954   -2.120  -16.359 1.00 20.99 ? 414 PRO A N   1 
ATOM   872  C CA  . PRO A 1 113 ? 6.373   -3.519  -16.498 1.00 21.79 ? 414 PRO A CA  1 
ATOM   873  C C   . PRO A 1 113 ? 6.999   -4.006  -15.192 1.00 22.11 ? 414 PRO A C   1 
ATOM   874  O O   . PRO A 1 113 ? 7.389   -3.195  -14.353 1.00 22.50 ? 414 PRO A O   1 
ATOM   875  C CB  . PRO A 1 113 ? 7.405   -3.463  -17.626 1.00 21.77 ? 414 PRO A CB  1 
ATOM   876  C CG  . PRO A 1 113 ? 7.058   -2.194  -18.365 1.00 23.25 ? 414 PRO A CG  1 
ATOM   877  C CD  . PRO A 1 113 ? 6.744   -1.258  -17.248 1.00 20.02 ? 414 PRO A CD  1 
ATOM   878  N N   . THR A 1 114 ? 7.111   -5.323  -15.035 1.00 21.55 ? 415 THR A N   1 
ATOM   879  C CA  . THR A 1 114 ? 7.685   -5.908  -13.824 1.00 20.85 ? 415 THR A CA  1 
ATOM   880  C C   . THR A 1 114 ? 9.174   -5.647  -13.657 1.00 21.62 ? 415 THR A C   1 
ATOM   881  O O   . THR A 1 114 ? 9.905   -5.409  -14.626 1.00 21.71 ? 415 THR A O   1 
ATOM   882  C CB  . THR A 1 114 ? 7.507   -7.446  -13.774 1.00 21.90 ? 415 THR A CB  1 
ATOM   883  O OG1 . THR A 1 114 ? 8.224   -8.051  -14.865 1.00 21.14 ? 415 THR A OG1 1 
ATOM   884  C CG2 . THR A 1 114 ? 6.040   -7.826  -13.861 1.00 21.85 ? 415 THR A CG2 1 
ATOM   885  N N   . ARG A 1 115 ? 9.611   -5.692  -12.408 1.00 21.94 ? 416 ARG A N   1 
ATOM   886  C CA  . ARG A 1 115 ? 11.016  -5.533  -12.074 1.00 23.95 ? 416 ARG A CA  1 
ATOM   887  C C   . ARG A 1 115 ? 11.237  -6.391  -10.839 1.00 24.77 ? 416 ARG A C   1 
ATOM   888  O O   . ARG A 1 115 ? 10.304  -6.644  -10.072 1.00 24.62 ? 416 ARG A O   1 
ATOM   889  C CB  . ARG A 1 115 ? 11.373  -4.065  -11.796 1.00 22.98 ? 416 ARG A CB  1 
ATOM   890  C CG  . ARG A 1 115 ? 10.815  -3.477  -10.521 1.00 25.40 ? 416 ARG A CG  1 
ATOM   891  C CD  . ARG A 1 115 ? 11.286  -2.033  -10.361 1.00 28.20 ? 416 ARG A CD  1 
ATOM   892  N NE  . ARG A 1 115 ? 10.712  -1.385  -9.185  1.00 28.62 ? 416 ARG A NE  1 
ATOM   893  C CZ  . ARG A 1 115 ? 11.166  -1.529  -7.944  1.00 28.24 ? 416 ARG A CZ  1 
ATOM   894  N NH1 . ARG A 1 115 ? 12.217  -2.298  -7.704  1.00 27.21 ? 416 ARG A NH1 1 
ATOM   895  N NH2 . ARG A 1 115 ? 10.557  -0.910  -6.941  1.00 28.22 ? 416 ARG A NH2 1 
ATOM   896  N N   . ARG A 1 116 ? 12.464  -6.864  -10.667 1.00 24.64 ? 417 ARG A N   1 
ATOM   897  C CA  . ARG A 1 116 ? 12.817  -7.705  -9.531  1.00 26.55 ? 417 ARG A CA  1 
ATOM   898  C C   . ARG A 1 116 ? 13.119  -6.890  -8.281  1.00 26.04 ? 417 ARG A C   1 
ATOM   899  O O   . ARG A 1 116 ? 13.790  -5.860  -8.348  1.00 27.30 ? 417 ARG A O   1 
ATOM   900  C CB  . ARG A 1 116 ? 14.035  -8.557  -9.890  1.00 28.28 ? 417 ARG A CB  1 
ATOM   901  C CG  . ARG A 1 116 ? 13.727  -9.687  -10.836 1.00 32.72 ? 417 ARG A CG  1 
ATOM   902  C CD  . ARG A 1 116 ? 13.623  -10.981 -10.066 1.00 36.82 ? 417 ARG A CD  1 
ATOM   903  N NE  . ARG A 1 116 ? 12.434  -11.744 -10.424 1.00 40.01 ? 417 ARG A NE  1 
ATOM   904  C CZ  . ARG A 1 116 ? 12.110  -12.903 -9.863  1.00 41.33 ? 417 ARG A CZ  1 
ATOM   905  N NH1 . ARG A 1 116 ? 12.893  -13.421 -8.925  1.00 42.98 ? 417 ARG A NH1 1 
ATOM   906  N NH2 . ARG A 1 116 ? 11.005  -13.537 -10.229 1.00 39.95 ? 417 ARG A NH2 1 
ATOM   907  N N   . ALA A 1 117 ? 12.626  -7.351  -7.135  1.00 25.12 ? 418 ALA A N   1 
ATOM   908  C CA  . ALA A 1 117 ? 12.881  -6.647  -5.884  1.00 25.20 ? 418 ALA A CA  1 
ATOM   909  C C   . ALA A 1 117 ? 12.468  -7.464  -4.669  1.00 24.25 ? 418 ALA A C   1 
ATOM   910  O O   . ALA A 1 117 ? 11.647  -8.375  -4.767  1.00 23.56 ? 418 ALA A O   1 
ATOM   911  C CB  . ALA A 1 117 ? 12.141  -5.309  -5.877  1.00 26.15 ? 418 ALA A CB  1 
ATOM   912  N N   . ARG A 1 118 ? 13.060  -7.155  -3.521  1.00 23.96 ? 419 ARG A N   1 
ATOM   913  C CA  . ARG A 1 118 ? 12.680  -7.854  -2.307  1.00 23.73 ? 419 ARG A CA  1 
ATOM   914  C C   . ARG A 1 118 ? 11.241  -7.416  -2.064  1.00 22.43 ? 419 ARG A C   1 
ATOM   915  O O   . ARG A 1 118 ? 10.891  -6.273  -2.343  1.00 21.26 ? 419 ARG A O   1 
ATOM   916  C CB  . ARG A 1 118 ? 13.570  -7.440  -1.130  1.00 24.39 ? 419 ARG A CB  1 
ATOM   917  C CG  . ARG A 1 118 ? 14.921  -8.134  -1.096  1.00 25.43 ? 419 ARG A CG  1 
ATOM   918  C CD  . ARG A 1 118 ? 15.307  -8.472  0.347   1.00 27.19 ? 419 ARG A CD  1 
ATOM   919  N NE  . ARG A 1 118 ? 15.621  -7.285  1.122   1.00 27.40 ? 419 ARG A NE  1 
ATOM   920  C CZ  . ARG A 1 118 ? 15.429  -7.161  2.431   1.00 24.96 ? 419 ARG A CZ  1 
ATOM   921  N NH1 . ARG A 1 118 ? 14.913  -8.155  3.145   1.00 22.86 ? 419 ARG A NH1 1 
ATOM   922  N NH2 . ARG A 1 118 ? 15.759  -6.026  3.023   1.00 25.08 ? 419 ARG A NH2 1 
ATOM   923  N N   . THR A 1 119 ? 10.406  -8.324  -1.574  1.00 21.80 ? 420 THR A N   1 
ATOM   924  C CA  . THR A 1 119 ? 9.009   -8.003  -1.326  1.00 21.81 ? 420 THR A CA  1 
ATOM   925  C C   . THR A 1 119 ? 8.607   -8.331  0.102   1.00 22.41 ? 420 THR A C   1 
ATOM   926  O O   . THR A 1 119 ? 9.180   -9.229  0.736   1.00 22.65 ? 420 THR A O   1 
ATOM   927  C CB  . THR A 1 119 ? 8.089   -8.748  -2.302  1.00 22.84 ? 420 THR A CB  1 
ATOM   928  O OG1 . THR A 1 119 ? 8.319   -10.156 -2.195  1.00 22.38 ? 420 THR A OG1 1 
ATOM   929  C CG2 . THR A 1 119 ? 8.365   -8.293  -3.742  1.00 20.87 ? 420 THR A CG2 1 
ATOM   930  N N   . PHE A 1 120 ? 7.609   -7.609  0.600   1.00 22.82 ? 421 PHE A N   1 
ATOM   931  C CA  . PHE A 1 120 ? 7.166   -7.789  1.975   1.00 24.08 ? 421 PHE A CA  1 
ATOM   932  C C   . PHE A 1 120 ? 5.656   -7.806  2.208   1.00 24.48 ? 421 PHE A C   1 
ATOM   933  O O   . PHE A 1 120 ? 4.853   -7.455  1.336   1.00 22.13 ? 421 PHE A O   1 
ATOM   934  C CB  . PHE A 1 120 ? 7.790   -6.692  2.849   1.00 22.40 ? 421 PHE A CB  1 
ATOM   935  C CG  . PHE A 1 120 ? 9.259   -6.503  2.620   1.00 23.76 ? 421 PHE A CG  1 
ATOM   936  C CD1 . PHE A 1 120 ? 9.720   -5.803  1.505   1.00 22.46 ? 421 PHE A CD1 1 
ATOM   937  C CD2 . PHE A 1 120 ? 10.189  -7.074  3.487   1.00 21.77 ? 421 PHE A CD2 1 
ATOM   938  C CE1 . PHE A 1 120 ? 11.085  -5.677  1.253   1.00 21.30 ? 421 PHE A CE1 1 
ATOM   939  C CE2 . PHE A 1 120 ? 11.553  -6.954  3.247   1.00 23.68 ? 421 PHE A CE2 1 
ATOM   940  C CZ  . PHE A 1 120 ? 12.006  -6.254  2.126   1.00 23.74 ? 421 PHE A CZ  1 
ATOM   941  N N   . ASP A 1 121 ? 5.288   -8.214  3.415   1.00 25.19 ? 422 ASP A N   1 
ATOM   942  C CA  . ASP A 1 121 ? 3.896   -8.270  3.821   1.00 25.74 ? 422 ASP A CA  1 
ATOM   943  C C   . ASP A 1 121 ? 3.889   -7.928  5.303   1.00 25.19 ? 422 ASP A C   1 
ATOM   944  O O   . ASP A 1 121 ? 4.880   -8.147  5.999   1.00 23.83 ? 422 ASP A O   1 
ATOM   945  C CB  . ASP A 1 121 ? 3.338   -9.676  3.592   1.00 28.93 ? 422 ASP A CB  1 
ATOM   946  C CG  . ASP A 1 121 ? 1.834   -9.679  3.367   1.00 32.06 ? 422 ASP A CG  1 
ATOM   947  O OD1 . ASP A 1 121 ? 1.377   -9.008  2.410   1.00 34.32 ? 422 ASP A OD1 1 
ATOM   948  O OD2 . ASP A 1 121 ? 1.115   -10.357 4.139   1.00 30.70 ? 422 ASP A OD2 1 
ATOM   949  N N   . LEU A 1 122 ? 2.785   -7.367  5.776   1.00 23.93 ? 423 LEU A N   1 
ATOM   950  C CA  . LEU A 1 122 ? 2.656   -7.008  7.181   1.00 24.81 ? 423 LEU A CA  1 
ATOM   951  C C   . LEU A 1 122 ? 1.283   -7.443  7.653   1.00 25.32 ? 423 LEU A C   1 
ATOM   952  O O   . LEU A 1 122 ? 0.355   -7.537  6.855   1.00 26.92 ? 423 LEU A O   1 
ATOM   953  C CB  . LEU A 1 122 ? 2.779   -5.495  7.368   1.00 23.93 ? 423 LEU A CB  1 
ATOM   954  C CG  . LEU A 1 122 ? 4.086   -4.796  7.009   1.00 24.84 ? 423 LEU A CG  1 
ATOM   955  C CD1 . LEU A 1 122 ? 3.922   -3.304  7.228   1.00 23.24 ? 423 LEU A CD1 1 
ATOM   956  C CD2 . LEU A 1 122 ? 5.215   -5.328  7.865   1.00 23.18 ? 423 LEU A CD2 1 
ATOM   957  N N   . GLU A 1 123 ? 1.149   -7.729  8.940   1.00 24.18 ? 424 GLU A N   1 
ATOM   958  C CA  . GLU A 1 123 ? -0.162  -8.094  9.457   1.00 23.04 ? 424 GLU A CA  1 
ATOM   959  C C   . GLU A 1 123 ? -0.652  -6.908  10.279  1.00 21.87 ? 424 GLU A C   1 
ATOM   960  O O   . GLU A 1 123 ? -0.067  -6.572  11.311  1.00 20.95 ? 424 GLU A O   1 
ATOM   961  C CB  . GLU A 1 123 ? -0.095  -9.340  10.342  1.00 24.69 ? 424 GLU A CB  1 
ATOM   962  C CG  . GLU A 1 123 ? -1.467  -9.801  10.816  1.00 25.62 ? 424 GLU A CG  1 
ATOM   963  C CD  . GLU A 1 123 ? -1.392  -10.947 11.796  1.00 28.36 ? 424 GLU A CD  1 
ATOM   964  O OE1 . GLU A 1 123 ? -0.608  -11.889 11.548  1.00 29.36 ? 424 GLU A OE1 1 
ATOM   965  O OE2 . GLU A 1 123 ? -2.124  -10.907 12.810  1.00 30.15 ? 424 GLU A OE2 1 
ATOM   966  N N   . VAL A 1 124 ? -1.709  -6.261  9.803   1.00 20.24 ? 425 VAL A N   1 
ATOM   967  C CA  . VAL A 1 124 ? -2.268  -5.114  10.503  1.00 19.96 ? 425 VAL A CA  1 
ATOM   968  C C   . VAL A 1 124 ? -3.452  -5.593  11.314  1.00 18.96 ? 425 VAL A C   1 
ATOM   969  O O   . VAL A 1 124 ? -4.386  -6.194  10.785  1.00 16.66 ? 425 VAL A O   1 
ATOM   970  C CB  . VAL A 1 124 ? -2.721  -4.022  9.524   1.00 19.74 ? 425 VAL A CB  1 
ATOM   971  C CG1 . VAL A 1 124 ? -3.370  -2.878  10.285  1.00 17.40 ? 425 VAL A CG1 1 
ATOM   972  C CG2 . VAL A 1 124 ? -1.533  -3.517  8.738   1.00 19.65 ? 425 VAL A CG2 1 
ATOM   973  N N   . GLU A 1 125 ? -3.404  -5.316  12.606  1.00 20.84 ? 426 GLU A N   1 
ATOM   974  C CA  . GLU A 1 125 ? -4.441  -5.745  13.527  1.00 20.21 ? 426 GLU A CA  1 
ATOM   975  C C   . GLU A 1 125 ? -5.870  -5.423  13.115  1.00 20.58 ? 426 GLU A C   1 
ATOM   976  O O   . GLU A 1 125 ? -6.188  -4.290  12.740  1.00 17.80 ? 426 GLU A O   1 
ATOM   977  C CB  . GLU A 1 125 ? -4.166  -5.158  14.905  1.00 22.79 ? 426 GLU A CB  1 
ATOM   978  C CG  . GLU A 1 125 ? -5.187  -5.538  15.947  1.00 26.38 ? 426 GLU A CG  1 
ATOM   979  C CD  . GLU A 1 125 ? -4.742  -5.146  17.332  1.00 27.86 ? 426 GLU A CD  1 
ATOM   980  O OE1 . GLU A 1 125 ? -3.759  -5.737  17.821  1.00 28.79 ? 426 GLU A OE1 1 
ATOM   981  O OE2 . GLU A 1 125 ? -5.364  -4.241  17.924  1.00 31.49 ? 426 GLU A OE2 1 
ATOM   982  N N   . GLU A 1 126 ? -6.719  -6.445  13.185  1.00 20.11 ? 427 GLU A N   1 
ATOM   983  C CA  . GLU A 1 126 ? -8.141  -6.340  12.873  1.00 21.34 ? 427 GLU A CA  1 
ATOM   984  C C   . GLU A 1 126 ? -8.582  -6.021  11.435  1.00 20.77 ? 427 GLU A C   1 
ATOM   985  O O   . GLU A 1 126 ? -9.375  -6.763  10.850  1.00 20.96 ? 427 GLU A O   1 
ATOM   986  C CB  . GLU A 1 126 ? -8.808  -5.322  13.815  1.00 20.59 ? 427 GLU A CB  1 
ATOM   987  C CG  . GLU A 1 126 ? -10.312 -5.190  13.564  1.00 25.08 ? 427 GLU A CG  1 
ATOM   988  C CD  . GLU A 1 126 ? -10.975 -4.025  14.279  1.00 26.91 ? 427 GLU A CD  1 
ATOM   989  O OE1 . GLU A 1 126 ? -10.275 -3.075  14.702  1.00 28.03 ? 427 GLU A OE1 1 
ATOM   990  O OE2 . GLU A 1 126 ? -12.221 -4.053  14.396  1.00 28.12 ? 427 GLU A OE2 1 
ATOM   991  N N   . LEU A 1 127 ? -8.083  -4.921  10.872  1.00 19.60 ? 428 LEU A N   1 
ATOM   992  C CA  . LEU A 1 127 ? -8.495  -4.481  9.537   1.00 19.38 ? 428 LEU A CA  1 
ATOM   993  C C   . LEU A 1 127 ? -7.698  -5.034  8.366   1.00 18.39 ? 428 LEU A C   1 
ATOM   994  O O   . LEU A 1 127 ? -8.161  -5.011  7.228   1.00 18.82 ? 428 LEU A O   1 
ATOM   995  C CB  . LEU A 1 127 ? -8.502  -2.950  9.490   1.00 18.33 ? 428 LEU A CB  1 
ATOM   996  C CG  . LEU A 1 127 ? -9.431  -2.315  10.531  1.00 18.10 ? 428 LEU A CG  1 
ATOM   997  C CD1 . LEU A 1 127 ? -9.361  -0.796  10.452  1.00 19.64 ? 428 LEU A CD1 1 
ATOM   998  C CD2 . LEU A 1 127 ? -10.851 -2.797  10.296  1.00 20.24 ? 428 LEU A CD2 1 
ATOM   999  N N   . HIS A 1 128 ? -6.499  -5.517  8.653   1.00 19.95 ? 429 HIS A N   1 
ATOM   1000 C CA  . HIS A 1 128 ? -5.631  -6.114  7.648   1.00 20.56 ? 429 HIS A CA  1 
ATOM   1001 C C   . HIS A 1 128 ? -5.490  -5.341  6.336   1.00 19.17 ? 429 HIS A C   1 
ATOM   1002 O O   . HIS A 1 128 ? -5.530  -5.925  5.245   1.00 18.50 ? 429 HIS A O   1 
ATOM   1003 C CB  . HIS A 1 128 ? -6.108  -7.542  7.389   1.00 24.01 ? 429 HIS A CB  1 
ATOM   1004 C CG  . HIS A 1 128 ? -6.205  -8.365  8.636   1.00 28.33 ? 429 HIS A CG  1 
ATOM   1005 N ND1 . HIS A 1 128 ? -5.095  -8.838  9.302   1.00 29.68 ? 429 HIS A ND1 1 
ATOM   1006 C CD2 . HIS A 1 128 ? -7.276  -8.731  9.380   1.00 29.62 ? 429 HIS A CD2 1 
ATOM   1007 C CE1 . HIS A 1 128 ? -5.478  -9.460  10.404  1.00 30.87 ? 429 HIS A CE1 1 
ATOM   1008 N NE2 . HIS A 1 128 ? -6.795  -9.408  10.475  1.00 30.29 ? 429 HIS A NE2 1 
ATOM   1009 N N   . THR A 1 129 ? -5.295  -4.030  6.463   1.00 17.30 ? 430 THR A N   1 
ATOM   1010 C CA  . THR A 1 129 ? -5.106  -3.139  5.326   1.00 17.04 ? 430 THR A CA  1 
ATOM   1011 C C   . THR A 1 129 ? -4.199  -2.008  5.792   1.00 16.72 ? 430 THR A C   1 
ATOM   1012 O O   . THR A 1 129 ? -4.013  -1.811  6.995   1.00 17.27 ? 430 THR A O   1 
ATOM   1013 C CB  . THR A 1 129 ? -6.440  -2.532  4.838   1.00 17.25 ? 430 THR A CB  1 
ATOM   1014 O OG1 . THR A 1 129 ? -7.074  -1.835  5.918   1.00 18.00 ? 430 THR A OG1 1 
ATOM   1015 C CG2 . THR A 1 129 ? -7.362  -3.620  4.315   1.00 16.54 ? 430 THR A CG2 1 
ATOM   1016 N N   . LEU A 1 130 ? -3.639  -1.266  4.843   1.00 15.68 ? 431 LEU A N   1 
ATOM   1017 C CA  . LEU A 1 130 ? -2.748  -0.161  5.165   1.00 16.49 ? 431 LEU A CA  1 
ATOM   1018 C C   . LEU A 1 130 ? -2.593  0.776   3.978   1.00 16.30 ? 431 LEU A C   1 
ATOM   1019 O O   . LEU A 1 130 ? -2.971  0.452   2.847   1.00 16.22 ? 431 LEU A O   1 
ATOM   1020 C CB  . LEU A 1 130 ? -1.359  -0.679  5.561   1.00 17.44 ? 431 LEU A CB  1 
ATOM   1021 C CG  . LEU A 1 130 ? -0.509  -1.278  4.432   1.00 20.68 ? 431 LEU A CG  1 
ATOM   1022 C CD1 . LEU A 1 130 ? 0.831   -1.746  4.989   1.00 24.47 ? 431 LEU A CD1 1 
ATOM   1023 C CD2 . LEU A 1 130 ? -1.251  -2.439  3.795   1.00 23.56 ? 431 LEU A CD2 1 
ATOM   1024 N N   . VAL A 1 131 ? -2.017  1.941   4.246   1.00 15.85 ? 432 VAL A N   1 
ATOM   1025 C CA  . VAL A 1 131 ? -1.781  2.935   3.219   1.00 16.77 ? 432 VAL A CA  1 
ATOM   1026 C C   . VAL A 1 131 ? -0.310  2.851   2.821   1.00 17.00 ? 432 VAL A C   1 
ATOM   1027 O O   . VAL A 1 131 ? 0.588   3.057   3.651   1.00 17.01 ? 432 VAL A O   1 
ATOM   1028 C CB  . VAL A 1 131 ? -2.131  4.343   3.743   1.00 16.71 ? 432 VAL A CB  1 
ATOM   1029 C CG1 . VAL A 1 131 ? -1.600  5.416   2.790   1.00 17.06 ? 432 VAL A CG1 1 
ATOM   1030 C CG2 . VAL A 1 131 ? -3.653  4.462   3.902   1.00 16.02 ? 432 VAL A CG2 1 
ATOM   1031 N N   . ALA A 1 132 ? -0.072  2.512   1.556   1.00 14.98 ? 433 ALA A N   1 
ATOM   1032 C CA  . ALA A 1 132 ? 1.276   2.365   1.013   1.00 16.47 ? 433 ALA A CA  1 
ATOM   1033 C C   . ALA A 1 132 ? 1.443   3.334   -0.143  1.00 15.55 ? 433 ALA A C   1 
ATOM   1034 O O   . ALA A 1 132 ? 0.676   3.288   -1.097  1.00 17.46 ? 433 ALA A O   1 
ATOM   1035 C CB  . ALA A 1 132 ? 1.485   0.932   0.532   1.00 14.61 ? 433 ALA A CB  1 
ATOM   1036 N N   . GLU A 1 133 ? 2.454   4.193   -0.064  1.00 17.75 ? 434 GLU A N   1 
ATOM   1037 C CA  . GLU A 1 133 ? 2.685   5.205   -1.086  1.00 16.51 ? 434 GLU A CA  1 
ATOM   1038 C C   . GLU A 1 133 ? 1.383   5.973   -1.272  1.00 17.32 ? 434 GLU A C   1 
ATOM   1039 O O   . GLU A 1 133 ? 1.048   6.406   -2.386  1.00 18.05 ? 434 GLU A O   1 
ATOM   1040 C CB  . GLU A 1 133 ? 3.118   4.575   -2.422  1.00 18.46 ? 434 GLU A CB  1 
ATOM   1041 C CG  . GLU A 1 133 ? 4.527   4.007   -2.444  1.00 16.61 ? 434 GLU A CG  1 
ATOM   1042 C CD  . GLU A 1 133 ? 5.595   5.030   -2.078  1.00 19.37 ? 434 GLU A CD  1 
ATOM   1043 O OE1 . GLU A 1 133 ? 5.444   6.217   -2.436  1.00 20.97 ? 434 GLU A OE1 1 
ATOM   1044 O OE2 . GLU A 1 133 ? 6.599   4.640   -1.450  1.00 17.32 ? 434 GLU A OE2 1 
ATOM   1045 N N   . GLY A 1 134 ? 0.638   6.108   -0.173  1.00 16.06 ? 435 GLY A N   1 
ATOM   1046 C CA  . GLY A 1 134 ? -0.624  6.835   -0.197  1.00 16.71 ? 435 GLY A CA  1 
ATOM   1047 C C   . GLY A 1 134 ? -1.832  6.059   -0.692  1.00 16.61 ? 435 GLY A C   1 
ATOM   1048 O O   . GLY A 1 134 ? -2.964  6.540   -0.619  1.00 16.71 ? 435 GLY A O   1 
ATOM   1049 N N   . VAL A 1 135 ? -1.598  4.851   -1.188  1.00 16.53 ? 436 VAL A N   1 
ATOM   1050 C CA  . VAL A 1 135 ? -2.666  4.017   -1.718  1.00 15.54 ? 436 VAL A CA  1 
ATOM   1051 C C   . VAL A 1 135 ? -3.155  2.975   -0.708  1.00 17.17 ? 436 VAL A C   1 
ATOM   1052 O O   . VAL A 1 135 ? -2.349  2.348   -0.005  1.00 15.60 ? 436 VAL A O   1 
ATOM   1053 C CB  . VAL A 1 135 ? -2.183  3.282   -2.996  1.00 17.30 ? 436 VAL A CB  1 
ATOM   1054 C CG1 . VAL A 1 135 ? -3.311  2.464   -3.591  1.00 12.81 ? 436 VAL A CG1 1 
ATOM   1055 C CG2 . VAL A 1 135 ? -1.648  4.291   -4.003  1.00 12.44 ? 436 VAL A CG2 1 
ATOM   1056 N N   . VAL A 1 136 ? -4.473  2.799   -0.639  1.00 17.24 ? 437 VAL A N   1 
ATOM   1057 C CA  . VAL A 1 136 ? -5.070  1.812   0.262   1.00 17.37 ? 437 VAL A CA  1 
ATOM   1058 C C   . VAL A 1 136 ? -4.924  0.419   -0.364  1.00 17.64 ? 437 VAL A C   1 
ATOM   1059 O O   . VAL A 1 136 ? -5.457  0.142   -1.451  1.00 17.07 ? 437 VAL A O   1 
ATOM   1060 C CB  . VAL A 1 136 ? -6.570  2.109   0.521   1.00 17.40 ? 437 VAL A CB  1 
ATOM   1061 C CG1 . VAL A 1 136 ? -7.170  1.027   1.415   1.00 17.28 ? 437 VAL A CG1 1 
ATOM   1062 C CG2 . VAL A 1 136 ? -6.734  3.487   1.169   1.00 18.42 ? 437 VAL A CG2 1 
ATOM   1063 N N   . VAL A 1 137 ? -4.199  -0.449  0.334   1.00 18.11 ? 438 VAL A N   1 
ATOM   1064 C CA  . VAL A 1 137 ? -3.936  -1.807  -0.126  1.00 19.07 ? 438 VAL A CA  1 
ATOM   1065 C C   . VAL A 1 137 ? -4.165  -2.822  0.993   1.00 21.61 ? 438 VAL A C   1 
ATOM   1066 O O   . VAL A 1 137 ? -4.316  -2.457  2.158   1.00 20.92 ? 438 VAL A O   1 
ATOM   1067 C CB  . VAL A 1 137 ? -2.461  -1.948  -0.612  1.00 19.57 ? 438 VAL A CB  1 
ATOM   1068 C CG1 . VAL A 1 137 ? -2.162  -0.915  -1.703  1.00 19.65 ? 438 VAL A CG1 1 
ATOM   1069 C CG2 . VAL A 1 137 ? -1.499  -1.761  0.557   1.00 16.22 ? 438 VAL A CG2 1 
ATOM   1070 N N   . HIS A 1 138 ? -4.188  -4.098  0.628   1.00 23.72 ? 439 HIS A N   1 
ATOM   1071 C CA  . HIS A 1 138 ? -4.364  -5.165  1.601   1.00 26.73 ? 439 HIS A CA  1 
ATOM   1072 C C   . HIS A 1 138 ? -3.006  -5.356  2.287   1.00 27.00 ? 439 HIS A C   1 
ATOM   1073 O O   . HIS A 1 138 ? -1.966  -5.106  1.672   1.00 25.39 ? 439 HIS A O   1 
ATOM   1074 C CB  . HIS A 1 138 ? -4.805  -6.443  0.889   1.00 30.61 ? 439 HIS A CB  1 
ATOM   1075 C CG  . HIS A 1 138 ? -5.189  -7.550  1.819   1.00 35.54 ? 439 HIS A CG  1 
ATOM   1076 N ND1 . HIS A 1 138 ? -4.276  -8.450  2.327   1.00 35.70 ? 439 HIS A ND1 1 
ATOM   1077 C CD2 . HIS A 1 138 ? -6.386  -7.882  2.359   1.00 36.20 ? 439 HIS A CD2 1 
ATOM   1078 C CE1 . HIS A 1 138 ? -4.894  -9.291  3.137   1.00 36.17 ? 439 HIS A CE1 1 
ATOM   1079 N NE2 . HIS A 1 138 ? -6.175  -8.968  3.175   1.00 37.45 ? 439 HIS A NE2 1 
ATOM   1080 N N   . ASN A 1 139 ? -2.988  -5.783  3.550   1.00 27.76 ? 440 ASN A N   1 
ATOM   1081 C CA  . ASN A 1 139 ? -1.696  -5.938  4.215   1.00 27.67 ? 440 ASN A CA  1 
ATOM   1082 C C   . ASN A 1 139 ? -0.919  -7.145  3.700   1.00 28.77 ? 440 ASN A C   1 
ATOM   1083 O O   . ASN A 1 139 ? -1.556  -8.155  3.338   1.00 29.23 ? 440 ASN A O   1 
ATOM   1084 C CB  . ASN A 1 139 ? -1.852  -6.000  5.747   1.00 26.50 ? 440 ASN A CB  1 
ATOM   1085 C CG  . ASN A 1 139 ? -2.588  -7.242  6.240   1.00 25.72 ? 440 ASN A CG  1 
ATOM   1086 O OD1 . ASN A 1 139 ? -2.786  -7.400  7.443   1.00 24.77 ? 440 ASN A OD1 1 
ATOM   1087 N ND2 . ASN A 1 139 ? -2.991  -8.118  5.327   1.00 26.72 ? 440 ASN A ND2 1 
ATOM   1088 O OXT . ASN A 1 139 ? 0.326   -7.052  3.665   1.00 30.88 ? 440 ASN A OXT 1 
HETATM 1089 O O   . HOH B 2 .   ? -3.105  0.285   -18.722 1.00 16.21 ? 441 HOH A O   1 
HETATM 1090 O O   . HOH B 2 .   ? -0.227  3.655   6.507   1.00 14.03 ? 442 HOH A O   1 
HETATM 1091 O O   . HOH B 2 .   ? 3.528   4.146   16.187  1.00 23.46 ? 443 HOH A O   1 
HETATM 1092 O O   . HOH B 2 .   ? 13.871  -10.690 0.831   1.00 23.18 ? 444 HOH A O   1 
HETATM 1093 O O   . HOH B 2 .   ? 2.841   -4.494  -15.794 1.00 19.14 ? 445 HOH A O   1 
HETATM 1094 O O   . HOH B 2 .   ? -7.570  11.245  -10.523 1.00 22.80 ? 446 HOH A O   1 
HETATM 1095 O O   . HOH B 2 .   ? -10.823 -4.409  6.310   1.00 32.94 ? 447 HOH A O   1 
HETATM 1096 O O   . HOH B 2 .   ? -0.603  1.681   -18.722 1.00 23.22 ? 448 HOH A O   1 
HETATM 1097 O O   . HOH B 2 .   ? 10.913  -8.737  -13.857 1.00 19.29 ? 449 HOH A O   1 
HETATM 1098 O O   . HOH B 2 .   ? 9.967   -6.316  -17.162 1.00 19.17 ? 450 HOH A O   1 
HETATM 1099 O O   . HOH B 2 .   ? 1.830   5.765   2.856   1.00 20.05 ? 451 HOH A O   1 
HETATM 1100 O O   . HOH B 2 .   ? -1.748  -3.964  -13.645 1.00 22.80 ? 452 HOH A O   1 
HETATM 1101 O O   . HOH B 2 .   ? 13.884  -9.634  6.685   1.00 24.67 ? 453 HOH A O   1 
HETATM 1102 O O   . HOH B 2 .   ? 6.355   5.132   13.639  1.00 22.51 ? 454 HOH A O   1 
HETATM 1103 O O   . HOH B 2 .   ? -3.970  -10.526 6.468   1.00 25.69 ? 455 HOH A O   1 
HETATM 1104 O O   . HOH B 2 .   ? 7.365   4.643   -5.233  1.00 32.98 ? 456 HOH A O   1 
HETATM 1105 O O   . HOH B 2 .   ? -2.996  -8.715  -0.954  1.00 27.81 ? 457 HOH A O   1 
HETATM 1106 O O   . HOH B 2 .   ? 5.862   6.343   -14.938 1.00 26.08 ? 458 HOH A O   1 
HETATM 1107 O O   . HOH B 2 .   ? -12.507 4.812   -13.961 1.00 25.95 ? 459 HOH A O   1 
HETATM 1108 O O   . HOH B 2 .   ? -10.657 7.294   -15.777 1.00 23.66 ? 460 HOH A O   1 
HETATM 1109 O O   . HOH B 2 .   ? -10.052 10.217  7.243   1.00 24.08 ? 461 HOH A O   1 
HETATM 1110 O O   . HOH B 2 .   ? -16.539 8.625   -7.789  1.00 34.38 ? 462 HOH A O   1 
HETATM 1111 O O   . HOH B 2 .   ? -0.988  10.497  -1.053  1.00 27.47 ? 463 HOH A O   1 
HETATM 1112 O O   . HOH B 2 .   ? -11.364 1.052   -12.001 1.00 26.90 ? 464 HOH A O   1 
HETATM 1113 O O   . HOH B 2 .   ? -17.766 3.157   -8.129  1.00 21.74 ? 465 HOH A O   1 
HETATM 1114 O O   . HOH B 2 .   ? -1.313  9.649   3.063   1.00 22.76 ? 466 HOH A O   1 
HETATM 1115 O O   . HOH B 2 .   ? 14.535  -6.466  -12.423 1.00 29.22 ? 467 HOH A O   1 
HETATM 1116 O O   . HOH B 2 .   ? 16.520  -10.991 -2.035  1.00 39.78 ? 468 HOH A O   1 
HETATM 1117 O O   . HOH B 2 .   ? -14.725 -5.550  -2.985  1.00 27.95 ? 469 HOH A O   1 
HETATM 1118 O O   . HOH B 2 .   ? 8.951   -13.798 7.096   1.00 38.65 ? 470 HOH A O   1 
HETATM 1119 O O   . HOH B 2 .   ? 5.753   11.467  7.328   1.00 29.10 ? 471 HOH A O   1 
HETATM 1120 O O   . HOH B 2 .   ? 0.033   10.585  -7.022  1.00 25.63 ? 472 HOH A O   1 
HETATM 1121 O O   . HOH B 2 .   ? -2.327  11.181  12.155  1.00 25.91 ? 473 HOH A O   1 
HETATM 1122 O O   . HOH B 2 .   ? -3.535  11.116  -5.949  1.00 28.17 ? 474 HOH A O   1 
HETATM 1123 O O   . HOH B 2 .   ? -11.192 -1.148  -10.764 1.00 37.03 ? 475 HOH A O   1 
HETATM 1124 O O   . HOH B 2 .   ? 6.495   -11.538 12.243  1.00 29.19 ? 476 HOH A O   1 
HETATM 1125 O O   . HOH B 2 .   ? -11.978 10.891  -8.174  1.00 43.88 ? 477 HOH A O   1 
HETATM 1126 O O   . HOH B 2 .   ? -8.076  -6.505  -16.128 1.00 32.46 ? 478 HOH A O   1 
HETATM 1127 O O   . HOH B 2 .   ? 9.409   0.749   -4.580  1.00 34.41 ? 479 HOH A O   1 
HETATM 1128 O O   . HOH B 2 .   ? -4.017  10.446  10.041  1.00 27.07 ? 480 HOH A O   1 
HETATM 1129 O O   . HOH B 2 .   ? 12.279  3.371   6.740   1.00 31.86 ? 481 HOH A O   1 
HETATM 1130 O O   . HOH B 2 .   ? -1.015  -10.888 6.999   1.00 39.57 ? 482 HOH A O   1 
HETATM 1131 O O   . HOH B 2 .   ? 5.234   7.463   -5.096  1.00 22.82 ? 483 HOH A O   1 
HETATM 1132 O O   . HOH B 2 .   ? -2.496  -4.508  19.892  1.00 33.10 ? 484 HOH A O   1 
HETATM 1133 O O   . HOH B 2 .   ? 14.275  -3.614  -9.240  1.00 27.07 ? 485 HOH A O   1 
HETATM 1134 O O   . HOH B 2 .   ? -14.569 1.463   -3.322  1.00 32.59 ? 486 HOH A O   1 
HETATM 1135 O O   . HOH B 2 .   ? 11.485  -9.721  10.560  1.00 38.35 ? 487 HOH A O   1 
HETATM 1136 O O   . HOH B 2 .   ? -1.265  0.291   19.851  1.00 33.78 ? 488 HOH A O   1 
HETATM 1137 O O   . HOH B 2 .   ? 1.241   -1.611  -19.381 1.00 33.99 ? 489 HOH A O   1 
HETATM 1138 O O   . HOH B 2 .   ? -13.353 -1.605  15.096  1.00 37.87 ? 490 HOH A O   1 
HETATM 1139 O O   . HOH B 2 .   ? -9.274  -3.061  -14.408 1.00 29.19 ? 491 HOH A O   1 
HETATM 1140 O O   . HOH B 2 .   ? 5.667   0.863   -3.665  1.00 25.61 ? 492 HOH A O   1 
HETATM 1141 O O   . HOH B 2 .   ? -12.224 7.330   11.144  1.00 20.69 ? 493 HOH A O   1 
HETATM 1142 O O   . HOH B 2 .   ? -6.198  -9.305  13.598  1.00 34.27 ? 494 HOH A O   1 
HETATM 1143 O O   . HOH B 2 .   ? 14.730  -4.881  -3.981  1.00 26.38 ? 495 HOH A O   1 
HETATM 1144 O O   . HOH B 2 .   ? -3.823  17.102  -2.976  1.00 43.32 ? 496 HOH A O   1 
HETATM 1145 O O   . HOH B 2 .   ? 16.881  -2.269  7.780   1.00 44.21 ? 497 HOH A O   1 
HETATM 1146 O O   . HOH B 2 .   ? 4.991   7.922   -0.534  1.00 28.61 ? 498 HOH A O   1 
HETATM 1147 O O   . HOH B 2 .   ? 9.565   -1.674  -14.770 1.00 23.34 ? 499 HOH A O   1 
HETATM 1148 O O   . HOH B 2 .   ? -3.407  16.252  8.388   1.00 49.65 ? 500 HOH A O   1 
HETATM 1149 O O   . HOH B 2 .   ? 11.589  -3.134  -15.683 1.00 35.25 ? 501 HOH A O   1 
HETATM 1150 O O   . HOH B 2 .   ? 5.288   -11.609 -8.328  1.00 22.43 ? 502 HOH A O   1 
HETATM 1151 O O   . HOH B 2 .   ? -11.887 11.785  -5.435  1.00 24.60 ? 503 HOH A O   1 
HETATM 1152 O O   . HOH B 2 .   ? 10.457  -4.486  -19.060 1.00 23.36 ? 504 HOH A O   1 
HETATM 1153 O O   . HOH B 2 .   ? 13.017  -6.718  -17.420 1.00 24.37 ? 505 HOH A O   1 
HETATM 1154 O O   . HOH B 2 .   ? 7.620   2.766   -3.680  1.00 32.30 ? 506 HOH A O   1 
HETATM 1155 O O   . HOH B 2 .   ? -0.048  -5.359  -15.055 1.00 22.36 ? 507 HOH A O   1 
HETATM 1156 O O   . HOH B 2 .   ? -8.784  -9.106  -8.394  1.00 33.82 ? 508 HOH A O   1 
HETATM 1157 O O   . HOH B 2 .   ? -0.991  -12.922 8.770   1.00 29.32 ? 509 HOH A O   1 
HETATM 1158 O O   . HOH B 2 .   ? 13.160  -5.718  -15.059 1.00 30.70 ? 510 HOH A O   1 
HETATM 1159 O O   . HOH B 2 .   ? -14.826 7.183   11.953  1.00 24.66 ? 511 HOH A O   1 
HETATM 1160 O O   . HOH B 2 .   ? 5.143   12.211  -12.438 1.00 33.14 ? 512 HOH A O   1 
HETATM 1161 O O   . HOH B 2 .   ? -4.288  -11.466 -0.486  1.00 40.60 ? 513 HOH A O   1 
HETATM 1162 O O   . HOH B 2 .   ? -0.888  13.257  11.390  1.00 45.68 ? 514 HOH A O   1 
HETATM 1163 O O   . HOH B 2 .   ? 11.962  -2.679  -18.064 1.00 34.04 ? 515 HOH A O   1 
HETATM 1164 O O   . HOH B 2 .   ? 7.440   13.548  6.862   1.00 38.65 ? 516 HOH A O   1 
HETATM 1165 O O   . HOH B 2 .   ? 4.201   1.112   -19.251 1.00 27.43 ? 517 HOH A O   1 
HETATM 1166 O O   . HOH B 2 .   ? -16.802 1.093   -4.585  1.00 37.86 ? 518 HOH A O   1 
HETATM 1167 O O   . HOH B 2 .   ? 4.259   -16.507 -3.263  1.00 35.23 ? 519 HOH A O   1 
HETATM 1168 O O   . HOH B 2 .   ? -4.916  -11.846 -5.519  1.00 30.20 ? 520 HOH A O   1 
HETATM 1169 O O   . HOH B 2 .   ? 15.460  -4.182  -11.791 1.00 40.56 ? 521 HOH A O   1 
HETATM 1170 O O   . HOH B 2 .   ? 12.257  3.422   9.645   1.00 31.80 ? 522 HOH A O   1 
HETATM 1171 O O   . HOH B 2 .   ? 4.547   9.665   -3.045  1.00 34.91 ? 523 HOH A O   1 
HETATM 1172 O O   . HOH B 2 .   ? -10.449 -9.258  11.988  1.00 40.73 ? 524 HOH A O   1 
HETATM 1173 O O   . HOH B 2 .   ? 0.672   12.192  5.710   1.00 39.65 ? 525 HOH A O   1 
HETATM 1174 O O   . HOH B 2 .   ? 1.209   8.976   2.621   1.00 43.57 ? 526 HOH A O   1 
HETATM 1175 O O   . HOH B 2 .   ? 9.524   -15.084 -3.022  1.00 35.16 ? 527 HOH A O   1 
HETATM 1176 O O   . HOH B 2 .   ? 12.445  -11.195 8.626   1.00 32.72 ? 528 HOH A O   1 
HETATM 1177 O O   . HOH B 2 .   ? -2.979  -11.543 -10.004 1.00 44.53 ? 529 HOH A O   1 
HETATM 1178 O O   . HOH B 2 .   ? -1.672  -1.978  -19.178 1.00 29.22 ? 530 HOH A O   1 
HETATM 1179 O O   . HOH B 2 .   ? -3.518  -8.074  16.735  1.00 48.73 ? 531 HOH A O   1 
HETATM 1180 O O   . HOH B 2 .   ? -10.930 -2.930  -16.964 1.00 44.37 ? 532 HOH A O   1 
HETATM 1181 O O   . HOH B 2 .   ? 2.048   -3.986  -18.364 1.00 38.50 ? 533 HOH A O   1 
HETATM 1182 O O   . HOH B 2 .   ? 17.910  -4.852  0.957   1.00 48.38 ? 534 HOH A O   1 
HETATM 1183 O O   . HOH B 2 .   ? -2.766  -1.932  20.546  1.00 38.89 ? 535 HOH A O   1 
HETATM 1184 O O   . HOH B 2 .   ? -13.881 10.327  -6.440  1.00 41.35 ? 536 HOH A O   1 
HETATM 1185 O O   . HOH B 2 .   ? -5.325  -2.352  19.695  1.00 36.70 ? 537 HOH A O   1 
HETATM 1186 O O   . HOH B 2 .   ? 16.187  0.327   2.661   1.00 33.46 ? 538 HOH A O   1 
HETATM 1187 O O   . HOH B 2 .   ? -2.654  -11.776 -2.561  1.00 42.91 ? 539 HOH A O   1 
HETATM 1188 O O   . HOH B 2 .   ? 8.914   7.605   14.899  1.00 40.70 ? 540 HOH A O   1 
HETATM 1189 O O   . HOH B 2 .   ? -12.189 7.895   7.944   1.00 46.08 ? 541 HOH A O   1 
HETATM 1190 O O   . HOH B 2 .   ? 9.545   11.266  12.837  1.00 40.36 ? 542 HOH A O   1 
HETATM 1191 O O   . HOH B 2 .   ? -6.176  9.001   7.569   1.00 41.30 ? 543 HOH A O   1 
HETATM 1192 O O   . HOH B 2 .   ? 16.263  -7.021  -7.973  1.00 42.54 ? 544 HOH A O   1 
HETATM 1193 O O   . HOH B 2 .   ? 7.558   3.913   15.570  1.00 42.43 ? 545 HOH A O   1 
HETATM 1194 O O   . HOH B 2 .   ? 10.379  -15.229 -7.432  1.00 42.15 ? 546 HOH A O   1 
HETATM 1195 O O   . HOH B 2 .   ? -15.557 1.133   10.828  1.00 40.76 ? 547 HOH A O   1 
HETATM 1196 O O   . HOH B 2 .   ? -6.655  12.713  -8.403  1.00 36.67 ? 548 HOH A O   1 
HETATM 1197 O O   . HOH B 2 .   ? -14.260 -5.195  -8.950  1.00 39.50 ? 549 HOH A O   1 
HETATM 1198 O O   . HOH B 2 .   ? -13.124 0.116   12.505  1.00 38.90 ? 550 HOH A O   1 
HETATM 1199 O O   . HOH B 2 .   ? 7.786   -13.279 -9.428  1.00 31.91 ? 551 HOH A O   1 
HETATM 1200 O O   . HOH B 2 .   ? -1.386  13.404  7.475   1.00 46.41 ? 552 HOH A O   1 
# 
loop_
_pdbx_poly_seq_scheme.asym_id 
_pdbx_poly_seq_scheme.entity_id 
_pdbx_poly_seq_scheme.seq_id 
_pdbx_poly_seq_scheme.mon_id 
_pdbx_poly_seq_scheme.ndb_seq_num 
_pdbx_poly_seq_scheme.pdb_seq_num 
_pdbx_poly_seq_scheme.auth_seq_num 
_pdbx_poly_seq_scheme.pdb_mon_id 
_pdbx_poly_seq_scheme.auth_mon_id 
_pdbx_poly_seq_scheme.pdb_strand_id 
_pdbx_poly_seq_scheme.pdb_ins_code 
_pdbx_poly_seq_scheme.hetero 
A 1 1   CYS 1   1   1   CYS CYS A . n 
A 1 2   LEU 2   2   2   LEU LEU A . n 
A 1 3   ALA 3   3   3   ALA ALA A . n 
A 1 4   GLU 4   4   4   GLU GLU A . n 
A 1 5   GLY 5   5   5   GLY GLY A . n 
A 1 6   THR 6   6   6   THR THR A . n 
A 1 7   ARG 7   7   7   ARG ARG A . n 
A 1 8   ILE 8   8   8   ILE ILE A . n 
A 1 9   PHE 9   9   9   PHE PHE A . n 
A 1 10  ASP 10  10  10  ASP ASP A . n 
A 1 11  PRO 11  11  11  PRO PRO A . n 
A 1 12  VAL 12  12  12  VAL VAL A . n 
A 1 13  THR 13  13  13  THR THR A . n 
A 1 14  GLY 14  14  14  GLY GLY A . n 
A 1 15  THR 15  15  15  THR THR A . n 
A 1 16  THR 16  16  16  THR THR A . n 
A 1 17  HIS 17  17  17  HIS HIS A . n 
A 1 18  ARG 18  18  18  ARG ARG A . n 
A 1 19  ILE 19  19  19  ILE ILE A . n 
A 1 20  GLU 20  20  20  GLU GLU A . n 
A 1 21  ASP 21  21  21  ASP ASP A . n 
A 1 22  VAL 22  22  22  VAL VAL A . n 
A 1 23  VAL 23  23  23  VAL VAL A . n 
A 1 24  ASP 24  24  24  ASP ASP A . n 
A 1 25  GLY 25  25  25  GLY GLY A . n 
A 1 26  ARG 26  26  26  ARG ARG A . n 
A 1 27  LYS 27  27  27  LYS LYS A . n 
A 1 28  PRO 28  28  28  PRO PRO A . n 
A 1 29  ILE 29  29  29  ILE ILE A . n 
A 1 30  HIS 30  30  30  HIS HIS A . n 
A 1 31  VAL 31  31  31  VAL VAL A . n 
A 1 32  VAL 32  32  32  VAL VAL A . n 
A 1 33  ALA 33  33  33  ALA ALA A . n 
A 1 34  ALA 34  34  34  ALA ALA A . n 
A 1 35  ALA 35  35  35  ALA ALA A . n 
A 1 36  LYS 36  36  36  LYS LYS A . n 
A 1 37  ASP 37  37  37  ASP ASP A . n 
A 1 38  GLY 38  38  38  GLY GLY A . n 
A 1 39  THR 39  39  39  THR THR A . n 
A 1 40  LEU 40  40  40  LEU LEU A . n 
A 1 41  HIS 41  41  41  HIS HIS A . n 
A 1 42  ALA 42  42  42  ALA ALA A . n 
A 1 43  ARG 43  43  43  ARG ARG A . n 
A 1 44  PRO 44  44  44  PRO PRO A . n 
A 1 45  VAL 45  45  45  VAL VAL A . n 
A 1 46  VAL 46  46  46  VAL VAL A . n 
A 1 47  SER 47  47  47  SER SER A . n 
A 1 48  TRP 48  48  48  TRP TRP A . n 
A 1 49  PHE 49  49  49  PHE PHE A . n 
A 1 50  ASP 50  50  50  ASP ASP A . n 
A 1 51  GLN 51  51  51  GLN GLN A . n 
A 1 52  GLY 52  52  52  GLY GLY A . n 
A 1 53  THR 53  53  53  THR THR A . n 
A 1 54  ARG 54  54  54  ARG ARG A . n 
A 1 55  ASP 55  55  55  ASP ASP A . n 
A 1 56  VAL 56  56  56  VAL VAL A . n 
A 1 57  ILE 57  57  57  ILE ILE A . n 
A 1 58  GLY 58  58  58  GLY GLY A . n 
A 1 59  LEU 59  59  59  LEU LEU A . n 
A 1 60  ARG 60  60  60  ARG ARG A . n 
A 1 61  ILE 61  61  61  ILE ILE A . n 
A 1 62  ALA 62  62  62  ALA ALA A . n 
A 1 63  GLY 63  63  63  GLY GLY A . n 
A 1 64  GLY 64  64  64  GLY GLY A . n 
A 1 65  ALA 65  65  65  ALA ALA A . n 
A 1 66  ILE 66  66  66  ILE ILE A . n 
A 1 67  LEU 67  67  67  LEU LEU A . n 
A 1 68  TRP 68  68  68  TRP TRP A . n 
A 1 69  ALA 69  69  69  ALA ALA A . n 
A 1 70  THR 70  70  70  THR THR A . n 
A 1 71  PRO 71  71  71  PRO PRO A . n 
A 1 72  ASP 72  72  72  ASP ASP A . n 
A 1 73  HIS 73  73  73  HIS HIS A . n 
A 1 74  LYS 74  74  74  LYS LYS A . n 
A 1 75  VAL 75  75  75  VAL VAL A . n 
A 1 76  LEU 76  76  76  LEU LEU A . n 
A 1 77  THR 77  77  77  THR THR A . n 
A 1 78  GLU 78  78  78  GLU GLU A . n 
A 1 79  TYR 79  79  79  TYR TYR A . n 
A 1 80  GLY 80  80  80  GLY GLY A . n 
A 1 81  TRP 81  81  81  TRP TRP A . n 
A 1 82  ARG 82  82  82  ARG ARG A . n 
A 1 83  ALA 83  83  83  ALA ALA A . n 
A 1 84  ALA 84  84  84  ALA ALA A . n 
A 1 85  GLY 85  85  85  GLY GLY A . n 
A 1 86  GLU 86  86  86  GLU GLU A . n 
A 1 87  LEU 87  87  87  LEU LEU A . n 
A 1 88  ARG 88  88  88  ARG ARG A . n 
A 1 89  LYS 89  89  89  LYS LYS A . n 
A 1 90  GLY 90  90  90  GLY GLY A . n 
A 1 91  ASP 91  91  91  ASP ASP A . n 
A 1 92  ARG 92  92  92  ARG ARG A . n 
A 1 93  VAL 93  93  93  VAL VAL A . n 
A 1 94  ALA 94  94  94  ALA ALA A . n 
A 1 95  VAL 95  95  95  VAL VAL A . n 
A 1 96  ARG 96  96  96  ARG ARG A . n 
A 1 97  ASP 97  97  97  ASP ASP A . n 
A 1 98  VAL 98  98  98  VAL VAL A . n 
A 1 99  GLU 99  99  99  GLU GLU A . n 
A 1 100 THR 100 100 100 THR THR A . n 
A 1 101 GLY 101 101 101 GLY GLY A . n 
A 1 102 GLU 102 102 102 GLU GLU A . n 
A 1 103 LEU 103 404 404 LEU LEU A . n 
A 1 104 ARG 104 405 405 ARG ARG A . n 
A 1 105 TYR 105 406 406 TYR TYR A . n 
A 1 106 SER 106 407 407 SER SER A . n 
A 1 107 VAL 107 408 408 VAL VAL A . n 
A 1 108 ILE 108 409 409 ILE ILE A . n 
A 1 109 ARG 109 410 410 ARG ARG A . n 
A 1 110 GLU 110 411 411 GLU GLU A . n 
A 1 111 VAL 111 412 412 VAL VAL A . n 
A 1 112 LEU 112 413 413 LEU LEU A . n 
A 1 113 PRO 113 414 414 PRO PRO A . n 
A 1 114 THR 114 415 415 THR THR A . n 
A 1 115 ARG 115 416 416 ARG ARG A . n 
A 1 116 ARG 116 417 417 ARG ARG A . n 
A 1 117 ALA 117 418 418 ALA ALA A . n 
A 1 118 ARG 118 419 419 ARG ARG A . n 
A 1 119 THR 119 420 420 THR THR A . n 
A 1 120 PHE 120 421 421 PHE PHE A . n 
A 1 121 ASP 121 422 422 ASP ASP A . n 
A 1 122 LEU 122 423 423 LEU LEU A . n 
A 1 123 GLU 123 424 424 GLU GLU A . n 
A 1 124 VAL 124 425 425 VAL VAL A . n 
A 1 125 GLU 125 426 426 GLU GLU A . n 
A 1 126 GLU 126 427 427 GLU GLU A . n 
A 1 127 LEU 127 428 428 LEU LEU A . n 
A 1 128 HIS 128 429 429 HIS HIS A . n 
A 1 129 THR 129 430 430 THR THR A . n 
A 1 130 LEU 130 431 431 LEU LEU A . n 
A 1 131 VAL 131 432 432 VAL VAL A . n 
A 1 132 ALA 132 433 433 ALA ALA A . n 
A 1 133 GLU 133 434 434 GLU GLU A . n 
A 1 134 GLY 134 435 435 GLY GLY A . n 
A 1 135 VAL 135 436 436 VAL VAL A . n 
A 1 136 VAL 136 437 437 VAL VAL A . n 
A 1 137 VAL 137 438 438 VAL VAL A . n 
A 1 138 HIS 138 439 439 HIS HIS A . n 
A 1 139 ASN 139 440 440 ASN ASN A . n 
# 
loop_
_pdbx_nonpoly_scheme.asym_id 
_pdbx_nonpoly_scheme.entity_id 
_pdbx_nonpoly_scheme.mon_id 
_pdbx_nonpoly_scheme.ndb_seq_num 
_pdbx_nonpoly_scheme.pdb_seq_num 
_pdbx_nonpoly_scheme.auth_seq_num 
_pdbx_nonpoly_scheme.pdb_mon_id 
_pdbx_nonpoly_scheme.auth_mon_id 
_pdbx_nonpoly_scheme.pdb_strand_id 
_pdbx_nonpoly_scheme.pdb_ins_code 
B 2 HOH 1   441 1   HOH WAT A . 
B 2 HOH 2   442 2   HOH WAT A . 
B 2 HOH 3   443 3   HOH WAT A . 
B 2 HOH 4   444 4   HOH WAT A . 
B 2 HOH 5   445 5   HOH WAT A . 
B 2 HOH 6   446 6   HOH WAT A . 
B 2 HOH 7   447 7   HOH WAT A . 
B 2 HOH 8   448 8   HOH WAT A . 
B 2 HOH 9   449 9   HOH WAT A . 
B 2 HOH 10  450 10  HOH WAT A . 
B 2 HOH 11  451 11  HOH WAT A . 
B 2 HOH 12  452 12  HOH WAT A . 
B 2 HOH 13  453 13  HOH WAT A . 
B 2 HOH 14  454 14  HOH WAT A . 
B 2 HOH 15  455 15  HOH WAT A . 
B 2 HOH 16  456 16  HOH WAT A . 
B 2 HOH 17  457 17  HOH WAT A . 
B 2 HOH 18  458 18  HOH WAT A . 
B 2 HOH 19  459 19  HOH WAT A . 
B 2 HOH 20  460 20  HOH WAT A . 
B 2 HOH 21  461 21  HOH WAT A . 
B 2 HOH 22  462 22  HOH WAT A . 
B 2 HOH 23  463 23  HOH WAT A . 
B 2 HOH 24  464 24  HOH WAT A . 
B 2 HOH 25  465 25  HOH WAT A . 
B 2 HOH 26  466 26  HOH WAT A . 
B 2 HOH 27  467 27  HOH WAT A . 
B 2 HOH 28  468 28  HOH WAT A . 
B 2 HOH 29  469 29  HOH WAT A . 
B 2 HOH 30  470 30  HOH WAT A . 
B 2 HOH 31  471 31  HOH WAT A . 
B 2 HOH 32  472 32  HOH WAT A . 
B 2 HOH 33  473 33  HOH WAT A . 
B 2 HOH 34  474 34  HOH WAT A . 
B 2 HOH 35  475 35  HOH WAT A . 
B 2 HOH 36  476 36  HOH WAT A . 
B 2 HOH 37  477 37  HOH WAT A . 
B 2 HOH 38  478 38  HOH WAT A . 
B 2 HOH 39  479 39  HOH WAT A . 
B 2 HOH 40  480 40  HOH WAT A . 
B 2 HOH 41  481 41  HOH WAT A . 
B 2 HOH 42  482 42  HOH WAT A . 
B 2 HOH 43  483 43  HOH WAT A . 
B 2 HOH 44  484 44  HOH WAT A . 
B 2 HOH 45  485 45  HOH WAT A . 
B 2 HOH 46  486 46  HOH WAT A . 
B 2 HOH 47  487 47  HOH WAT A . 
B 2 HOH 48  488 48  HOH WAT A . 
B 2 HOH 49  489 49  HOH WAT A . 
B 2 HOH 50  490 50  HOH WAT A . 
B 2 HOH 51  491 51  HOH WAT A . 
B 2 HOH 52  492 52  HOH WAT A . 
B 2 HOH 53  493 53  HOH WAT A . 
B 2 HOH 54  494 54  HOH WAT A . 
B 2 HOH 55  495 55  HOH WAT A . 
B 2 HOH 56  496 56  HOH WAT A . 
B 2 HOH 57  497 57  HOH WAT A . 
B 2 HOH 58  498 58  HOH WAT A . 
B 2 HOH 59  499 59  HOH WAT A . 
B 2 HOH 60  500 60  HOH WAT A . 
B 2 HOH 61  501 61  HOH WAT A . 
B 2 HOH 62  502 62  HOH WAT A . 
B 2 HOH 63  503 63  HOH WAT A . 
B 2 HOH 64  504 64  HOH WAT A . 
B 2 HOH 65  505 65  HOH WAT A . 
B 2 HOH 66  506 66  HOH WAT A . 
B 2 HOH 67  507 67  HOH WAT A . 
B 2 HOH 68  508 68  HOH WAT A . 
B 2 HOH 69  509 69  HOH WAT A . 
B 2 HOH 70  510 70  HOH WAT A . 
B 2 HOH 71  511 71  HOH WAT A . 
B 2 HOH 72  512 72  HOH WAT A . 
B 2 HOH 73  513 73  HOH WAT A . 
B 2 HOH 74  514 74  HOH WAT A . 
B 2 HOH 75  515 75  HOH WAT A . 
B 2 HOH 76  516 76  HOH WAT A . 
B 2 HOH 77  517 77  HOH WAT A . 
B 2 HOH 78  518 78  HOH WAT A . 
B 2 HOH 79  519 79  HOH WAT A . 
B 2 HOH 80  520 80  HOH WAT A . 
B 2 HOH 81  521 81  HOH WAT A . 
B 2 HOH 82  522 82  HOH WAT A . 
B 2 HOH 83  523 83  HOH WAT A . 
B 2 HOH 84  524 84  HOH WAT A . 
B 2 HOH 85  525 85  HOH WAT A . 
B 2 HOH 86  526 86  HOH WAT A . 
B 2 HOH 87  527 87  HOH WAT A . 
B 2 HOH 88  528 88  HOH WAT A . 
B 2 HOH 89  529 89  HOH WAT A . 
B 2 HOH 90  530 90  HOH WAT A . 
B 2 HOH 91  531 91  HOH WAT A . 
B 2 HOH 92  532 92  HOH WAT A . 
B 2 HOH 93  533 93  HOH WAT A . 
B 2 HOH 94  534 94  HOH WAT A . 
B 2 HOH 95  535 95  HOH WAT A . 
B 2 HOH 96  536 96  HOH WAT A . 
B 2 HOH 97  537 97  HOH WAT A . 
B 2 HOH 98  538 98  HOH WAT A . 
B 2 HOH 99  539 99  HOH WAT A . 
B 2 HOH 100 540 100 HOH WAT A . 
B 2 HOH 101 541 101 HOH WAT A . 
B 2 HOH 102 542 102 HOH WAT A . 
B 2 HOH 103 543 103 HOH WAT A . 
B 2 HOH 104 544 104 HOH WAT A . 
B 2 HOH 105 545 105 HOH WAT A . 
B 2 HOH 106 546 106 HOH WAT A . 
B 2 HOH 107 547 107 HOH WAT A . 
B 2 HOH 108 548 108 HOH WAT A . 
B 2 HOH 109 549 109 HOH WAT A . 
B 2 HOH 110 550 110 HOH WAT A . 
B 2 HOH 111 551 111 HOH WAT A . 
B 2 HOH 112 552 112 HOH WAT A . 
# 
_pdbx_struct_assembly.id                   1 
_pdbx_struct_assembly.details              author_defined_assembly 
_pdbx_struct_assembly.method_details       ? 
_pdbx_struct_assembly.oligomeric_details   monomeric 
_pdbx_struct_assembly.oligomeric_count     1 
# 
_pdbx_struct_assembly_gen.assembly_id       1 
_pdbx_struct_assembly_gen.oper_expression   1 
_pdbx_struct_assembly_gen.asym_id_list      A,B 
# 
_pdbx_struct_oper_list.id                   1 
_pdbx_struct_oper_list.type                 'identity operation' 
_pdbx_struct_oper_list.name                 1_555 
_pdbx_struct_oper_list.symmetry_operation   x,y,z 
_pdbx_struct_oper_list.matrix[1][1]         1.0000000000 
_pdbx_struct_oper_list.matrix[1][2]         0.0000000000 
_pdbx_struct_oper_list.matrix[1][3]         0.0000000000 
_pdbx_struct_oper_list.vector[1]            0.0000000000 
_pdbx_struct_oper_list.matrix[2][1]         0.0000000000 
_pdbx_struct_oper_list.matrix[2][2]         1.0000000000 
_pdbx_struct_oper_list.matrix[2][3]         0.0000000000 
_pdbx_struct_oper_list.vector[2]            0.0000000000 
_pdbx_struct_oper_list.matrix[3][1]         0.0000000000 
_pdbx_struct_oper_list.matrix[3][2]         0.0000000000 
_pdbx_struct_oper_list.matrix[3][3]         1.0000000000 
_pdbx_struct_oper_list.vector[3]            0.0000000000 
# 
loop_
_pdbx_audit_revision_history.ordinal 
_pdbx_audit_revision_history.data_content_type 
_pdbx_audit_revision_history.major_revision 
_pdbx_audit_revision_history.minor_revision 
_pdbx_audit_revision_history.revision_date 
1 'Structure model' 1 0 2007-05-01 
2 'Structure model' 1 1 2008-05-01 
3 'Structure model' 1 2 2011-07-13 
4 'Structure model' 1 3 2017-08-16 
5 'Structure model' 1 4 2021-10-20 
6 'Structure model' 1 5 2023-08-30 
# 
_pdbx_audit_revision_details.ordinal             1 
_pdbx_audit_revision_details.revision_ordinal    1 
_pdbx_audit_revision_details.data_content_type   'Structure model' 
_pdbx_audit_revision_details.provider            repository 
_pdbx_audit_revision_details.type                'Initial release' 
_pdbx_audit_revision_details.description         ? 
_pdbx_audit_revision_details.details             ? 
# 
loop_
_pdbx_audit_revision_group.ordinal 
_pdbx_audit_revision_group.revision_ordinal 
_pdbx_audit_revision_group.data_content_type 
_pdbx_audit_revision_group.group 
1 2 'Structure model' 'Version format compliance' 
2 3 'Structure model' 'Version format compliance' 
3 4 'Structure model' 'Source and taxonomy'       
4 5 'Structure model' 'Database references'       
5 6 'Structure model' 'Data collection'           
6 6 'Structure model' 'Refinement description'    
# 
loop_
_pdbx_audit_revision_category.ordinal 
_pdbx_audit_revision_category.revision_ordinal 
_pdbx_audit_revision_category.data_content_type 
_pdbx_audit_revision_category.category 
1 4 'Structure model' entity_src_gen                
2 5 'Structure model' database_2                    
3 5 'Structure model' struct_ref_seq_dif            
4 6 'Structure model' chem_comp_atom                
5 6 'Structure model' chem_comp_bond                
6 6 'Structure model' pdbx_initial_refinement_model 
# 
loop_
_pdbx_audit_revision_item.ordinal 
_pdbx_audit_revision_item.revision_ordinal 
_pdbx_audit_revision_item.data_content_type 
_pdbx_audit_revision_item.item 
1 5 'Structure model' '_database_2.pdbx_DOI'                
2 5 'Structure model' '_database_2.pdbx_database_accession' 
3 5 'Structure model' '_struct_ref_seq_dif.details'         
# 
loop_
_software.name 
_software.classification 
_software.version 
_software.citation_id 
_software.pdbx_ordinal 
CNS          refinement        1.1            ? 1 
CrystalClear 'data collection' '(MSC/RIGAKU)' ? 2 
CrystalClear 'data reduction'  '(MSC/RIGAKU)' ? 3 
CrystalClear 'data scaling'    '(MSC/RIGAKU)' ? 4 
PHASER       phasing           .              ? 5 
# 
_pdbx_validate_torsion.id              1 
_pdbx_validate_torsion.PDB_model_num   1 
_pdbx_validate_torsion.auth_comp_id    GLU 
_pdbx_validate_torsion.auth_asym_id    A 
_pdbx_validate_torsion.auth_seq_id     427 
_pdbx_validate_torsion.PDB_ins_code    ? 
_pdbx_validate_torsion.label_alt_id    ? 
_pdbx_validate_torsion.phi             65.51 
_pdbx_validate_torsion.psi             -55.11 
# 
loop_
_chem_comp_atom.comp_id 
_chem_comp_atom.atom_id 
_chem_comp_atom.type_symbol 
_chem_comp_atom.pdbx_aromatic_flag 
_chem_comp_atom.pdbx_stereo_config 
_chem_comp_atom.pdbx_ordinal 
ALA N    N N N 1   
ALA CA   C N S 2   
ALA C    C N N 3   
ALA O    O N N 4   
ALA CB   C N N 5   
ALA OXT  O N N 6   
ALA H    H N N 7   
ALA H2   H N N 8   
ALA HA   H N N 9   
ALA HB1  H N N 10  
ALA HB2  H N N 11  
ALA HB3  H N N 12  
ALA HXT  H N N 13  
ARG N    N N N 14  
ARG CA   C N S 15  
ARG C    C N N 16  
ARG O    O N N 17  
ARG CB   C N N 18  
ARG CG   C N N 19  
ARG CD   C N N 20  
ARG NE   N N N 21  
ARG CZ   C N N 22  
ARG NH1  N N N 23  
ARG NH2  N N N 24  
ARG OXT  O N N 25  
ARG H    H N N 26  
ARG H2   H N N 27  
ARG HA   H N N 28  
ARG HB2  H N N 29  
ARG HB3  H N N 30  
ARG HG2  H N N 31  
ARG HG3  H N N 32  
ARG HD2  H N N 33  
ARG HD3  H N N 34  
ARG HE   H N N 35  
ARG HH11 H N N 36  
ARG HH12 H N N 37  
ARG HH21 H N N 38  
ARG HH22 H N N 39  
ARG HXT  H N N 40  
ASN N    N N N 41  
ASN CA   C N S 42  
ASN C    C N N 43  
ASN O    O N N 44  
ASN CB   C N N 45  
ASN CG   C N N 46  
ASN OD1  O N N 47  
ASN ND2  N N N 48  
ASN OXT  O N N 49  
ASN H    H N N 50  
ASN H2   H N N 51  
ASN HA   H N N 52  
ASN HB2  H N N 53  
ASN HB3  H N N 54  
ASN HD21 H N N 55  
ASN HD22 H N N 56  
ASN HXT  H N N 57  
ASP N    N N N 58  
ASP CA   C N S 59  
ASP C    C N N 60  
ASP O    O N N 61  
ASP CB   C N N 62  
ASP CG   C N N 63  
ASP OD1  O N N 64  
ASP OD2  O N N 65  
ASP OXT  O N N 66  
ASP H    H N N 67  
ASP H2   H N N 68  
ASP HA   H N N 69  
ASP HB2  H N N 70  
ASP HB3  H N N 71  
ASP HD2  H N N 72  
ASP HXT  H N N 73  
CYS N    N N N 74  
CYS CA   C N R 75  
CYS C    C N N 76  
CYS O    O N N 77  
CYS CB   C N N 78  
CYS SG   S N N 79  
CYS OXT  O N N 80  
CYS H    H N N 81  
CYS H2   H N N 82  
CYS HA   H N N 83  
CYS HB2  H N N 84  
CYS HB3  H N N 85  
CYS HG   H N N 86  
CYS HXT  H N N 87  
GLN N    N N N 88  
GLN CA   C N S 89  
GLN C    C N N 90  
GLN O    O N N 91  
GLN CB   C N N 92  
GLN CG   C N N 93  
GLN CD   C N N 94  
GLN OE1  O N N 95  
GLN NE2  N N N 96  
GLN OXT  O N N 97  
GLN H    H N N 98  
GLN H2   H N N 99  
GLN HA   H N N 100 
GLN HB2  H N N 101 
GLN HB3  H N N 102 
GLN HG2  H N N 103 
GLN HG3  H N N 104 
GLN HE21 H N N 105 
GLN HE22 H N N 106 
GLN HXT  H N N 107 
GLU N    N N N 108 
GLU CA   C N S 109 
GLU C    C N N 110 
GLU O    O N N 111 
GLU CB   C N N 112 
GLU CG   C N N 113 
GLU CD   C N N 114 
GLU OE1  O N N 115 
GLU OE2  O N N 116 
GLU OXT  O N N 117 
GLU H    H N N 118 
GLU H2   H N N 119 
GLU HA   H N N 120 
GLU HB2  H N N 121 
GLU HB3  H N N 122 
GLU HG2  H N N 123 
GLU HG3  H N N 124 
GLU HE2  H N N 125 
GLU HXT  H N N 126 
GLY N    N N N 127 
GLY CA   C N N 128 
GLY C    C N N 129 
GLY O    O N N 130 
GLY OXT  O N N 131 
GLY H    H N N 132 
GLY H2   H N N 133 
GLY HA2  H N N 134 
GLY HA3  H N N 135 
GLY HXT  H N N 136 
HIS N    N N N 137 
HIS CA   C N S 138 
HIS C    C N N 139 
HIS O    O N N 140 
HIS CB   C N N 141 
HIS CG   C Y N 142 
HIS ND1  N Y N 143 
HIS CD2  C Y N 144 
HIS CE1  C Y N 145 
HIS NE2  N Y N 146 
HIS OXT  O N N 147 
HIS H    H N N 148 
HIS H2   H N N 149 
HIS HA   H N N 150 
HIS HB2  H N N 151 
HIS HB3  H N N 152 
HIS HD1  H N N 153 
HIS HD2  H N N 154 
HIS HE1  H N N 155 
HIS HE2  H N N 156 
HIS HXT  H N N 157 
HOH O    O N N 158 
HOH H1   H N N 159 
HOH H2   H N N 160 
ILE N    N N N 161 
ILE CA   C N S 162 
ILE C    C N N 163 
ILE O    O N N 164 
ILE CB   C N S 165 
ILE CG1  C N N 166 
ILE CG2  C N N 167 
ILE CD1  C N N 168 
ILE OXT  O N N 169 
ILE H    H N N 170 
ILE H2   H N N 171 
ILE HA   H N N 172 
ILE HB   H N N 173 
ILE HG12 H N N 174 
ILE HG13 H N N 175 
ILE HG21 H N N 176 
ILE HG22 H N N 177 
ILE HG23 H N N 178 
ILE HD11 H N N 179 
ILE HD12 H N N 180 
ILE HD13 H N N 181 
ILE HXT  H N N 182 
LEU N    N N N 183 
LEU CA   C N S 184 
LEU C    C N N 185 
LEU O    O N N 186 
LEU CB   C N N 187 
LEU CG   C N N 188 
LEU CD1  C N N 189 
LEU CD2  C N N 190 
LEU OXT  O N N 191 
LEU H    H N N 192 
LEU H2   H N N 193 
LEU HA   H N N 194 
LEU HB2  H N N 195 
LEU HB3  H N N 196 
LEU HG   H N N 197 
LEU HD11 H N N 198 
LEU HD12 H N N 199 
LEU HD13 H N N 200 
LEU HD21 H N N 201 
LEU HD22 H N N 202 
LEU HD23 H N N 203 
LEU HXT  H N N 204 
LYS N    N N N 205 
LYS CA   C N S 206 
LYS C    C N N 207 
LYS O    O N N 208 
LYS CB   C N N 209 
LYS CG   C N N 210 
LYS CD   C N N 211 
LYS CE   C N N 212 
LYS NZ   N N N 213 
LYS OXT  O N N 214 
LYS H    H N N 215 
LYS H2   H N N 216 
LYS HA   H N N 217 
LYS HB2  H N N 218 
LYS HB3  H N N 219 
LYS HG2  H N N 220 
LYS HG3  H N N 221 
LYS HD2  H N N 222 
LYS HD3  H N N 223 
LYS HE2  H N N 224 
LYS HE3  H N N 225 
LYS HZ1  H N N 226 
LYS HZ2  H N N 227 
LYS HZ3  H N N 228 
LYS HXT  H N N 229 
PHE N    N N N 230 
PHE CA   C N S 231 
PHE C    C N N 232 
PHE O    O N N 233 
PHE CB   C N N 234 
PHE CG   C Y N 235 
PHE CD1  C Y N 236 
PHE CD2  C Y N 237 
PHE CE1  C Y N 238 
PHE CE2  C Y N 239 
PHE CZ   C Y N 240 
PHE OXT  O N N 241 
PHE H    H N N 242 
PHE H2   H N N 243 
PHE HA   H N N 244 
PHE HB2  H N N 245 
PHE HB3  H N N 246 
PHE HD1  H N N 247 
PHE HD2  H N N 248 
PHE HE1  H N N 249 
PHE HE2  H N N 250 
PHE HZ   H N N 251 
PHE HXT  H N N 252 
PRO N    N N N 253 
PRO CA   C N S 254 
PRO C    C N N 255 
PRO O    O N N 256 
PRO CB   C N N 257 
PRO CG   C N N 258 
PRO CD   C N N 259 
PRO OXT  O N N 260 
PRO H    H N N 261 
PRO HA   H N N 262 
PRO HB2  H N N 263 
PRO HB3  H N N 264 
PRO HG2  H N N 265 
PRO HG3  H N N 266 
PRO HD2  H N N 267 
PRO HD3  H N N 268 
PRO HXT  H N N 269 
SER N    N N N 270 
SER CA   C N S 271 
SER C    C N N 272 
SER O    O N N 273 
SER CB   C N N 274 
SER OG   O N N 275 
SER OXT  O N N 276 
SER H    H N N 277 
SER H2   H N N 278 
SER HA   H N N 279 
SER HB2  H N N 280 
SER HB3  H N N 281 
SER HG   H N N 282 
SER HXT  H N N 283 
THR N    N N N 284 
THR CA   C N S 285 
THR C    C N N 286 
THR O    O N N 287 
THR CB   C N R 288 
THR OG1  O N N 289 
THR CG2  C N N 290 
THR OXT  O N N 291 
THR H    H N N 292 
THR H2   H N N 293 
THR HA   H N N 294 
THR HB   H N N 295 
THR HG1  H N N 296 
THR HG21 H N N 297 
THR HG22 H N N 298 
THR HG23 H N N 299 
THR HXT  H N N 300 
TRP N    N N N 301 
TRP CA   C N S 302 
TRP C    C N N 303 
TRP O    O N N 304 
TRP CB   C N N 305 
TRP CG   C Y N 306 
TRP CD1  C Y N 307 
TRP CD2  C Y N 308 
TRP NE1  N Y N 309 
TRP CE2  C Y N 310 
TRP CE3  C Y N 311 
TRP CZ2  C Y N 312 
TRP CZ3  C Y N 313 
TRP CH2  C Y N 314 
TRP OXT  O N N 315 
TRP H    H N N 316 
TRP H2   H N N 317 
TRP HA   H N N 318 
TRP HB2  H N N 319 
TRP HB3  H N N 320 
TRP HD1  H N N 321 
TRP HE1  H N N 322 
TRP HE3  H N N 323 
TRP HZ2  H N N 324 
TRP HZ3  H N N 325 
TRP HH2  H N N 326 
TRP HXT  H N N 327 
TYR N    N N N 328 
TYR CA   C N S 329 
TYR C    C N N 330 
TYR O    O N N 331 
TYR CB   C N N 332 
TYR CG   C Y N 333 
TYR CD1  C Y N 334 
TYR CD2  C Y N 335 
TYR CE1  C Y N 336 
TYR CE2  C Y N 337 
TYR CZ   C Y N 338 
TYR OH   O N N 339 
TYR OXT  O N N 340 
TYR H    H N N 341 
TYR H2   H N N 342 
TYR HA   H N N 343 
TYR HB2  H N N 344 
TYR HB3  H N N 345 
TYR HD1  H N N 346 
TYR HD2  H N N 347 
TYR HE1  H N N 348 
TYR HE2  H N N 349 
TYR HH   H N N 350 
TYR HXT  H N N 351 
VAL N    N N N 352 
VAL CA   C N S 353 
VAL C    C N N 354 
VAL O    O N N 355 
VAL CB   C N N 356 
VAL CG1  C N N 357 
VAL CG2  C N N 358 
VAL OXT  O N N 359 
VAL H    H N N 360 
VAL H2   H N N 361 
VAL HA   H N N 362 
VAL HB   H N N 363 
VAL HG11 H N N 364 
VAL HG12 H N N 365 
VAL HG13 H N N 366 
VAL HG21 H N N 367 
VAL HG22 H N N 368 
VAL HG23 H N N 369 
VAL HXT  H N N 370 
# 
loop_
_chem_comp_bond.comp_id 
_chem_comp_bond.atom_id_1 
_chem_comp_bond.atom_id_2 
_chem_comp_bond.value_order 
_chem_comp_bond.pdbx_aromatic_flag 
_chem_comp_bond.pdbx_stereo_config 
_chem_comp_bond.pdbx_ordinal 
ALA N   CA   sing N N 1   
ALA N   H    sing N N 2   
ALA N   H2   sing N N 3   
ALA CA  C    sing N N 4   
ALA CA  CB   sing N N 5   
ALA CA  HA   sing N N 6   
ALA C   O    doub N N 7   
ALA C   OXT  sing N N 8   
ALA CB  HB1  sing N N 9   
ALA CB  HB2  sing N N 10  
ALA CB  HB3  sing N N 11  
ALA OXT HXT  sing N N 12  
ARG N   CA   sing N N 13  
ARG N   H    sing N N 14  
ARG N   H2   sing N N 15  
ARG CA  C    sing N N 16  
ARG CA  CB   sing N N 17  
ARG CA  HA   sing N N 18  
ARG C   O    doub N N 19  
ARG C   OXT  sing N N 20  
ARG CB  CG   sing N N 21  
ARG CB  HB2  sing N N 22  
ARG CB  HB3  sing N N 23  
ARG CG  CD   sing N N 24  
ARG CG  HG2  sing N N 25  
ARG CG  HG3  sing N N 26  
ARG CD  NE   sing N N 27  
ARG CD  HD2  sing N N 28  
ARG CD  HD3  sing N N 29  
ARG NE  CZ   sing N N 30  
ARG NE  HE   sing N N 31  
ARG CZ  NH1  sing N N 32  
ARG CZ  NH2  doub N N 33  
ARG NH1 HH11 sing N N 34  
ARG NH1 HH12 sing N N 35  
ARG NH2 HH21 sing N N 36  
ARG NH2 HH22 sing N N 37  
ARG OXT HXT  sing N N 38  
ASN N   CA   sing N N 39  
ASN N   H    sing N N 40  
ASN N   H2   sing N N 41  
ASN CA  C    sing N N 42  
ASN CA  CB   sing N N 43  
ASN CA  HA   sing N N 44  
ASN C   O    doub N N 45  
ASN C   OXT  sing N N 46  
ASN CB  CG   sing N N 47  
ASN CB  HB2  sing N N 48  
ASN CB  HB3  sing N N 49  
ASN CG  OD1  doub N N 50  
ASN CG  ND2  sing N N 51  
ASN ND2 HD21 sing N N 52  
ASN ND2 HD22 sing N N 53  
ASN OXT HXT  sing N N 54  
ASP N   CA   sing N N 55  
ASP N   H    sing N N 56  
ASP N   H2   sing N N 57  
ASP CA  C    sing N N 58  
ASP CA  CB   sing N N 59  
ASP CA  HA   sing N N 60  
ASP C   O    doub N N 61  
ASP C   OXT  sing N N 62  
ASP CB  CG   sing N N 63  
ASP CB  HB2  sing N N 64  
ASP CB  HB3  sing N N 65  
ASP CG  OD1  doub N N 66  
ASP CG  OD2  sing N N 67  
ASP OD2 HD2  sing N N 68  
ASP OXT HXT  sing N N 69  
CYS N   CA   sing N N 70  
CYS N   H    sing N N 71  
CYS N   H2   sing N N 72  
CYS CA  C    sing N N 73  
CYS CA  CB   sing N N 74  
CYS CA  HA   sing N N 75  
CYS C   O    doub N N 76  
CYS C   OXT  sing N N 77  
CYS CB  SG   sing N N 78  
CYS CB  HB2  sing N N 79  
CYS CB  HB3  sing N N 80  
CYS SG  HG   sing N N 81  
CYS OXT HXT  sing N N 82  
GLN N   CA   sing N N 83  
GLN N   H    sing N N 84  
GLN N   H2   sing N N 85  
GLN CA  C    sing N N 86  
GLN CA  CB   sing N N 87  
GLN CA  HA   sing N N 88  
GLN C   O    doub N N 89  
GLN C   OXT  sing N N 90  
GLN CB  CG   sing N N 91  
GLN CB  HB2  sing N N 92  
GLN CB  HB3  sing N N 93  
GLN CG  CD   sing N N 94  
GLN CG  HG2  sing N N 95  
GLN CG  HG3  sing N N 96  
GLN CD  OE1  doub N N 97  
GLN CD  NE2  sing N N 98  
GLN NE2 HE21 sing N N 99  
GLN NE2 HE22 sing N N 100 
GLN OXT HXT  sing N N 101 
GLU N   CA   sing N N 102 
GLU N   H    sing N N 103 
GLU N   H2   sing N N 104 
GLU CA  C    sing N N 105 
GLU CA  CB   sing N N 106 
GLU CA  HA   sing N N 107 
GLU C   O    doub N N 108 
GLU C   OXT  sing N N 109 
GLU CB  CG   sing N N 110 
GLU CB  HB2  sing N N 111 
GLU CB  HB3  sing N N 112 
GLU CG  CD   sing N N 113 
GLU CG  HG2  sing N N 114 
GLU CG  HG3  sing N N 115 
GLU CD  OE1  doub N N 116 
GLU CD  OE2  sing N N 117 
GLU OE2 HE2  sing N N 118 
GLU OXT HXT  sing N N 119 
GLY N   CA   sing N N 120 
GLY N   H    sing N N 121 
GLY N   H2   sing N N 122 
GLY CA  C    sing N N 123 
GLY CA  HA2  sing N N 124 
GLY CA  HA3  sing N N 125 
GLY C   O    doub N N 126 
GLY C   OXT  sing N N 127 
GLY OXT HXT  sing N N 128 
HIS N   CA   sing N N 129 
HIS N   H    sing N N 130 
HIS N   H2   sing N N 131 
HIS CA  C    sing N N 132 
HIS CA  CB   sing N N 133 
HIS CA  HA   sing N N 134 
HIS C   O    doub N N 135 
HIS C   OXT  sing N N 136 
HIS CB  CG   sing N N 137 
HIS CB  HB2  sing N N 138 
HIS CB  HB3  sing N N 139 
HIS CG  ND1  sing Y N 140 
HIS CG  CD2  doub Y N 141 
HIS ND1 CE1  doub Y N 142 
HIS ND1 HD1  sing N N 143 
HIS CD2 NE2  sing Y N 144 
HIS CD2 HD2  sing N N 145 
HIS CE1 NE2  sing Y N 146 
HIS CE1 HE1  sing N N 147 
HIS NE2 HE2  sing N N 148 
HIS OXT HXT  sing N N 149 
HOH O   H1   sing N N 150 
HOH O   H2   sing N N 151 
ILE N   CA   sing N N 152 
ILE N   H    sing N N 153 
ILE N   H2   sing N N 154 
ILE CA  C    sing N N 155 
ILE CA  CB   sing N N 156 
ILE CA  HA   sing N N 157 
ILE C   O    doub N N 158 
ILE C   OXT  sing N N 159 
ILE CB  CG1  sing N N 160 
ILE CB  CG2  sing N N 161 
ILE CB  HB   sing N N 162 
ILE CG1 CD1  sing N N 163 
ILE CG1 HG12 sing N N 164 
ILE CG1 HG13 sing N N 165 
ILE CG2 HG21 sing N N 166 
ILE CG2 HG22 sing N N 167 
ILE CG2 HG23 sing N N 168 
ILE CD1 HD11 sing N N 169 
ILE CD1 HD12 sing N N 170 
ILE CD1 HD13 sing N N 171 
ILE OXT HXT  sing N N 172 
LEU N   CA   sing N N 173 
LEU N   H    sing N N 174 
LEU N   H2   sing N N 175 
LEU CA  C    sing N N 176 
LEU CA  CB   sing N N 177 
LEU CA  HA   sing N N 178 
LEU C   O    doub N N 179 
LEU C   OXT  sing N N 180 
LEU CB  CG   sing N N 181 
LEU CB  HB2  sing N N 182 
LEU CB  HB3  sing N N 183 
LEU CG  CD1  sing N N 184 
LEU CG  CD2  sing N N 185 
LEU CG  HG   sing N N 186 
LEU CD1 HD11 sing N N 187 
LEU CD1 HD12 sing N N 188 
LEU CD1 HD13 sing N N 189 
LEU CD2 HD21 sing N N 190 
LEU CD2 HD22 sing N N 191 
LEU CD2 HD23 sing N N 192 
LEU OXT HXT  sing N N 193 
LYS N   CA   sing N N 194 
LYS N   H    sing N N 195 
LYS N   H2   sing N N 196 
LYS CA  C    sing N N 197 
LYS CA  CB   sing N N 198 
LYS CA  HA   sing N N 199 
LYS C   O    doub N N 200 
LYS C   OXT  sing N N 201 
LYS CB  CG   sing N N 202 
LYS CB  HB2  sing N N 203 
LYS CB  HB3  sing N N 204 
LYS CG  CD   sing N N 205 
LYS CG  HG2  sing N N 206 
LYS CG  HG3  sing N N 207 
LYS CD  CE   sing N N 208 
LYS CD  HD2  sing N N 209 
LYS CD  HD3  sing N N 210 
LYS CE  NZ   sing N N 211 
LYS CE  HE2  sing N N 212 
LYS CE  HE3  sing N N 213 
LYS NZ  HZ1  sing N N 214 
LYS NZ  HZ2  sing N N 215 
LYS NZ  HZ3  sing N N 216 
LYS OXT HXT  sing N N 217 
PHE N   CA   sing N N 218 
PHE N   H    sing N N 219 
PHE N   H2   sing N N 220 
PHE CA  C    sing N N 221 
PHE CA  CB   sing N N 222 
PHE CA  HA   sing N N 223 
PHE C   O    doub N N 224 
PHE C   OXT  sing N N 225 
PHE CB  CG   sing N N 226 
PHE CB  HB2  sing N N 227 
PHE CB  HB3  sing N N 228 
PHE CG  CD1  doub Y N 229 
PHE CG  CD2  sing Y N 230 
PHE CD1 CE1  sing Y N 231 
PHE CD1 HD1  sing N N 232 
PHE CD2 CE2  doub Y N 233 
PHE CD2 HD2  sing N N 234 
PHE CE1 CZ   doub Y N 235 
PHE CE1 HE1  sing N N 236 
PHE CE2 CZ   sing Y N 237 
PHE CE2 HE2  sing N N 238 
PHE CZ  HZ   sing N N 239 
PHE OXT HXT  sing N N 240 
PRO N   CA   sing N N 241 
PRO N   CD   sing N N 242 
PRO N   H    sing N N 243 
PRO CA  C    sing N N 244 
PRO CA  CB   sing N N 245 
PRO CA  HA   sing N N 246 
PRO C   O    doub N N 247 
PRO C   OXT  sing N N 248 
PRO CB  CG   sing N N 249 
PRO CB  HB2  sing N N 250 
PRO CB  HB3  sing N N 251 
PRO CG  CD   sing N N 252 
PRO CG  HG2  sing N N 253 
PRO CG  HG3  sing N N 254 
PRO CD  HD2  sing N N 255 
PRO CD  HD3  sing N N 256 
PRO OXT HXT  sing N N 257 
SER N   CA   sing N N 258 
SER N   H    sing N N 259 
SER N   H2   sing N N 260 
SER CA  C    sing N N 261 
SER CA  CB   sing N N 262 
SER CA  HA   sing N N 263 
SER C   O    doub N N 264 
SER C   OXT  sing N N 265 
SER CB  OG   sing N N 266 
SER CB  HB2  sing N N 267 
SER CB  HB3  sing N N 268 
SER OG  HG   sing N N 269 
SER OXT HXT  sing N N 270 
THR N   CA   sing N N 271 
THR N   H    sing N N 272 
THR N   H2   sing N N 273 
THR CA  C    sing N N 274 
THR CA  CB   sing N N 275 
THR CA  HA   sing N N 276 
THR C   O    doub N N 277 
THR C   OXT  sing N N 278 
THR CB  OG1  sing N N 279 
THR CB  CG2  sing N N 280 
THR CB  HB   sing N N 281 
THR OG1 HG1  sing N N 282 
THR CG2 HG21 sing N N 283 
THR CG2 HG22 sing N N 284 
THR CG2 HG23 sing N N 285 
THR OXT HXT  sing N N 286 
TRP N   CA   sing N N 287 
TRP N   H    sing N N 288 
TRP N   H2   sing N N 289 
TRP CA  C    sing N N 290 
TRP CA  CB   sing N N 291 
TRP CA  HA   sing N N 292 
TRP C   O    doub N N 293 
TRP C   OXT  sing N N 294 
TRP CB  CG   sing N N 295 
TRP CB  HB2  sing N N 296 
TRP CB  HB3  sing N N 297 
TRP CG  CD1  doub Y N 298 
TRP CG  CD2  sing Y N 299 
TRP CD1 NE1  sing Y N 300 
TRP CD1 HD1  sing N N 301 
TRP CD2 CE2  doub Y N 302 
TRP CD2 CE3  sing Y N 303 
TRP NE1 CE2  sing Y N 304 
TRP NE1 HE1  sing N N 305 
TRP CE2 CZ2  sing Y N 306 
TRP CE3 CZ3  doub Y N 307 
TRP CE3 HE3  sing N N 308 
TRP CZ2 CH2  doub Y N 309 
TRP CZ2 HZ2  sing N N 310 
TRP CZ3 CH2  sing Y N 311 
TRP CZ3 HZ3  sing N N 312 
TRP CH2 HH2  sing N N 313 
TRP OXT HXT  sing N N 314 
TYR N   CA   sing N N 315 
TYR N   H    sing N N 316 
TYR N   H2   sing N N 317 
TYR CA  C    sing N N 318 
TYR CA  CB   sing N N 319 
TYR CA  HA   sing N N 320 
TYR C   O    doub N N 321 
TYR C   OXT  sing N N 322 
TYR CB  CG   sing N N 323 
TYR CB  HB2  sing N N 324 
TYR CB  HB3  sing N N 325 
TYR CG  CD1  doub Y N 326 
TYR CG  CD2  sing Y N 327 
TYR CD1 CE1  sing Y N 328 
TYR CD1 HD1  sing N N 329 
TYR CD2 CE2  doub Y N 330 
TYR CD2 HD2  sing N N 331 
TYR CE1 CZ   doub Y N 332 
TYR CE1 HE1  sing N N 333 
TYR CE2 CZ   sing Y N 334 
TYR CE2 HE2  sing N N 335 
TYR CZ  OH   sing N N 336 
TYR OH  HH   sing N N 337 
TYR OXT HXT  sing N N 338 
VAL N   CA   sing N N 339 
VAL N   H    sing N N 340 
VAL N   H2   sing N N 341 
VAL CA  C    sing N N 342 
VAL CA  CB   sing N N 343 
VAL CA  HA   sing N N 344 
VAL C   O    doub N N 345 
VAL C   OXT  sing N N 346 
VAL CB  CG1  sing N N 347 
VAL CB  CG2  sing N N 348 
VAL CB  HB   sing N N 349 
VAL CG1 HG11 sing N N 350 
VAL CG1 HG12 sing N N 351 
VAL CG1 HG13 sing N N 352 
VAL CG2 HG21 sing N N 353 
VAL CG2 HG22 sing N N 354 
VAL CG2 HG23 sing N N 355 
VAL OXT HXT  sing N N 356 
# 
_pdbx_entity_nonpoly.entity_id   2 
_pdbx_entity_nonpoly.name        water 
_pdbx_entity_nonpoly.comp_id     HOH 
# 
_pdbx_initial_refinement_model.id               1 
_pdbx_initial_refinement_model.entity_id_list   ? 
_pdbx_initial_refinement_model.type             'experimental model' 
_pdbx_initial_refinement_model.source_name      PDB 
_pdbx_initial_refinement_model.accession_code   2IMZ 
_pdbx_initial_refinement_model.details          'PDB entry 2IMZ' 
# 
